data_5XBP
#
_entry.id   5XBP
#
_cell.length_a   178.804
_cell.length_b   178.804
_cell.length_c   242.323
_cell.angle_alpha   90.00
_cell.angle_beta   90.00
_cell.angle_gamma   120.00
#
_symmetry.space_group_name_H-M   'P 31 2 1'
#
loop_
_entity.id
_entity.type
_entity.pdbx_description
1 polymer '3NT oxygenase alpha subunit'
2 polymer '3NT oxygenase beta subunit'
3 non-polymer 'FE (III) ION'
4 non-polymer 'FE2/S2 (INORGANIC) CLUSTER'
5 water water
#
loop_
_entity_poly.entity_id
_entity_poly.type
_entity_poly.pdbx_seq_one_letter_code
_entity_poly.pdbx_strand_id
1 'polypeptide(L)'
;MSYQNLVSEAGLTQKHLIHGDKELFQHEMKTIFARNWLFLTHDSLIPSPGDYVTAKMGLDEVIVSRQNDGSVRAFLNVCR
HRGKTIVHAEAGNAKGFVCNYHGWGYGTNGELQSVPFEKELYGDAIKKKCLGLKEVPRIESFHGFIYGCFDAEAPPLIDY
LGDAAWYMEPTFKHSGGLELVGPPGKVVVKANWKTFAENFVGDIYHVGWTHASILRVGQSVFTPLAGNAMLPPEGSGLQM
TSKYGSGMSLMWDYYAGNHSADLVPDLMAFGGAKQEKLAKEIGDVRARIYRSHLNGTIFPNNSFLTGSAAFKVWNPIDEN
TTEVWTYAFVEKDMPEDLKRRLADAVQRTVGPGGYWESDDNDNMETLSQNAKKYQSSNSDLIASLGFGKDVYGDECYPGV
VGPSGASETSYRGFYRAYQAHISSSNWAEFENASRNWHTELTKTTD
;
A,D,G
2 'polypeptide(L)'
;MMINTQEDKLVSAHDAEEFHRFYIVQDDALLQEVNTLLTREAHLLDIQAYKAWLEHCVAPEIKYQVISRELRSTSERRYQ
LNDAVNIYNENYQQLKVRVEHQMDPQNWPNSPKIRFTRFVTNVTAAKDKSAPEMLHVRSNLILHRARRGNEVDVFYATRE
DKWKRIEGGGIQLVERFVDYPERILPHNLLVFL
;
C,F,I
#
loop_
_chem_comp.id
_chem_comp.type
_chem_comp.name
_chem_comp.formula
FE non-polymer 'FE (III) ION' 'Fe 3'
FES non-polymer 'FE2/S2 (INORGANIC) CLUSTER' 'Fe2 S2'
#
# COMPACT_ATOMS: atom_id res chain seq x y z
N SER A 2 -14.05 -10.34 28.08
CA SER A 2 -13.01 -10.92 28.93
C SER A 2 -11.88 -9.91 29.10
N TYR A 3 -10.76 -10.13 28.40
CA TYR A 3 -9.54 -9.31 28.46
C TYR A 3 -8.88 -9.36 29.82
N GLN A 4 -9.42 -10.13 30.76
CA GLN A 4 -8.69 -10.42 31.97
C GLN A 4 -7.56 -11.39 31.67
N ASN A 5 -6.61 -11.48 32.59
CA ASN A 5 -5.54 -12.48 32.51
C ASN A 5 -4.69 -12.33 31.25
N LEU A 6 -4.49 -11.11 30.76
CA LEU A 6 -3.49 -10.91 29.72
C LEU A 6 -2.11 -10.59 30.30
N VAL A 7 -2.04 -9.94 31.46
CA VAL A 7 -0.79 -9.78 32.19
C VAL A 7 -0.99 -10.43 33.56
N SER A 8 0.01 -11.20 33.99
CA SER A 8 -0.10 -12.08 35.16
C SER A 8 0.04 -11.28 36.46
N GLU A 9 0.02 -12.01 37.59
CA GLU A 9 0.13 -11.39 38.90
C GLU A 9 1.42 -10.60 39.02
N ALA A 10 1.33 -9.42 39.61
CA ALA A 10 2.48 -8.54 39.79
C ALA A 10 3.15 -8.18 38.46
N GLY A 11 2.48 -8.45 37.33
CA GLY A 11 3.00 -8.10 36.03
C GLY A 11 4.23 -8.89 35.61
N LEU A 12 4.32 -10.15 36.01
CA LEU A 12 5.56 -10.88 35.76
C LEU A 12 5.66 -11.35 34.31
N THR A 13 4.58 -11.89 33.77
CA THR A 13 4.47 -12.22 32.35
C THR A 13 3.28 -11.48 31.74
N GLN A 14 3.24 -11.47 30.40
CA GLN A 14 2.11 -10.95 29.64
C GLN A 14 2.03 -11.69 28.33
N LYS A 15 0.79 -11.92 27.85
CA LYS A 15 0.55 -12.63 26.60
C LYS A 15 1.05 -11.81 25.42
N HIS A 16 1.84 -12.45 24.56
CA HIS A 16 2.47 -11.71 23.48
C HIS A 16 1.44 -11.04 22.57
N LEU A 17 0.22 -11.60 22.50
CA LEU A 17 -0.80 -11.11 21.58
C LEU A 17 -1.12 -9.63 21.75
N ILE A 18 -0.76 -9.02 22.89
CA ILE A 18 -1.15 -7.63 23.13
C ILE A 18 -0.42 -6.65 22.24
N HIS A 19 0.64 -7.07 21.57
CA HIS A 19 1.32 -6.20 20.63
C HIS A 19 0.87 -6.42 19.20
N GLY A 20 -0.29 -7.07 19.00
CA GLY A 20 -0.78 -7.31 17.66
C GLY A 20 -2.28 -7.52 17.52
N ASP A 21 -2.95 -7.94 18.58
CA ASP A 21 -4.36 -8.31 18.47
C ASP A 21 -5.20 -7.08 18.10
N LYS A 22 -6.03 -7.21 17.06
CA LYS A 22 -6.75 -6.04 16.56
C LYS A 22 -7.98 -5.72 17.41
N GLU A 23 -8.74 -6.73 17.84
CA GLU A 23 -9.86 -6.49 18.76
C GLU A 23 -9.41 -5.73 19.98
N LEU A 24 -8.25 -6.09 20.53
CA LEU A 24 -7.77 -5.49 21.77
C LEU A 24 -7.47 -4.01 21.57
N PHE A 25 -6.77 -3.67 20.48
CA PHE A 25 -6.53 -2.29 20.14
C PHE A 25 -7.83 -1.49 20.13
N GLN A 26 -8.91 -2.09 19.63
CA GLN A 26 -10.20 -1.41 19.70
C GLN A 26 -10.60 -1.16 21.14
N HIS A 27 -10.41 -2.14 22.02
CA HIS A 27 -10.74 -1.99 23.43
C HIS A 27 -9.91 -0.88 24.07
N GLU A 28 -8.63 -0.84 23.73
CA GLU A 28 -7.72 0.14 24.34
C GLU A 28 -8.20 1.55 24.11
N MET A 29 -8.77 1.81 22.94
CA MET A 29 -9.24 3.16 22.67
C MET A 29 -10.34 3.54 23.65
N LYS A 30 -11.11 2.56 24.11
CA LYS A 30 -12.14 2.82 25.10
C LYS A 30 -11.52 2.97 26.48
N THR A 31 -10.71 1.98 26.87
CA THR A 31 -10.29 1.80 28.26
C THR A 31 -8.94 2.38 28.57
N ILE A 32 -8.17 2.81 27.58
CA ILE A 32 -6.84 3.34 27.84
C ILE A 32 -6.71 4.79 27.42
N PHE A 33 -7.07 5.10 26.17
CA PHE A 33 -6.83 6.43 25.66
C PHE A 33 -8.01 7.38 25.86
N ALA A 34 -9.21 6.85 25.99
CA ALA A 34 -10.31 7.70 26.42
C ALA A 34 -10.16 8.10 27.88
N ARG A 35 -9.51 7.25 28.68
CA ARG A 35 -9.53 7.33 30.14
C ARG A 35 -8.37 8.12 30.74
N ASN A 36 -7.20 8.06 30.15
CA ASN A 36 -6.02 8.54 30.84
C ASN A 36 -5.50 9.83 30.22
N TRP A 37 -4.58 10.45 30.95
CA TRP A 37 -3.99 11.71 30.53
C TRP A 37 -3.07 11.47 29.36
N LEU A 38 -3.09 12.37 28.43
CA LEU A 38 -2.31 12.24 27.22
C LEU A 38 -1.63 13.57 26.95
N PHE A 39 -0.39 13.51 26.54
CA PHE A 39 0.30 14.75 26.22
C PHE A 39 -0.30 15.46 25.01
N LEU A 40 -0.55 16.76 25.17
CA LEU A 40 -0.98 17.63 24.09
C LEU A 40 0.16 18.54 23.61
N THR A 41 0.58 19.52 24.40
CA THR A 41 1.67 20.40 23.96
C THR A 41 2.33 21.08 25.18
N HIS A 42 3.14 22.11 24.92
CA HIS A 42 3.79 22.90 25.96
C HIS A 42 3.40 24.39 25.87
N ASP A 43 3.41 25.10 27.02
CA ASP A 43 3.17 26.54 26.97
C ASP A 43 4.07 27.21 25.97
N SER A 44 5.30 26.73 25.81
CA SER A 44 6.25 27.41 24.95
C SER A 44 5.86 27.36 23.48
N LEU A 45 4.88 26.54 23.10
CA LEU A 45 4.52 26.42 21.70
C LEU A 45 3.18 27.04 21.36
N ILE A 46 2.31 27.27 22.36
CA ILE A 46 1.11 28.11 22.21
C ILE A 46 1.09 29.18 23.32
N PRO A 47 1.91 30.21 23.22
CA PRO A 47 2.05 31.16 24.35
C PRO A 47 1.08 32.34 24.32
N SER A 48 1.11 33.12 23.24
CA SER A 48 0.20 34.24 23.06
C SER A 48 -1.25 33.75 22.93
N PRO A 49 -2.22 34.61 23.18
CA PRO A 49 -3.63 34.23 22.95
C PRO A 49 -3.91 34.00 21.47
N GLY A 50 -4.78 33.02 21.19
CA GLY A 50 -5.15 32.68 19.83
C GLY A 50 -4.27 31.62 19.20
N ASP A 51 -3.07 31.44 19.75
CA ASP A 51 -2.16 30.40 19.31
C ASP A 51 -2.78 29.03 19.53
N TYR A 52 -2.61 28.15 18.55
CA TYR A 52 -3.16 26.80 18.58
C TYR A 52 -2.14 25.83 17.99
N VAL A 53 -2.20 24.58 18.44
CA VAL A 53 -1.57 23.47 17.72
C VAL A 53 -2.59 22.34 17.62
N THR A 54 -2.32 21.38 16.75
CA THR A 54 -3.12 20.17 16.72
C THR A 54 -2.34 18.99 17.27
N ALA A 55 -3.07 18.14 17.98
CA ALA A 55 -2.50 17.02 18.71
C ALA A 55 -3.45 15.84 18.65
N LYS A 56 -2.85 14.65 18.67
CA LYS A 56 -3.61 13.42 18.61
C LYS A 56 -3.84 13.00 20.05
N MET A 57 -5.04 12.54 20.36
CA MET A 57 -5.31 11.95 21.67
C MET A 57 -5.75 10.53 21.38
N GLY A 58 -4.79 9.63 21.21
CA GLY A 58 -5.14 8.33 20.67
C GLY A 58 -5.48 8.42 19.20
N LEU A 59 -6.67 8.00 18.80
CA LEU A 59 -7.00 8.19 17.40
C LEU A 59 -7.59 9.56 17.11
N ASP A 60 -8.36 10.12 18.06
CA ASP A 60 -9.01 11.41 17.88
C ASP A 60 -8.00 12.54 17.71
N GLU A 61 -8.32 13.50 16.84
CA GLU A 61 -7.52 14.70 16.69
C GLU A 61 -8.25 15.91 17.27
N VAL A 62 -7.56 16.68 18.12
CA VAL A 62 -8.12 17.89 18.72
C VAL A 62 -7.30 19.14 18.39
N ILE A 63 -8.01 20.25 18.42
CA ILE A 63 -7.44 21.59 18.40
C ILE A 63 -7.24 22.03 19.84
N VAL A 64 -6.02 22.43 20.19
CA VAL A 64 -5.69 22.92 21.53
C VAL A 64 -5.24 24.36 21.40
N SER A 65 -6.01 25.26 22.01
CA SER A 65 -6.01 26.69 21.75
C SER A 65 -5.83 27.51 23.00
N ARG A 66 -4.96 28.53 22.93
CA ARG A 66 -4.85 29.50 24.02
C ARG A 66 -6.03 30.49 24.02
N GLN A 67 -6.68 30.60 25.18
CA GLN A 67 -7.81 31.47 25.36
C GLN A 67 -7.32 32.88 25.64
N ASN A 68 -8.23 33.85 25.50
CA ASN A 68 -7.81 35.23 25.74
C ASN A 68 -7.51 35.46 27.21
N ASP A 69 -8.25 34.85 28.09
CA ASP A 69 -8.01 35.00 29.51
C ASP A 69 -6.77 34.21 30.00
N GLY A 70 -5.90 33.82 29.08
CA GLY A 70 -4.71 33.06 29.36
C GLY A 70 -4.92 31.56 29.50
N SER A 71 -6.17 31.10 29.56
CA SER A 71 -6.51 29.69 29.77
C SER A 71 -6.13 28.86 28.53
N VAL A 72 -6.32 27.53 28.62
CA VAL A 72 -6.17 26.65 27.47
C VAL A 72 -7.34 25.69 27.43
N ARG A 73 -7.96 25.55 26.24
CA ARG A 73 -9.00 24.54 26.02
C ARG A 73 -8.77 23.81 24.70
N ALA A 74 -9.28 22.57 24.62
CA ALA A 74 -9.09 21.71 23.46
C ALA A 74 -10.42 21.11 23.01
N PHE A 75 -10.64 21.06 21.69
CA PHE A 75 -11.91 20.58 21.12
C PHE A 75 -11.65 19.58 20.00
N LEU A 76 -12.60 18.68 19.73
CA LEU A 76 -12.41 17.73 18.62
C LEU A 76 -12.32 18.46 17.30
N ASN A 77 -11.32 18.12 16.49
CA ASN A 77 -11.20 18.77 15.19
C ASN A 77 -12.21 18.15 14.22
N VAL A 78 -13.47 18.09 14.65
CA VAL A 78 -14.58 17.59 13.87
C VAL A 78 -15.66 18.64 13.91
N CYS A 79 -16.38 18.78 12.81
CA CYS A 79 -17.42 19.77 12.72
C CYS A 79 -18.75 19.21 13.26
N ARG A 80 -19.59 20.10 13.74
CA ARG A 80 -20.85 19.68 14.32
C ARG A 80 -21.94 19.51 13.28
N HIS A 81 -21.72 19.95 12.04
CA HIS A 81 -22.74 19.87 10.99
C HIS A 81 -22.67 18.53 10.24
N ARG A 82 -21.82 18.40 9.22
CA ARG A 82 -21.65 17.11 8.56
C ARG A 82 -20.38 16.38 8.98
N GLY A 83 -19.60 16.91 9.91
CA GLY A 83 -18.51 16.15 10.47
C GLY A 83 -17.17 16.31 9.76
N LYS A 84 -17.01 17.33 8.91
CA LYS A 84 -15.73 17.55 8.24
C LYS A 84 -14.64 17.91 9.25
N THR A 85 -13.40 17.70 8.86
CA THR A 85 -12.30 18.22 9.66
C THR A 85 -12.18 19.73 9.47
N ILE A 86 -11.93 20.45 10.57
CA ILE A 86 -11.97 21.92 10.56
C ILE A 86 -10.61 22.55 10.30
N VAL A 87 -9.57 22.16 11.04
CA VAL A 87 -8.25 22.78 10.92
C VAL A 87 -7.31 21.78 10.30
N HIS A 88 -6.63 22.18 9.22
CA HIS A 88 -5.68 21.32 8.53
C HIS A 88 -4.22 21.78 8.69
N ALA A 89 -3.93 22.67 9.66
CA ALA A 89 -2.57 23.10 9.98
C ALA A 89 -2.11 22.49 11.29
N GLU A 90 -0.80 22.29 11.43
CA GLU A 90 -0.29 21.74 12.69
C GLU A 90 -0.21 22.82 13.77
N ALA A 91 0.15 24.04 13.39
CA ALA A 91 0.17 25.16 14.31
C ALA A 91 -0.26 26.42 13.57
N GLY A 92 -0.62 27.43 14.35
CA GLY A 92 -0.95 28.73 13.80
C GLY A 92 -1.48 29.64 14.90
N ASN A 93 -2.06 30.75 14.48
CA ASN A 93 -2.68 31.68 15.41
C ASN A 93 -3.93 32.25 14.77
N ALA A 94 -5.09 32.01 15.38
CA ALA A 94 -6.35 32.20 14.71
C ALA A 94 -7.28 33.09 15.50
N LYS A 95 -7.99 33.99 14.80
CA LYS A 95 -9.10 34.70 15.41
C LYS A 95 -10.35 33.84 15.50
N GLY A 96 -10.40 32.71 14.80
CA GLY A 96 -11.43 31.71 14.96
C GLY A 96 -11.15 30.62 13.94
N PHE A 97 -12.00 29.58 13.94
CA PHE A 97 -11.83 28.40 13.08
C PHE A 97 -13.04 28.24 12.20
N VAL A 98 -12.82 28.36 10.89
CA VAL A 98 -13.89 28.20 9.91
C VAL A 98 -13.74 26.85 9.21
N CYS A 99 -14.86 26.14 9.09
CA CYS A 99 -14.92 24.83 8.45
C CYS A 99 -15.43 25.00 7.01
N ASN A 100 -14.57 24.76 6.02
CA ASN A 100 -14.86 25.22 4.65
C ASN A 100 -15.72 24.27 3.84
N TYR A 101 -16.62 23.53 4.46
CA TYR A 101 -17.64 22.82 3.70
C TYR A 101 -18.83 23.73 3.40
N HIS A 102 -19.47 24.27 4.44
CA HIS A 102 -20.53 25.24 4.22
C HIS A 102 -20.28 26.61 4.84
N GLY A 103 -19.27 26.73 5.70
CA GLY A 103 -18.81 28.01 6.19
C GLY A 103 -19.04 28.22 7.66
N TRP A 104 -19.57 27.24 8.38
CA TRP A 104 -19.84 27.45 9.80
C TRP A 104 -18.59 27.97 10.48
N GLY A 105 -18.75 29.00 11.30
CA GLY A 105 -17.64 29.67 11.94
C GLY A 105 -17.67 29.45 13.44
N TYR A 106 -16.53 29.04 14.00
CA TYR A 106 -16.44 28.69 15.40
C TYR A 106 -15.49 29.61 16.15
N GLY A 107 -15.78 29.82 17.43
CA GLY A 107 -14.87 30.58 18.24
C GLY A 107 -13.69 29.76 18.68
N THR A 108 -12.60 30.46 19.06
CA THR A 108 -11.42 29.82 19.65
C THR A 108 -11.81 29.20 20.98
N ASN A 109 -13.07 29.35 21.35
CA ASN A 109 -13.66 28.85 22.58
C ASN A 109 -14.63 27.72 22.32
N GLY A 110 -14.67 27.21 21.11
CA GLY A 110 -15.46 26.05 20.82
C GLY A 110 -16.89 26.37 20.45
N GLU A 111 -17.32 27.59 20.71
CA GLU A 111 -18.69 27.97 20.43
C GLU A 111 -18.92 28.18 18.96
N LEU A 112 -20.07 27.73 18.48
CA LEU A 112 -20.52 28.02 17.12
C LEU A 112 -20.98 29.46 17.12
N GLN A 113 -20.28 30.31 16.39
CA GLN A 113 -20.52 31.74 16.43
C GLN A 113 -21.28 32.26 15.21
N SER A 114 -21.15 31.64 14.03
CA SER A 114 -21.71 32.22 12.83
C SER A 114 -22.02 31.14 11.83
N VAL A 115 -23.27 31.11 11.38
CA VAL A 115 -23.74 30.15 10.39
C VAL A 115 -24.19 30.94 9.18
N PRO A 116 -23.62 30.70 8.00
CA PRO A 116 -24.15 31.35 6.80
C PRO A 116 -25.65 31.10 6.68
N PHE A 117 -26.38 32.16 6.29
CA PHE A 117 -27.82 32.11 5.97
C PHE A 117 -28.68 31.57 7.12
N GLU A 118 -28.29 31.89 8.36
CA GLU A 118 -29.03 31.35 9.48
C GLU A 118 -30.47 31.81 9.43
N LYS A 119 -30.67 33.12 9.33
CA LYS A 119 -32.03 33.68 9.33
C LYS A 119 -32.86 33.09 8.20
N GLU A 120 -32.33 33.12 6.96
CA GLU A 120 -33.06 32.61 5.80
C GLU A 120 -33.41 31.14 5.94
N LEU A 121 -32.40 30.28 6.06
CA LEU A 121 -32.59 28.84 5.87
C LEU A 121 -32.75 28.06 7.17
N TYR A 122 -32.07 28.43 8.24
CA TYR A 122 -32.18 27.59 9.43
C TYR A 122 -33.32 28.03 10.33
N GLY A 123 -33.43 29.33 10.58
CA GLY A 123 -34.48 29.82 11.45
C GLY A 123 -34.49 29.10 12.79
N ASP A 124 -35.60 28.43 13.09
CA ASP A 124 -35.80 27.92 14.44
C ASP A 124 -35.19 26.55 14.67
N ALA A 125 -34.82 25.83 13.59
CA ALA A 125 -34.28 24.46 13.59
C ALA A 125 -32.83 24.38 14.07
N ILE A 126 -32.21 25.50 14.34
CA ILE A 126 -30.81 25.52 14.74
C ILE A 126 -30.70 26.39 15.93
N LYS A 127 -29.79 26.09 16.82
CA LYS A 127 -29.70 26.91 17.98
C LYS A 127 -28.45 27.70 18.14
N LYS A 128 -27.35 27.06 17.83
CA LYS A 128 -25.94 27.49 17.89
C LYS A 128 -25.30 27.36 19.22
N LYS A 129 -26.07 27.37 20.27
CA LYS A 129 -25.51 27.20 21.57
C LYS A 129 -25.45 25.75 21.94
N CYS A 130 -26.08 24.90 21.15
CA CYS A 130 -26.05 23.49 21.37
C CYS A 130 -25.09 22.88 20.42
N LEU A 131 -24.41 23.71 19.61
CA LEU A 131 -23.55 23.19 18.57
C LEU A 131 -22.13 23.66 18.73
N GLY A 132 -21.64 23.66 19.96
CA GLY A 132 -20.23 23.90 20.18
C GLY A 132 -19.42 22.63 19.95
N LEU A 133 -18.15 22.82 19.57
CA LEU A 133 -17.25 21.71 19.35
C LEU A 133 -17.26 20.78 20.57
N LYS A 134 -17.00 19.50 20.34
CA LYS A 134 -16.90 18.53 21.44
C LYS A 134 -15.66 18.86 22.27
N GLU A 135 -15.85 19.24 23.52
CA GLU A 135 -14.72 19.73 24.28
C GLU A 135 -14.18 18.64 25.17
N VAL A 136 -12.86 18.50 25.19
CA VAL A 136 -12.21 17.59 26.12
C VAL A 136 -12.36 18.17 27.53
N PRO A 137 -12.93 17.38 28.43
CA PRO A 137 -13.45 17.93 29.70
C PRO A 137 -12.39 18.34 30.71
N ARG A 138 -11.22 17.71 30.71
CA ARG A 138 -10.18 17.89 31.72
C ARG A 138 -8.88 18.25 31.02
N ILE A 139 -8.32 19.43 31.30
CA ILE A 139 -6.99 19.83 30.85
C ILE A 139 -6.18 20.38 32.04
N GLU A 140 -4.97 19.84 32.27
CA GLU A 140 -4.10 20.24 33.40
C GLU A 140 -2.65 20.37 32.94
N SER A 141 -1.77 20.70 33.88
CA SER A 141 -0.45 21.22 33.55
C SER A 141 0.63 20.67 34.48
N PHE A 142 1.85 20.59 33.97
CA PHE A 142 2.99 20.15 34.78
C PHE A 142 4.19 20.95 34.29
N HIS A 143 4.46 22.07 34.96
CA HIS A 143 5.61 22.92 34.66
C HIS A 143 5.74 23.15 33.16
N GLY A 144 4.60 23.43 32.53
CA GLY A 144 4.53 23.82 31.14
C GLY A 144 3.97 22.76 30.23
N PHE A 145 4.08 21.49 30.62
CA PHE A 145 3.64 20.40 29.77
C PHE A 145 2.16 20.14 30.02
N ILE A 146 1.34 20.35 28.99
CA ILE A 146 -0.11 20.31 29.09
C ILE A 146 -0.63 18.96 28.62
N TYR A 147 -1.46 18.34 29.47
CA TYR A 147 -2.06 17.04 29.26
C TYR A 147 -3.57 17.18 29.29
N GLY A 148 -4.26 16.48 28.36
CA GLY A 148 -5.71 16.46 28.24
C GLY A 148 -6.29 15.10 28.60
N CYS A 149 -7.56 15.04 28.96
CA CYS A 149 -8.19 13.75 29.23
C CYS A 149 -9.67 13.77 28.89
N PHE A 150 -10.17 12.69 28.30
CA PHE A 150 -11.59 12.69 27.96
C PHE A 150 -12.49 12.15 29.06
N ASP A 151 -11.95 11.61 30.17
CA ASP A 151 -12.76 11.19 31.30
C ASP A 151 -12.69 12.24 32.40
N ALA A 152 -13.84 12.75 32.84
CA ALA A 152 -13.86 13.79 33.87
C ALA A 152 -13.71 13.24 35.27
N GLU A 153 -13.98 11.93 35.46
CA GLU A 153 -13.81 11.21 36.71
C GLU A 153 -12.34 10.89 37.01
N ALA A 154 -11.43 11.36 36.16
CA ALA A 154 -10.03 11.02 36.29
C ALA A 154 -9.43 11.67 37.55
N PRO A 155 -8.40 11.03 38.13
CA PRO A 155 -7.64 11.68 39.19
C PRO A 155 -6.89 12.87 38.64
N PRO A 156 -6.59 13.87 39.47
CA PRO A 156 -5.82 15.02 38.99
C PRO A 156 -4.48 14.57 38.46
N LEU A 157 -3.93 15.37 37.54
CA LEU A 157 -2.67 15.04 36.89
C LEU A 157 -1.55 14.78 37.89
N ILE A 158 -1.39 15.66 38.88
CA ILE A 158 -0.26 15.53 39.78
C ILE A 158 -0.37 14.26 40.61
N ASP A 159 -1.59 13.89 41.01
CA ASP A 159 -1.80 12.62 41.67
C ASP A 159 -1.50 11.46 40.72
N TYR A 160 -2.07 11.52 39.50
CA TYR A 160 -1.89 10.49 38.48
C TYR A 160 -0.42 10.23 38.22
N LEU A 161 0.39 11.29 38.25
CA LEU A 161 1.83 11.17 38.16
C LEU A 161 2.42 10.45 39.37
N GLY A 162 1.66 10.32 40.45
CA GLY A 162 2.04 9.54 41.62
C GLY A 162 3.48 9.69 42.09
N ASP A 163 4.09 8.58 42.47
CA ASP A 163 5.43 8.62 43.02
C ASP A 163 6.46 8.98 41.98
N ALA A 164 6.04 9.27 40.75
CA ALA A 164 7.00 9.58 39.71
C ALA A 164 7.37 11.06 39.69
N ALA A 165 6.43 11.93 40.09
CA ALA A 165 6.68 13.36 40.14
C ALA A 165 7.98 13.68 40.87
N TRP A 166 8.24 12.98 41.98
CA TRP A 166 9.40 13.26 42.82
C TRP A 166 10.73 13.21 42.05
N TYR A 167 10.89 12.23 41.15
CA TYR A 167 12.13 12.10 40.38
C TYR A 167 12.21 13.15 39.27
N MET A 168 11.06 13.57 38.78
CA MET A 168 10.96 14.45 37.64
C MET A 168 11.27 15.88 38.05
N GLU A 169 11.00 16.21 39.29
CA GLU A 169 11.01 17.60 39.70
C GLU A 169 12.39 18.24 39.58
N PRO A 170 13.50 17.61 39.97
CA PRO A 170 14.80 18.27 39.75
C PRO A 170 14.98 18.78 38.33
N THR A 171 14.51 18.04 37.32
CA THR A 171 14.66 18.49 35.96
C THR A 171 13.45 19.30 35.48
N PHE A 172 12.25 18.97 35.95
CA PHE A 172 11.07 19.69 35.47
C PHE A 172 10.76 20.97 36.23
N LYS A 173 11.11 21.07 37.51
CA LYS A 173 10.78 22.23 38.36
C LYS A 173 12.02 23.01 38.73
N HIS A 174 12.91 22.39 39.52
CA HIS A 174 14.05 23.02 40.18
C HIS A 174 15.16 23.41 39.22
N SER A 175 15.08 23.06 37.95
CA SER A 175 16.06 23.55 36.99
C SER A 175 15.75 24.96 36.54
N GLY A 176 14.65 25.52 36.99
CA GLY A 176 14.19 26.77 36.47
C GLY A 176 13.08 26.59 35.47
N GLY A 177 12.94 25.39 34.95
CA GLY A 177 11.89 25.00 34.05
C GLY A 177 12.39 24.86 32.60
N LEU A 178 11.61 24.10 31.83
CA LEU A 178 11.92 23.74 30.45
C LEU A 178 10.93 24.38 29.48
N GLU A 179 11.44 24.75 28.32
CA GLU A 179 10.65 24.99 27.12
C GLU A 179 10.86 23.84 26.15
N LEU A 180 9.81 23.55 25.39
CA LEU A 180 9.80 22.49 24.39
C LEU A 180 10.14 23.10 23.03
N VAL A 181 10.98 22.44 22.25
CA VAL A 181 11.42 23.02 20.98
C VAL A 181 10.69 22.34 19.81
N GLY A 182 9.85 23.11 19.13
CA GLY A 182 9.11 22.59 18.00
C GLY A 182 9.77 23.01 16.71
N PRO A 183 9.30 22.45 15.58
CA PRO A 183 8.22 21.48 15.57
C PRO A 183 8.76 20.10 15.91
N PRO A 184 7.88 19.15 16.22
CA PRO A 184 8.33 17.81 16.51
C PRO A 184 8.69 17.10 15.22
N GLY A 185 9.50 16.06 15.37
CA GLY A 185 9.71 15.15 14.25
C GLY A 185 8.56 14.15 14.20
N LYS A 186 8.19 13.77 12.98
CA LYS A 186 7.05 12.88 12.79
C LYS A 186 7.42 11.74 11.87
N VAL A 187 7.29 10.49 12.34
CA VAL A 187 7.59 9.30 11.55
C VAL A 187 6.67 8.14 11.92
N VAL A 188 6.47 7.26 10.95
CA VAL A 188 5.77 6.00 11.12
C VAL A 188 6.78 4.90 11.36
N VAL A 189 6.50 4.02 12.32
CA VAL A 189 7.25 2.78 12.43
C VAL A 189 6.22 1.69 12.66
N LYS A 190 6.43 0.54 12.00
CA LYS A 190 5.42 -0.52 12.03
C LYS A 190 5.66 -1.29 13.33
N ALA A 191 5.10 -0.77 14.42
CA ALA A 191 5.25 -1.42 15.71
C ALA A 191 4.14 -0.91 16.62
N ASN A 192 3.63 -1.78 17.47
CA ASN A 192 2.58 -1.39 18.41
C ASN A 192 3.13 -0.38 19.43
N TRP A 193 2.26 0.55 19.85
CA TRP A 193 2.74 1.65 20.68
C TRP A 193 3.32 1.16 22.00
N LYS A 194 2.78 0.07 22.57
CA LYS A 194 3.30 -0.43 23.82
C LYS A 194 4.78 -0.82 23.73
N THR A 195 5.27 -1.21 22.55
CA THR A 195 6.65 -1.68 22.50
C THR A 195 7.63 -0.54 22.79
N PHE A 196 7.27 0.70 22.43
CA PHE A 196 8.12 1.84 22.80
C PHE A 196 7.88 2.28 24.24
N ALA A 197 6.61 2.30 24.66
CA ALA A 197 6.29 2.54 26.06
C ALA A 197 7.14 1.67 26.96
N GLU A 198 7.14 0.35 26.71
CA GLU A 198 7.89 -0.57 27.58
C GLU A 198 9.40 -0.36 27.46
N ASN A 199 9.89 -0.06 26.26
CA ASN A 199 11.31 0.19 26.10
C ASN A 199 11.72 1.42 26.90
N PHE A 200 10.92 2.48 26.83
CA PHE A 200 11.34 3.71 27.48
C PHE A 200 11.08 3.68 28.98
N VAL A 201 10.08 2.91 29.44
CA VAL A 201 9.78 2.79 30.86
C VAL A 201 10.92 2.18 31.69
N GLY A 202 12.00 1.71 31.08
CA GLY A 202 13.05 1.16 31.92
C GLY A 202 13.96 0.11 31.31
N ASP A 203 14.05 0.10 29.98
CA ASP A 203 14.98 -0.80 29.30
C ASP A 203 16.32 -0.09 29.25
N ILE A 204 17.11 -0.27 30.29
CA ILE A 204 18.52 0.05 30.22
C ILE A 204 19.28 -1.18 29.77
N TYR A 205 18.71 -2.37 30.01
CA TYR A 205 19.32 -3.64 29.63
C TYR A 205 19.80 -3.66 28.18
N HIS A 206 19.09 -2.97 27.28
CA HIS A 206 19.43 -3.10 25.87
C HIS A 206 20.63 -2.24 25.44
N VAL A 207 21.02 -1.26 26.24
CA VAL A 207 21.95 -0.26 25.71
C VAL A 207 23.27 -0.90 25.29
N GLY A 208 23.77 -1.82 26.11
CA GLY A 208 25.10 -2.36 25.88
C GLY A 208 25.22 -3.25 24.66
N TRP A 209 24.11 -3.88 24.23
CA TRP A 209 24.12 -4.81 23.10
C TRP A 209 23.57 -4.19 21.83
N THR A 210 22.29 -3.82 21.83
CA THR A 210 21.66 -3.16 20.67
C THR A 210 22.48 -1.98 20.19
N HIS A 211 22.83 -1.09 21.10
CA HIS A 211 23.44 0.18 20.74
C HIS A 211 24.95 0.10 20.82
N ALA A 212 25.51 -1.12 20.80
CA ALA A 212 26.95 -1.31 20.83
C ALA A 212 27.63 -0.55 19.69
N SER A 213 26.90 -0.29 18.61
CA SER A 213 27.52 0.33 17.46
C SER A 213 27.89 1.79 17.76
N ILE A 214 26.90 2.65 18.07
CA ILE A 214 27.25 4.07 18.31
C ILE A 214 27.98 4.28 19.64
N LEU A 215 27.81 3.39 20.61
CA LEU A 215 28.58 3.51 21.84
C LEU A 215 30.07 3.50 21.52
N ARG A 216 30.52 2.55 20.70
CA ARG A 216 31.91 2.50 20.28
C ARG A 216 32.31 3.73 19.50
N VAL A 217 31.41 4.26 18.69
CA VAL A 217 31.82 5.16 17.63
C VAL A 217 31.58 6.62 17.98
N GLY A 218 30.69 6.92 18.92
CA GLY A 218 30.35 8.28 19.26
C GLY A 218 30.82 8.73 20.62
N GLN A 219 31.13 7.76 21.48
CA GLN A 219 31.66 7.99 22.82
C GLN A 219 30.65 8.72 23.70
N SER A 220 29.39 8.25 23.66
CA SER A 220 28.41 8.63 24.66
C SER A 220 28.99 8.40 26.04
N VAL A 221 28.49 9.12 27.06
CA VAL A 221 28.93 8.91 28.43
C VAL A 221 28.46 7.53 28.89
N PHE A 222 27.72 6.84 28.01
CA PHE A 222 27.22 5.50 28.21
C PHE A 222 28.17 4.41 27.73
N THR A 223 29.28 4.78 27.09
CA THR A 223 30.24 3.77 26.60
C THR A 223 30.57 2.70 27.63
N PRO A 224 30.64 2.99 28.97
CA PRO A 224 30.83 1.89 29.93
C PRO A 224 29.68 0.88 30.01
N LEU A 225 29.17 0.41 28.87
CA LEU A 225 28.19 -0.67 28.87
C LEU A 225 28.35 -1.54 27.64
N ALA A 226 29.21 -1.10 26.71
CA ALA A 226 29.41 -1.76 25.44
C ALA A 226 29.61 -3.26 25.59
N GLY A 227 28.92 -4.03 24.75
CA GLY A 227 28.97 -5.48 24.78
C GLY A 227 28.25 -6.12 25.95
N ASN A 228 27.50 -5.33 26.74
CA ASN A 228 26.93 -5.79 28.01
C ASN A 228 27.98 -6.54 28.82
N ALA A 229 29.23 -6.03 28.76
CA ALA A 229 30.37 -6.71 29.39
C ALA A 229 30.40 -6.42 30.89
N MET A 230 30.71 -5.18 31.24
CA MET A 230 30.83 -4.69 32.61
C MET A 230 29.72 -3.69 32.85
N LEU A 231 28.84 -3.98 33.81
CA LEU A 231 27.89 -2.97 34.26
C LEU A 231 28.63 -1.96 35.15
N PRO A 232 28.26 -0.69 35.11
CA PRO A 232 28.75 0.24 36.13
C PRO A 232 28.34 -0.27 37.50
N PRO A 233 29.26 -0.33 38.46
CA PRO A 233 29.05 -1.16 39.66
C PRO A 233 27.81 -0.72 40.43
N GLU A 234 27.48 -1.46 41.50
CA GLU A 234 26.27 -1.12 42.24
C GLU A 234 26.49 0.27 42.82
N GLY A 235 25.71 1.23 42.31
CA GLY A 235 26.15 2.61 42.26
C GLY A 235 25.99 2.98 40.81
N SER A 236 25.05 2.26 40.20
CA SER A 236 24.67 2.41 38.80
C SER A 236 23.42 3.28 38.76
N GLY A 237 22.34 2.72 39.29
CA GLY A 237 21.09 3.46 39.40
C GLY A 237 19.98 2.56 39.90
N LEU A 238 18.75 3.04 39.71
CA LEU A 238 17.53 2.38 40.18
C LEU A 238 16.42 2.59 39.17
N GLN A 239 15.28 1.99 39.45
CA GLN A 239 14.10 2.09 38.62
C GLN A 239 12.89 2.09 39.52
N MET A 240 11.82 2.73 39.06
CA MET A 240 10.72 3.09 39.92
C MET A 240 9.42 2.91 39.15
N THR A 241 8.35 2.59 39.86
CA THR A 241 7.07 2.55 39.21
C THR A 241 6.02 3.13 40.15
N SER A 242 4.90 3.52 39.57
CA SER A 242 3.83 4.26 40.23
C SER A 242 2.53 3.49 40.21
N LYS A 243 1.60 3.95 41.04
CA LYS A 243 0.27 3.36 41.05
C LYS A 243 -0.39 3.52 39.69
N TYR A 244 -0.25 4.69 39.08
CA TYR A 244 -0.88 5.01 37.80
C TYR A 244 0.07 4.75 36.65
N GLY A 245 0.83 3.65 36.72
CA GLY A 245 1.56 3.14 35.59
C GLY A 245 2.92 3.75 35.29
N SER A 246 3.10 5.05 35.52
CA SER A 246 4.30 5.72 35.06
C SER A 246 5.50 5.24 35.84
N GLY A 247 6.64 5.16 35.16
CA GLY A 247 7.85 4.66 35.78
C GLY A 247 9.06 5.22 35.08
N MET A 248 10.26 4.87 35.60
CA MET A 248 11.50 5.29 34.97
C MET A 248 12.72 4.59 35.58
N SER A 249 13.84 4.71 34.86
CA SER A 249 15.12 4.19 35.27
C SER A 249 16.07 5.38 35.45
N LEU A 250 16.75 5.42 36.59
CA LEU A 250 17.63 6.50 36.99
C LEU A 250 19.07 6.01 36.87
N MET A 251 19.91 6.75 36.16
CA MET A 251 21.32 6.38 36.04
C MET A 251 22.21 7.56 36.47
N TRP A 252 22.96 7.37 37.57
CA TRP A 252 23.65 8.45 38.25
C TRP A 252 24.70 9.12 37.36
N ASP A 253 24.67 10.45 37.32
CA ASP A 253 25.63 11.39 36.74
C ASP A 253 25.74 11.37 35.20
N TYR A 254 24.95 10.57 34.48
CA TYR A 254 25.05 10.49 33.01
C TYR A 254 24.20 11.59 32.36
N TYR A 255 24.66 12.82 32.51
CA TYR A 255 23.89 13.96 32.02
C TYR A 255 23.94 14.08 30.49
N ALA A 256 25.01 13.63 29.84
CA ALA A 256 25.11 13.90 28.41
C ALA A 256 24.56 12.76 27.55
N GLY A 257 25.30 11.64 27.42
CA GLY A 257 24.86 10.45 26.69
C GLY A 257 23.37 10.24 26.86
N ASN A 258 22.62 9.92 25.80
CA ASN A 258 23.08 9.27 24.57
C ASN A 258 23.88 10.13 23.56
N HIS A 259 24.19 11.36 23.94
CA HIS A 259 24.78 12.27 22.98
C HIS A 259 26.25 11.98 22.76
N SER A 260 26.70 12.30 21.54
CA SER A 260 28.03 11.98 21.03
C SER A 260 29.04 13.06 21.43
N ALA A 261 30.31 12.69 21.35
CA ALA A 261 31.39 13.35 22.07
C ALA A 261 31.57 14.81 21.72
N ASP A 262 31.07 15.28 20.57
CA ASP A 262 31.21 16.70 20.26
C ASP A 262 30.42 17.56 21.26
N LEU A 263 29.29 17.06 21.75
CA LEU A 263 28.48 17.80 22.70
C LEU A 263 28.82 17.50 24.13
N VAL A 264 29.24 16.27 24.43
CA VAL A 264 29.50 15.75 25.77
C VAL A 264 30.26 16.71 26.69
N PRO A 265 31.29 17.43 26.22
CA PRO A 265 31.95 18.37 27.13
C PRO A 265 31.03 19.44 27.71
N ASP A 266 30.36 20.20 26.83
CA ASP A 266 29.59 21.35 27.27
C ASP A 266 28.35 20.96 28.03
N LEU A 267 27.71 19.87 27.63
CA LEU A 267 26.51 19.48 28.33
C LEU A 267 26.84 19.14 29.77
N MET A 268 27.96 18.44 30.00
CA MET A 268 28.33 18.05 31.36
C MET A 268 28.89 19.23 32.16
N ALA A 269 29.69 20.08 31.53
CA ALA A 269 30.10 21.33 32.12
C ALA A 269 28.91 22.14 32.64
N PHE A 270 27.98 22.47 31.75
CA PHE A 270 26.84 23.31 32.11
C PHE A 270 26.02 22.70 33.23
N GLY A 271 25.87 21.39 33.23
CA GLY A 271 24.92 20.76 34.11
C GLY A 271 25.51 20.43 35.45
N GLY A 272 26.84 20.40 35.52
CA GLY A 272 27.49 20.28 36.80
C GLY A 272 27.44 21.61 37.51
N ALA A 273 27.66 22.70 36.77
CA ALA A 273 27.53 24.06 37.30
C ALA A 273 26.22 24.26 38.06
N LYS A 274 25.10 23.99 37.40
CA LYS A 274 23.81 24.16 38.05
C LYS A 274 23.65 23.22 39.23
N GLN A 275 24.30 22.05 39.18
CA GLN A 275 24.08 21.05 40.23
C GLN A 275 24.55 21.57 41.58
N GLU A 276 25.69 22.27 41.60
CA GLU A 276 26.13 22.93 42.83
C GLU A 276 25.06 23.86 43.34
N LYS A 277 24.68 24.82 42.51
CA LYS A 277 23.66 25.78 42.89
C LYS A 277 22.40 25.07 43.36
N LEU A 278 21.96 24.04 42.64
CA LEU A 278 20.75 23.33 43.06
C LEU A 278 20.92 22.70 44.45
N ALA A 279 22.13 22.23 44.76
CA ALA A 279 22.37 21.49 46.00
C ALA A 279 22.19 22.39 47.22
N LYS A 280 22.61 23.66 47.11
CA LYS A 280 22.34 24.63 48.16
C LYS A 280 20.84 24.77 48.40
N GLU A 281 20.04 24.79 47.34
CA GLU A 281 18.61 24.97 47.49
C GLU A 281 17.84 23.68 47.73
N ILE A 282 18.24 22.55 47.14
CA ILE A 282 17.42 21.35 47.18
C ILE A 282 18.10 20.15 47.86
N GLY A 283 19.41 20.21 48.13
CA GLY A 283 20.07 19.14 48.83
C GLY A 283 20.82 18.21 47.89
N ASP A 284 21.66 17.36 48.48
CA ASP A 284 22.63 16.59 47.71
C ASP A 284 21.97 15.58 46.79
N VAL A 285 21.09 14.75 47.33
CA VAL A 285 20.49 13.71 46.53
C VAL A 285 19.74 14.30 45.35
N ARG A 286 18.83 15.25 45.62
CA ARG A 286 17.96 15.77 44.55
C ARG A 286 18.74 16.58 43.53
N ALA A 287 19.80 17.25 43.95
CA ALA A 287 20.61 17.94 42.96
C ALA A 287 21.38 16.97 42.09
N ARG A 288 21.73 15.79 42.63
CA ARG A 288 22.39 14.77 41.80
C ARG A 288 21.43 14.20 40.75
N ILE A 289 20.21 13.79 41.16
CA ILE A 289 19.13 13.42 40.25
C ILE A 289 19.06 14.41 39.09
N TYR A 290 19.10 15.71 39.39
CA TYR A 290 19.09 16.70 38.32
C TYR A 290 20.14 16.37 37.25
N ARG A 291 21.37 16.11 37.65
CA ARG A 291 22.41 15.89 36.65
C ARG A 291 22.49 14.43 36.26
N SER A 292 21.50 13.65 36.63
CA SER A 292 21.47 12.26 36.20
C SER A 292 20.49 12.09 35.03
N HIS A 293 20.34 10.84 34.62
CA HIS A 293 19.64 10.51 33.39
C HIS A 293 18.42 9.67 33.73
N LEU A 294 17.23 10.21 33.48
CA LEU A 294 16.00 9.45 33.61
C LEU A 294 15.53 9.01 32.23
N ASN A 295 15.11 7.76 32.12
CA ASN A 295 14.36 7.29 30.96
C ASN A 295 13.07 6.73 31.54
N GLY A 296 11.95 7.21 31.04
CA GLY A 296 10.69 6.89 31.67
C GLY A 296 9.52 7.16 30.76
N THR A 297 8.39 6.58 31.14
CA THR A 297 7.13 6.75 30.43
C THR A 297 6.11 7.26 31.43
N ILE A 298 5.49 8.39 31.09
CA ILE A 298 4.25 8.83 31.71
C ILE A 298 3.11 8.08 31.03
N PHE A 299 2.34 7.36 31.82
CA PHE A 299 1.27 6.54 31.29
C PHE A 299 0.30 7.33 30.41
N PRO A 300 -0.30 6.71 29.37
CA PRO A 300 0.13 5.45 28.77
C PRO A 300 1.23 5.60 27.71
N ASN A 301 1.34 6.74 27.01
CA ASN A 301 2.16 6.72 25.79
C ASN A 301 3.02 7.97 25.64
N ASN A 302 3.52 8.53 26.73
CA ASN A 302 4.39 9.68 26.65
C ASN A 302 5.68 9.30 27.35
N SER A 303 6.80 9.40 26.64
CA SER A 303 8.08 8.97 27.17
C SER A 303 9.05 10.12 27.10
N PHE A 304 10.01 10.17 28.04
CA PHE A 304 11.01 11.23 28.08
C PHE A 304 12.39 10.66 28.39
N LEU A 305 13.41 11.48 28.09
CA LEU A 305 14.81 11.22 28.43
C LEU A 305 15.42 12.53 28.93
N THR A 306 15.55 12.68 30.25
CA THR A 306 16.27 13.83 30.81
C THR A 306 17.76 13.70 30.51
N GLY A 307 18.45 14.83 30.50
CA GLY A 307 19.86 14.75 30.18
C GLY A 307 20.11 14.55 28.70
N SER A 308 19.60 13.46 28.13
CA SER A 308 19.56 13.38 26.68
C SER A 308 18.61 14.41 26.10
N ALA A 309 17.54 14.73 26.84
CA ALA A 309 16.63 15.85 26.59
C ALA A 309 15.64 15.60 25.46
N ALA A 310 15.05 14.40 25.44
CA ALA A 310 14.05 14.06 24.43
C ALA A 310 12.69 13.83 25.08
N PHE A 311 11.66 14.22 24.33
CA PHE A 311 10.26 14.10 24.71
C PHE A 311 9.55 13.41 23.55
N LYS A 312 9.07 12.20 23.77
CA LYS A 312 8.42 11.42 22.72
C LYS A 312 6.93 11.26 23.04
N VAL A 313 6.14 11.09 21.99
CA VAL A 313 4.78 10.56 22.13
C VAL A 313 4.55 9.51 21.05
N TRP A 314 4.10 8.33 21.48
CA TRP A 314 3.86 7.18 20.63
C TRP A 314 2.37 7.20 20.31
N ASN A 315 2.03 7.71 19.13
CA ASN A 315 0.63 7.95 18.83
C ASN A 315 0.07 6.73 18.13
N PRO A 316 -0.97 6.10 18.65
CA PRO A 316 -1.46 4.86 18.04
C PRO A 316 -2.15 5.12 16.72
N ILE A 317 -1.86 4.27 15.75
CA ILE A 317 -2.50 4.28 14.46
C ILE A 317 -3.36 3.04 14.28
N ASP A 318 -2.75 1.87 14.32
CA ASP A 318 -3.49 0.60 14.41
C ASP A 318 -2.63 -0.36 15.21
N GLU A 319 -3.03 -1.64 15.22
CA GLU A 319 -2.41 -2.61 16.11
C GLU A 319 -0.92 -2.78 15.87
N ASN A 320 -0.44 -2.44 14.67
CA ASN A 320 0.93 -2.71 14.23
C ASN A 320 1.56 -1.50 13.60
N THR A 321 1.12 -0.32 14.03
CA THR A 321 1.61 0.94 13.51
C THR A 321 1.48 1.99 14.60
N THR A 322 2.53 2.81 14.76
CA THR A 322 2.38 4.04 15.53
C THR A 322 3.16 5.18 14.90
N GLU A 323 2.69 6.39 15.20
CA GLU A 323 3.22 7.66 14.73
C GLU A 323 4.01 8.26 15.89
N VAL A 324 5.28 8.57 15.64
CA VAL A 324 6.25 8.87 16.71
C VAL A 324 6.67 10.33 16.60
N TRP A 325 6.23 11.14 17.57
CA TRP A 325 6.57 12.56 17.61
C TRP A 325 7.75 12.73 18.54
N THR A 326 8.65 13.64 18.17
CA THR A 326 9.96 13.72 18.82
C THR A 326 10.38 15.17 19.03
N TYR A 327 10.15 15.70 20.23
CA TYR A 327 10.64 17.04 20.56
C TYR A 327 11.92 16.97 21.40
N ALA A 328 12.66 18.07 21.34
CA ALA A 328 13.69 18.37 22.32
C ALA A 328 13.11 19.25 23.41
N PHE A 329 13.52 19.05 24.66
CA PHE A 329 13.27 20.04 25.70
C PHE A 329 14.59 20.63 26.16
N VAL A 330 14.61 21.92 26.44
CA VAL A 330 15.82 22.57 26.88
C VAL A 330 15.53 23.30 28.18
N GLU A 331 16.56 23.39 29.01
CA GLU A 331 16.47 24.20 30.22
C GLU A 331 16.46 25.70 29.86
N LYS A 332 15.48 26.46 30.38
CA LYS A 332 15.27 27.82 29.87
C LYS A 332 16.52 28.69 29.99
N ASP A 333 17.36 28.45 31.00
CA ASP A 333 18.54 29.26 31.24
C ASP A 333 19.81 28.72 30.56
N MET A 334 19.66 27.86 29.61
CA MET A 334 20.80 27.53 28.79
C MET A 334 21.08 28.65 27.79
N PRO A 335 22.33 28.83 27.38
CA PRO A 335 22.63 29.77 26.30
C PRO A 335 21.97 29.38 25.00
N GLU A 336 21.72 30.38 24.13
CA GLU A 336 20.99 30.15 22.89
C GLU A 336 21.68 29.09 22.02
N ASP A 337 23.02 29.15 21.89
CA ASP A 337 23.77 28.17 21.08
C ASP A 337 23.71 26.78 21.71
N LEU A 338 23.74 26.69 23.03
CA LEU A 338 23.61 25.38 23.64
C LEU A 338 22.19 24.86 23.50
N LYS A 339 21.19 25.73 23.48
CA LYS A 339 19.84 25.28 23.16
C LYS A 339 19.77 24.77 21.72
N ARG A 340 20.31 25.56 20.78
CA ARG A 340 20.33 25.19 19.36
C ARG A 340 20.95 23.84 19.13
N ARG A 341 22.16 23.65 19.68
CA ARG A 341 22.93 22.41 19.51
C ARG A 341 22.15 21.22 20.07
N LEU A 342 21.60 21.39 21.28
CA LEU A 342 20.92 20.25 21.86
C LEU A 342 19.63 19.93 21.13
N ALA A 343 18.98 20.91 20.52
CA ALA A 343 17.74 20.64 19.77
C ALA A 343 18.00 19.82 18.51
N ASP A 344 19.01 20.21 17.72
CA ASP A 344 19.42 19.41 16.58
C ASP A 344 19.89 18.03 17.02
N ALA A 345 20.72 17.98 18.08
CA ALA A 345 21.32 16.70 18.48
C ALA A 345 20.27 15.70 18.96
N VAL A 346 19.15 16.17 19.53
CA VAL A 346 18.09 15.23 19.86
C VAL A 346 17.55 14.58 18.58
N GLN A 347 17.40 15.35 17.51
CA GLN A 347 16.92 14.77 16.26
C GLN A 347 17.90 13.73 15.72
N ARG A 348 19.18 14.09 15.68
CA ARG A 348 20.24 13.21 15.21
C ARG A 348 20.30 11.89 16.01
N THR A 349 19.83 11.87 17.26
CA THR A 349 19.94 10.61 18.00
C THR A 349 18.64 9.82 17.99
N VAL A 350 17.52 10.40 18.38
CA VAL A 350 16.29 9.59 18.40
C VAL A 350 15.18 10.22 17.55
N GLY A 351 15.57 11.02 16.56
CA GLY A 351 14.60 11.50 15.61
C GLY A 351 14.41 10.59 14.41
N PRO A 352 13.64 11.09 13.45
CA PRO A 352 13.45 10.40 12.17
C PRO A 352 14.73 9.94 11.52
N GLY A 353 15.79 10.75 11.56
CA GLY A 353 17.06 10.30 11.01
C GLY A 353 18.03 9.90 12.10
N GLY A 354 17.49 9.40 13.21
CA GLY A 354 18.30 9.18 14.39
C GLY A 354 18.92 7.82 14.50
N TYR A 355 20.25 7.79 14.74
CA TYR A 355 20.93 6.49 14.80
C TYR A 355 20.63 5.71 16.07
N TRP A 356 20.11 6.33 17.11
CA TRP A 356 19.69 5.49 18.22
C TRP A 356 18.33 4.85 17.95
N GLU A 357 17.34 5.63 17.53
CA GLU A 357 16.00 5.08 17.42
C GLU A 357 15.85 4.05 16.30
N SER A 358 16.72 4.08 15.28
CA SER A 358 16.65 3.09 14.19
C SER A 358 17.14 1.71 14.64
N ASP A 359 18.34 1.64 15.22
CA ASP A 359 18.81 0.43 15.88
C ASP A 359 17.67 -0.15 16.73
N ASP A 360 16.91 0.70 17.42
CA ASP A 360 15.90 0.26 18.36
C ASP A 360 14.65 -0.24 17.62
N ASN A 361 14.40 0.26 16.41
CA ASN A 361 13.18 -0.14 15.69
C ASN A 361 13.24 -1.58 15.21
N ASP A 362 14.43 -2.05 14.85
CA ASP A 362 14.63 -3.46 14.57
C ASP A 362 14.04 -4.32 15.67
N ASN A 363 14.27 -3.95 16.93
CA ASN A 363 13.71 -4.74 18.01
C ASN A 363 12.19 -4.57 18.06
N MET A 364 11.70 -3.33 17.88
CA MET A 364 10.29 -3.03 18.12
C MET A 364 9.39 -3.60 17.04
N GLU A 365 9.83 -3.59 15.77
CA GLU A 365 9.00 -4.06 14.67
C GLU A 365 8.72 -5.55 14.78
N THR A 366 9.80 -6.36 14.79
CA THR A 366 9.63 -7.81 14.82
C THR A 366 9.01 -8.25 16.13
N LEU A 367 9.28 -7.51 17.18
CA LEU A 367 8.63 -7.82 18.44
C LEU A 367 7.11 -7.91 18.24
N SER A 368 6.52 -7.03 17.44
CA SER A 368 5.07 -6.98 17.32
C SER A 368 4.54 -7.77 16.14
N GLN A 369 5.32 -7.90 15.06
CA GLN A 369 4.98 -8.84 13.98
C GLN A 369 4.78 -10.26 14.53
N ASN A 370 5.72 -10.75 15.36
CA ASN A 370 5.62 -12.07 15.96
C ASN A 370 4.40 -12.25 16.87
N ALA A 371 3.78 -11.16 17.32
CA ALA A 371 2.61 -11.27 18.17
C ALA A 371 1.42 -11.78 17.39
N LYS A 372 1.44 -11.61 16.09
CA LYS A 372 0.31 -12.00 15.26
C LYS A 372 0.31 -13.48 14.92
N LYS A 373 1.44 -14.16 15.15
CA LYS A 373 1.64 -15.51 14.67
C LYS A 373 0.96 -16.54 15.57
N TYR A 374 0.39 -17.58 14.95
CA TYR A 374 -0.47 -18.50 15.69
C TYR A 374 0.23 -19.02 16.95
N GLN A 375 1.42 -19.64 16.79
CA GLN A 375 2.13 -20.36 17.85
C GLN A 375 2.77 -19.43 18.88
N SER A 376 2.83 -18.14 18.63
CA SER A 376 3.45 -17.20 19.54
C SER A 376 2.45 -16.23 20.13
N SER A 377 1.19 -16.30 19.75
CA SER A 377 0.29 -15.26 20.21
C SER A 377 -0.09 -15.46 21.66
N ASN A 378 -0.12 -16.70 22.14
CA ASN A 378 -0.41 -16.96 23.54
C ASN A 378 0.85 -17.29 24.34
N SER A 379 2.02 -17.18 23.73
CA SER A 379 3.27 -17.27 24.47
C SER A 379 3.29 -16.19 25.54
N ASP A 380 4.20 -16.36 26.50
CA ASP A 380 4.29 -15.45 27.62
C ASP A 380 5.61 -14.72 27.52
N LEU A 381 5.55 -13.40 27.45
CA LEU A 381 6.72 -12.54 27.58
C LEU A 381 7.11 -12.43 29.06
N ILE A 382 8.40 -12.47 29.36
CA ILE A 382 8.79 -12.41 30.76
C ILE A 382 9.42 -11.05 31.07
N ALA A 383 8.86 -10.40 32.08
CA ALA A 383 9.42 -9.23 32.71
C ALA A 383 9.82 -9.61 34.13
N SER A 384 10.85 -10.44 34.24
CA SER A 384 11.25 -10.99 35.53
C SER A 384 12.54 -10.35 36.08
N LEU A 385 13.23 -9.54 35.29
CA LEU A 385 14.51 -8.97 35.68
C LEU A 385 14.38 -8.12 36.93
N GLY A 386 15.17 -8.49 37.97
CA GLY A 386 15.17 -7.87 39.28
C GLY A 386 14.01 -8.19 40.19
N PHE A 387 13.11 -9.09 39.80
CA PHE A 387 11.90 -9.33 40.59
C PHE A 387 12.30 -9.85 41.97
N GLY A 388 11.59 -9.39 43.00
CA GLY A 388 11.89 -9.76 44.36
C GLY A 388 12.91 -8.89 45.08
N LYS A 389 13.67 -8.08 44.36
CA LYS A 389 14.51 -7.06 44.98
C LYS A 389 13.81 -5.71 45.01
N ASP A 390 12.51 -5.67 44.74
CA ASP A 390 11.75 -4.43 44.69
C ASP A 390 11.17 -4.17 46.06
N VAL A 391 11.03 -2.88 46.39
CA VAL A 391 10.61 -2.47 47.73
C VAL A 391 9.82 -1.17 47.66
N TYR A 392 8.90 -1.00 48.62
CA TYR A 392 8.07 0.19 48.81
C TYR A 392 8.46 0.95 50.06
N GLY A 393 8.27 2.26 50.03
CA GLY A 393 8.43 3.04 51.25
C GLY A 393 9.83 3.09 51.79
N ASP A 394 10.83 3.07 50.89
CA ASP A 394 12.21 3.38 51.23
C ASP A 394 12.31 4.68 52.03
N GLU A 395 13.27 4.74 52.97
CA GLU A 395 13.40 6.00 53.68
C GLU A 395 13.72 7.17 52.76
N CYS A 396 14.36 6.94 51.63
CA CYS A 396 14.64 8.04 50.72
C CYS A 396 13.78 8.06 49.46
N TYR A 397 13.59 6.89 48.83
CA TYR A 397 13.12 6.81 47.45
C TYR A 397 11.68 6.34 47.34
N PRO A 398 10.83 7.21 46.79
CA PRO A 398 9.41 7.17 47.18
C PRO A 398 8.63 6.00 46.60
N GLY A 399 8.87 5.60 45.35
CA GLY A 399 7.86 4.74 44.78
C GLY A 399 7.95 3.27 45.14
N VAL A 400 7.75 2.38 44.17
CA VAL A 400 8.16 0.97 44.25
C VAL A 400 9.50 0.85 43.53
N VAL A 401 10.57 0.53 44.27
CA VAL A 401 11.91 0.80 43.77
C VAL A 401 12.77 -0.46 43.77
N GLY A 402 13.55 -0.61 42.70
CA GLY A 402 14.43 -1.72 42.46
C GLY A 402 15.84 -1.18 42.27
N PRO A 403 16.85 -2.05 42.46
CA PRO A 403 18.22 -1.59 42.74
C PRO A 403 19.15 -1.38 41.55
N SER A 404 18.71 -1.56 40.31
CA SER A 404 19.53 -1.14 39.18
C SER A 404 18.65 -0.44 38.17
N GLY A 405 19.27 0.43 37.36
CA GLY A 405 18.57 0.96 36.21
C GLY A 405 18.20 -0.14 35.23
N ALA A 406 19.06 -1.17 35.15
CA ALA A 406 18.77 -2.45 34.52
C ALA A 406 17.82 -3.24 35.41
N SER A 407 16.53 -2.99 35.23
CA SER A 407 15.50 -3.76 35.88
C SER A 407 14.31 -3.88 34.94
N GLU A 408 13.27 -4.56 35.42
CA GLU A 408 11.98 -4.59 34.75
C GLU A 408 10.89 -4.24 35.76
N THR A 409 11.25 -3.45 36.77
CA THR A 409 10.30 -3.07 37.82
C THR A 409 9.22 -2.15 37.28
N SER A 410 9.60 -1.20 36.43
CA SER A 410 8.58 -0.34 35.84
C SER A 410 7.74 -1.08 34.81
N TYR A 411 8.35 -2.06 34.10
CA TYR A 411 7.61 -2.93 33.18
C TYR A 411 6.40 -3.52 33.88
N ARG A 412 6.65 -4.18 35.02
CA ARG A 412 5.54 -4.81 35.71
C ARG A 412 4.61 -3.75 36.26
N GLY A 413 5.18 -2.59 36.63
CA GLY A 413 4.39 -1.45 37.09
C GLY A 413 3.40 -0.99 36.04
N PHE A 414 3.95 -0.60 34.88
CA PHE A 414 3.22 -0.34 33.66
C PHE A 414 2.12 -1.38 33.37
N TYR A 415 2.50 -2.64 33.09
CA TYR A 415 1.51 -3.62 32.63
C TYR A 415 0.53 -4.04 33.75
N ARG A 416 0.86 -3.77 35.02
CA ARG A 416 -0.12 -3.98 36.08
C ARG A 416 -1.24 -2.97 35.95
N ALA A 417 -0.87 -1.70 35.78
CA ALA A 417 -1.87 -0.68 35.54
C ALA A 417 -2.59 -0.93 34.23
N TYR A 418 -1.84 -1.37 33.21
CA TYR A 418 -2.46 -1.69 31.92
C TYR A 418 -3.59 -2.69 32.11
N GLN A 419 -3.30 -3.81 32.77
CA GLN A 419 -4.34 -4.80 33.01
C GLN A 419 -5.47 -4.24 33.83
N ALA A 420 -5.16 -3.29 34.72
CA ALA A 420 -6.18 -2.74 35.58
C ALA A 420 -7.20 -1.95 34.78
N HIS A 421 -6.72 -1.13 33.85
CA HIS A 421 -7.62 -0.40 32.96
C HIS A 421 -8.37 -1.37 32.04
N ILE A 422 -7.62 -2.27 31.41
CA ILE A 422 -8.15 -3.17 30.39
C ILE A 422 -9.32 -3.99 30.89
N SER A 423 -9.45 -4.19 32.19
CA SER A 423 -10.48 -5.05 32.76
C SER A 423 -11.56 -4.28 33.51
N SER A 424 -11.54 -2.94 33.48
CA SER A 424 -12.39 -2.13 34.34
C SER A 424 -13.18 -1.13 33.50
N SER A 425 -14.40 -0.82 33.93
CA SER A 425 -15.34 -0.06 33.11
C SER A 425 -15.22 1.46 33.27
N ASN A 426 -14.54 1.93 34.33
CA ASN A 426 -14.48 3.35 34.69
C ASN A 426 -13.27 3.55 35.59
N TRP A 427 -13.06 4.82 36.00
CA TRP A 427 -11.98 5.08 36.94
C TRP A 427 -12.24 4.47 38.31
N ALA A 428 -13.50 4.43 38.75
CA ALA A 428 -13.84 3.84 40.04
C ALA A 428 -13.33 2.42 40.16
N GLU A 429 -13.56 1.60 39.12
CA GLU A 429 -13.20 0.18 39.18
C GLU A 429 -11.70 0.00 39.15
N PHE A 430 -10.97 0.82 38.39
CA PHE A 430 -9.52 0.75 38.41
C PHE A 430 -9.00 1.00 39.82
N GLU A 431 -9.56 2.01 40.49
CA GLU A 431 -9.14 2.28 41.85
C GLU A 431 -9.39 1.06 42.73
N ASN A 432 -10.53 0.39 42.54
CA ASN A 432 -10.76 -0.80 43.36
C ASN A 432 -9.83 -1.95 43.01
N ALA A 433 -9.23 -1.96 41.83
CA ALA A 433 -8.29 -3.05 41.54
C ALA A 433 -6.86 -2.67 41.88
N SER A 434 -6.66 -1.49 42.41
CA SER A 434 -5.31 -1.04 42.72
C SER A 434 -5.17 -0.54 44.15
N ARG A 435 -6.19 -0.77 44.99
CA ARG A 435 -6.07 -0.52 46.42
C ARG A 435 -4.74 -1.05 46.93
N ASN A 436 -4.38 -2.25 46.51
CA ASN A 436 -3.25 -3.01 47.02
C ASN A 436 -2.12 -3.02 46.01
N TRP A 437 -1.88 -1.90 45.33
CA TRP A 437 -0.98 -1.95 44.18
C TRP A 437 0.48 -2.13 44.59
N HIS A 438 0.95 -1.49 45.67
CA HIS A 438 2.34 -1.69 46.09
C HIS A 438 2.55 -3.08 46.64
N THR A 439 1.55 -3.64 47.32
CA THR A 439 1.65 -5.01 47.83
C THR A 439 1.82 -5.99 46.69
N GLU A 440 1.06 -5.80 45.61
CA GLU A 440 1.06 -6.74 44.51
C GLU A 440 2.46 -6.88 43.90
N LEU A 441 3.13 -5.76 43.62
CA LEU A 441 4.41 -5.82 42.92
C LEU A 441 5.62 -6.16 43.78
N THR A 442 5.43 -6.10 45.08
CA THR A 442 6.49 -6.36 46.02
C THR A 442 6.40 -7.78 46.51
N LYS A 443 5.20 -8.31 46.47
CA LYS A 443 4.92 -9.69 46.71
C LYS A 443 5.64 -10.43 47.81
N THR A 444 6.13 -11.59 47.43
CA THR A 444 6.78 -12.56 48.27
C THR A 444 7.95 -12.10 49.12
N THR A 445 8.74 -11.15 48.66
CA THR A 445 9.95 -10.85 49.43
C THR A 445 9.74 -9.86 50.61
N MET B 2 11.47 34.34 -15.90
CA MET B 2 11.55 35.21 -14.73
C MET B 2 10.22 35.44 -13.97
N ILE B 3 10.25 35.26 -12.64
CA ILE B 3 9.06 35.09 -11.82
C ILE B 3 8.74 36.36 -11.04
N ASN B 4 7.51 36.84 -11.16
CA ASN B 4 7.02 37.91 -10.27
C ASN B 4 6.16 37.33 -9.16
N THR B 5 6.60 37.49 -7.91
CA THR B 5 5.90 36.89 -6.78
C THR B 5 4.60 37.61 -6.46
N GLN B 6 4.43 38.84 -6.93
CA GLN B 6 3.17 39.52 -6.66
C GLN B 6 2.04 38.90 -7.48
N GLU B 7 2.32 38.56 -8.73
CA GLU B 7 1.38 37.84 -9.59
C GLU B 7 1.33 36.35 -9.25
N ASP B 8 2.49 35.70 -9.17
CA ASP B 8 2.55 34.25 -9.01
C ASP B 8 2.39 33.90 -7.54
N LYS B 9 1.13 33.80 -7.11
CA LYS B 9 0.77 33.88 -5.69
C LYS B 9 1.30 32.73 -4.86
N LEU B 10 1.55 31.58 -5.46
CA LEU B 10 1.91 30.42 -4.67
C LEU B 10 3.40 30.23 -4.49
N VAL B 11 4.22 31.07 -5.08
CA VAL B 11 5.67 30.86 -5.14
C VAL B 11 6.35 31.37 -3.87
N SER B 12 7.27 30.56 -3.36
CA SER B 12 8.13 30.93 -2.24
C SER B 12 9.08 32.05 -2.62
N ALA B 13 9.41 32.88 -1.62
CA ALA B 13 10.55 33.76 -1.76
C ALA B 13 11.82 32.96 -2.01
N HIS B 14 12.01 31.90 -1.22
CA HIS B 14 13.16 31.03 -1.42
C HIS B 14 13.12 30.37 -2.80
N ASP B 15 11.99 29.73 -3.13
CA ASP B 15 11.89 28.98 -4.37
C ASP B 15 12.18 29.86 -5.59
N ALA B 16 11.78 31.14 -5.54
CA ALA B 16 11.98 32.07 -6.65
C ALA B 16 13.43 32.51 -6.76
N GLU B 17 14.07 32.78 -5.62
CA GLU B 17 15.46 33.18 -5.65
C GLU B 17 16.35 32.08 -6.23
N GLU B 18 16.03 30.82 -5.92
CA GLU B 18 16.79 29.70 -6.50
C GLU B 18 16.51 29.54 -7.98
N PHE B 19 15.23 29.57 -8.38
CA PHE B 19 14.93 29.41 -9.80
C PHE B 19 15.67 30.43 -10.65
N HIS B 20 15.97 31.59 -10.09
CA HIS B 20 16.58 32.61 -10.94
C HIS B 20 18.08 32.39 -11.14
N ARG B 21 18.65 31.34 -10.53
CA ARG B 21 20.05 31.02 -10.76
C ARG B 21 20.29 30.32 -12.09
N PHE B 22 19.32 29.55 -12.53
CA PHE B 22 19.53 28.50 -13.50
C PHE B 22 18.88 28.86 -14.82
N TYR B 23 19.21 28.07 -15.84
CA TYR B 23 18.57 28.13 -17.14
C TYR B 23 18.82 29.45 -17.84
N ILE B 24 19.97 30.04 -17.59
CA ILE B 24 20.35 31.30 -18.22
C ILE B 24 21.55 31.17 -19.14
N VAL B 25 22.48 30.28 -18.81
CA VAL B 25 23.81 30.42 -19.37
C VAL B 25 24.12 29.42 -20.48
N GLN B 26 23.53 28.23 -20.45
CA GLN B 26 23.79 27.22 -21.49
C GLN B 26 25.28 26.89 -21.53
N ASP B 27 25.71 26.14 -20.52
CA ASP B 27 27.10 25.72 -20.38
C ASP B 27 27.09 24.20 -20.44
N ASP B 28 27.39 23.61 -21.61
CA ASP B 28 27.27 22.16 -21.67
C ASP B 28 28.44 21.48 -20.98
N ALA B 29 29.63 22.09 -21.05
CA ALA B 29 30.76 21.61 -20.27
C ALA B 29 30.39 21.40 -18.81
N LEU B 30 29.85 22.44 -18.18
CA LEU B 30 29.47 22.39 -16.77
C LEU B 30 28.45 21.29 -16.48
N LEU B 31 27.54 21.03 -17.41
CA LEU B 31 26.49 20.06 -17.14
C LEU B 31 27.05 18.64 -17.10
N GLN B 32 27.96 18.31 -18.02
CA GLN B 32 28.59 16.99 -17.98
C GLN B 32 29.45 16.82 -16.74
N GLU B 33 30.11 17.89 -16.29
CA GLU B 33 30.88 17.84 -15.05
C GLU B 33 30.00 17.45 -13.88
N VAL B 34 28.85 18.11 -13.76
CA VAL B 34 27.98 17.89 -12.62
C VAL B 34 27.30 16.54 -12.71
N ASN B 35 26.98 16.09 -13.94
CA ASN B 35 26.40 14.75 -14.13
C ASN B 35 27.37 13.67 -13.67
N THR B 36 28.61 13.73 -14.12
CA THR B 36 29.60 12.80 -13.62
C THR B 36 29.65 12.87 -12.09
N LEU B 37 29.64 14.08 -11.52
CA LEU B 37 29.73 14.26 -10.06
C LEU B 37 28.58 13.54 -9.34
N LEU B 38 27.35 13.90 -9.68
CA LEU B 38 26.20 13.35 -8.96
C LEU B 38 26.09 11.86 -9.16
N THR B 39 26.42 11.39 -10.36
CA THR B 39 26.32 9.96 -10.65
C THR B 39 27.33 9.19 -9.83
N ARG B 40 28.60 9.63 -9.86
CA ARG B 40 29.62 8.98 -9.05
C ARG B 40 29.21 8.95 -7.58
N GLU B 41 28.72 10.08 -7.06
CA GLU B 41 28.36 10.15 -5.65
C GLU B 41 27.23 9.18 -5.32
N ALA B 42 26.23 9.06 -6.20
CA ALA B 42 25.10 8.15 -5.97
C ALA B 42 25.53 6.71 -6.16
N HIS B 43 26.47 6.51 -7.06
CA HIS B 43 27.07 5.20 -7.19
C HIS B 43 27.75 4.80 -5.89
N LEU B 44 28.52 5.71 -5.29
CA LEU B 44 29.26 5.37 -4.08
C LEU B 44 28.31 5.05 -2.94
N LEU B 45 27.23 5.81 -2.81
CA LEU B 45 26.27 5.54 -1.74
C LEU B 45 25.44 4.28 -1.99
N ASP B 46 25.28 3.87 -3.25
CA ASP B 46 24.45 2.70 -3.54
C ASP B 46 25.17 1.43 -3.15
N ILE B 47 26.46 1.34 -3.45
CA ILE B 47 27.29 0.19 -3.08
C ILE B 47 27.80 0.32 -1.66
N GLN B 48 27.33 1.35 -0.94
CA GLN B 48 27.60 1.55 0.49
C GLN B 48 29.08 1.86 0.77
N ALA B 49 29.78 2.46 -0.18
CA ALA B 49 31.17 2.89 -0.01
C ALA B 49 31.26 4.23 0.76
N TYR B 50 30.71 4.21 1.98
CA TYR B 50 30.49 5.44 2.73
C TYR B 50 31.80 6.19 2.99
N LYS B 51 32.83 5.48 3.44
CA LYS B 51 34.13 6.11 3.65
C LYS B 51 34.59 6.85 2.41
N ALA B 52 34.45 6.23 1.25
CA ALA B 52 34.94 6.89 0.04
C ALA B 52 34.15 8.16 -0.23
N TRP B 53 32.83 8.09 -0.07
CA TRP B 53 31.96 9.25 -0.23
C TRP B 53 32.42 10.41 0.65
N LEU B 54 32.68 10.14 1.93
CA LEU B 54 32.98 11.21 2.87
C LEU B 54 34.33 11.85 2.60
N GLU B 55 35.32 11.03 2.28
CA GLU B 55 36.67 11.52 2.08
C GLU B 55 36.89 12.12 0.70
N HIS B 56 36.26 11.57 -0.33
CA HIS B 56 36.41 12.13 -1.67
C HIS B 56 35.31 13.12 -2.07
N CYS B 57 34.03 12.87 -1.75
CA CYS B 57 32.96 13.71 -2.25
C CYS B 57 32.59 14.85 -1.31
N VAL B 58 32.69 14.62 0.00
CA VAL B 58 32.26 15.58 1.01
C VAL B 58 33.47 16.43 1.38
N ALA B 59 33.33 17.74 1.22
CA ALA B 59 34.32 18.71 1.69
C ALA B 59 34.28 18.79 3.21
N PRO B 60 35.39 19.19 3.85
CA PRO B 60 35.42 19.19 5.33
C PRO B 60 34.49 20.21 5.97
N GLU B 61 34.29 21.34 5.32
CA GLU B 61 33.39 22.39 5.77
C GLU B 61 31.93 22.10 5.55
N ILE B 62 31.52 20.85 5.40
CA ILE B 62 30.21 20.58 4.84
C ILE B 62 29.12 20.92 5.85
N LYS B 63 28.02 21.49 5.34
CA LYS B 63 26.74 21.53 6.03
C LYS B 63 25.78 20.59 5.29
N TYR B 64 25.23 19.60 6.00
CA TYR B 64 24.41 18.54 5.39
C TYR B 64 23.06 18.56 6.07
N GLN B 65 22.06 19.15 5.41
CA GLN B 65 20.83 19.50 6.08
C GLN B 65 19.60 18.88 5.39
N VAL B 66 18.75 18.23 6.19
CA VAL B 66 17.47 17.73 5.74
C VAL B 66 16.44 18.18 6.77
N ILE B 67 15.51 19.05 6.35
CA ILE B 67 14.54 19.67 7.23
C ILE B 67 13.16 19.06 6.97
N SER B 68 12.31 19.16 7.98
CA SER B 68 10.91 18.78 7.93
C SER B 68 10.12 20.01 8.36
N ARG B 69 9.42 20.65 7.42
CA ARG B 69 8.74 21.91 7.69
C ARG B 69 7.33 21.70 8.24
N GLU B 70 6.97 22.50 9.23
CA GLU B 70 5.67 22.32 9.87
C GLU B 70 4.57 22.93 9.02
N LEU B 71 3.40 22.30 9.06
CA LEU B 71 2.34 22.68 8.12
C LEU B 71 1.61 23.87 8.72
N ARG B 72 1.83 25.06 8.14
CA ARG B 72 1.08 26.24 8.57
C ARG B 72 -0.02 26.55 7.57
N SER B 73 -0.95 27.41 7.99
CA SER B 73 -1.91 27.95 7.04
C SER B 73 -1.21 28.93 6.09
N THR B 74 -1.72 29.00 4.87
CA THR B 74 -1.14 29.91 3.89
C THR B 74 -1.52 31.35 4.16
N SER B 75 -2.51 31.58 5.00
CA SER B 75 -2.90 32.92 5.37
C SER B 75 -2.26 33.33 6.69
N GLU B 76 -1.32 32.54 7.20
CA GLU B 76 -0.75 32.80 8.51
C GLU B 76 0.16 34.01 8.48
N ARG B 77 -0.08 34.92 9.42
CA ARG B 77 0.60 36.21 9.48
C ARG B 77 1.05 36.59 10.89
N ARG B 78 0.78 35.78 11.90
CA ARG B 78 1.14 36.17 13.26
C ARG B 78 2.01 35.15 13.97
N TYR B 79 1.79 33.87 13.69
CA TYR B 79 2.48 32.80 14.39
C TYR B 79 3.90 32.68 13.87
N GLN B 80 4.88 32.92 14.74
CA GLN B 80 6.24 33.10 14.28
C GLN B 80 7.25 32.13 14.85
N LEU B 81 6.83 31.19 15.70
CA LEU B 81 7.74 30.17 16.20
C LEU B 81 8.43 29.41 15.07
N ASN B 82 9.44 28.65 15.38
CA ASN B 82 10.24 27.98 14.39
C ASN B 82 9.48 27.10 13.47
N ASP B 83 9.97 26.98 12.28
CA ASP B 83 9.27 26.47 11.13
C ASP B 83 9.58 25.07 10.81
N ALA B 84 10.71 24.60 11.30
CA ALA B 84 11.38 23.49 10.76
C ALA B 84 12.19 22.77 11.77
N VAL B 85 12.14 21.46 11.71
CA VAL B 85 13.01 20.55 12.46
C VAL B 85 14.20 20.23 11.57
N ASN B 86 15.34 19.92 12.18
CA ASN B 86 16.51 19.45 11.44
C ASN B 86 16.61 17.94 11.62
N ILE B 87 16.03 17.19 10.68
CA ILE B 87 16.25 15.76 10.66
C ILE B 87 17.73 15.50 10.56
N TYR B 88 18.42 16.29 9.72
CA TYR B 88 19.86 16.26 9.49
C TYR B 88 20.38 17.68 9.49
N ASN B 89 21.49 17.91 10.18
CA ASN B 89 22.20 19.17 10.12
C ASN B 89 23.65 18.95 10.52
N GLU B 90 24.41 18.26 9.68
CA GLU B 90 25.67 17.66 10.12
C GLU B 90 26.87 18.45 9.60
N ASN B 91 27.84 18.67 10.48
CA ASN B 91 29.20 19.04 10.08
C ASN B 91 30.00 17.76 9.86
N TYR B 92 31.22 17.92 9.33
CA TYR B 92 32.04 16.77 8.92
C TYR B 92 32.15 15.70 10.00
N GLN B 93 32.44 16.10 11.25
CA GLN B 93 32.63 15.12 12.30
C GLN B 93 31.36 14.32 12.56
N GLN B 94 30.21 14.97 12.54
CA GLN B 94 28.97 14.23 12.77
C GLN B 94 28.76 13.18 11.68
N LEU B 95 29.03 13.54 10.41
CA LEU B 95 28.97 12.59 9.30
C LEU B 95 29.91 11.43 9.53
N LYS B 96 31.14 11.73 9.99
CA LYS B 96 32.14 10.69 10.32
C LYS B 96 31.60 9.67 11.32
N VAL B 97 31.07 10.14 12.44
CA VAL B 97 30.43 9.24 13.38
C VAL B 97 29.37 8.42 12.67
N ARG B 98 28.59 9.08 11.78
CA ARG B 98 27.47 8.41 11.10
C ARG B 98 27.96 7.28 10.19
N VAL B 99 28.88 7.59 9.28
CA VAL B 99 29.41 6.56 8.40
C VAL B 99 30.08 5.45 9.22
N GLU B 100 30.82 5.82 10.27
CA GLU B 100 31.48 4.83 11.12
C GLU B 100 30.45 3.95 11.82
N HIS B 101 29.28 4.52 12.12
CA HIS B 101 28.19 3.72 12.66
C HIS B 101 27.78 2.64 11.67
N GLN B 102 27.76 2.96 10.39
CA GLN B 102 27.29 2.03 9.38
C GLN B 102 28.24 0.88 9.21
N MET B 103 29.53 1.16 9.18
CA MET B 103 30.52 0.13 8.96
C MET B 103 30.79 -0.76 10.17
N ASP B 104 30.22 -0.45 11.32
CA ASP B 104 30.59 -1.15 12.54
C ASP B 104 30.03 -2.58 12.55
N PRO B 105 30.86 -3.57 12.87
CA PRO B 105 30.45 -4.98 12.73
C PRO B 105 29.33 -5.42 13.65
N GLN B 106 28.97 -4.64 14.66
CA GLN B 106 27.86 -5.05 15.52
C GLN B 106 26.62 -4.23 15.22
N ASN B 107 26.58 -3.61 14.04
CA ASN B 107 25.44 -2.83 13.57
C ASN B 107 24.36 -3.79 13.11
N TRP B 108 23.57 -4.27 14.08
CA TRP B 108 22.53 -5.27 13.82
C TRP B 108 21.60 -4.98 12.64
N PRO B 109 21.03 -3.78 12.46
CA PRO B 109 20.14 -3.58 11.31
C PRO B 109 20.77 -3.82 9.94
N ASN B 110 22.09 -3.83 9.80
CA ASN B 110 22.71 -4.06 8.51
C ASN B 110 23.07 -5.53 8.25
N SER B 111 22.54 -6.47 9.03
CA SER B 111 22.63 -7.90 8.73
C SER B 111 21.21 -8.39 8.53
N PRO B 112 20.84 -8.91 7.38
CA PRO B 112 21.60 -9.06 6.15
C PRO B 112 21.85 -7.74 5.46
N LYS B 113 22.85 -7.71 4.57
CA LYS B 113 23.21 -6.48 3.88
C LYS B 113 22.00 -5.88 3.17
N ILE B 114 21.89 -4.54 3.28
CA ILE B 114 20.79 -3.73 2.79
C ILE B 114 21.06 -3.30 1.34
N ARG B 115 19.98 -3.18 0.58
CA ARG B 115 20.03 -2.83 -0.85
C ARG B 115 19.54 -1.40 -1.06
N PHE B 116 20.41 -0.56 -1.62
CA PHE B 116 20.09 0.81 -1.95
C PHE B 116 20.18 0.99 -3.46
N THR B 117 19.19 1.63 -4.04
CA THR B 117 19.21 2.00 -5.45
C THR B 117 18.76 3.45 -5.54
N ARG B 118 19.53 4.26 -6.24
CA ARG B 118 19.27 5.69 -6.31
C ARG B 118 19.10 6.14 -7.76
N PHE B 119 18.07 6.94 -7.99
CA PHE B 119 17.72 7.44 -9.31
C PHE B 119 17.80 8.96 -9.24
N VAL B 120 18.64 9.55 -10.09
CA VAL B 120 18.94 10.97 -10.08
C VAL B 120 18.56 11.56 -11.42
N THR B 121 17.71 12.59 -11.39
CA THR B 121 17.15 13.27 -12.56
C THR B 121 17.06 14.77 -12.34
N ASN B 122 16.72 15.49 -13.41
CA ASN B 122 16.45 16.94 -13.35
C ASN B 122 17.69 17.73 -12.88
N VAL B 123 18.89 17.34 -13.31
CA VAL B 123 20.08 18.04 -12.83
C VAL B 123 20.32 19.25 -13.71
N THR B 124 20.53 20.40 -13.05
CA THR B 124 20.95 21.65 -13.66
C THR B 124 21.92 22.34 -12.68
N ALA B 125 22.74 23.23 -13.22
CA ALA B 125 23.77 23.90 -12.43
C ALA B 125 24.11 25.28 -13.00
N ALA B 126 24.61 26.16 -12.12
CA ALA B 126 25.11 27.48 -12.51
C ALA B 126 26.31 27.85 -11.66
N LYS B 127 27.28 28.55 -12.28
CA LYS B 127 28.43 29.05 -11.54
C LYS B 127 27.99 30.19 -10.62
N ASP B 128 28.50 30.19 -9.39
CA ASP B 128 28.24 31.35 -8.54
C ASP B 128 28.96 32.57 -9.07
N LYS B 129 28.29 33.71 -9.00
CA LYS B 129 28.80 34.90 -9.67
C LYS B 129 29.95 35.56 -8.92
N SER B 130 29.88 35.66 -7.58
CA SER B 130 30.91 36.34 -6.82
C SER B 130 32.15 35.48 -6.63
N ALA B 131 31.98 34.24 -6.16
CA ALA B 131 33.05 33.28 -6.01
C ALA B 131 32.93 32.20 -7.09
N PRO B 132 33.67 32.28 -8.21
CA PRO B 132 33.41 31.35 -9.33
C PRO B 132 33.84 29.91 -9.05
N GLU B 133 34.67 29.66 -8.04
CA GLU B 133 34.93 28.28 -7.66
C GLU B 133 33.67 27.55 -7.22
N MET B 134 32.63 28.26 -6.79
CA MET B 134 31.46 27.60 -6.24
C MET B 134 30.52 27.23 -7.37
N LEU B 135 29.79 26.13 -7.17
CA LEU B 135 28.85 25.61 -8.16
C LEU B 135 27.51 25.33 -7.50
N HIS B 136 26.47 26.02 -7.99
CA HIS B 136 25.11 25.73 -7.54
C HIS B 136 24.59 24.54 -8.32
N VAL B 137 24.00 23.59 -7.61
CA VAL B 137 23.61 22.34 -8.24
C VAL B 137 22.29 21.89 -7.65
N ARG B 138 21.33 21.59 -8.52
CA ARG B 138 19.99 21.12 -8.16
C ARG B 138 19.77 19.78 -8.81
N SER B 139 19.23 18.84 -8.04
CA SER B 139 18.97 17.50 -8.55
C SER B 139 17.84 16.88 -7.74
N ASN B 140 17.06 16.05 -8.41
CA ASN B 140 15.95 15.33 -7.81
C ASN B 140 16.31 13.86 -7.62
N LEU B 141 15.71 13.22 -6.63
CA LEU B 141 16.21 11.91 -6.25
C LEU B 141 15.09 11.01 -5.77
N ILE B 142 15.00 9.83 -6.39
CA ILE B 142 14.24 8.72 -5.83
C ILE B 142 15.23 7.73 -5.25
N LEU B 143 14.97 7.29 -4.02
CA LEU B 143 15.84 6.36 -3.31
C LEU B 143 15.02 5.14 -2.91
N HIS B 144 15.46 3.97 -3.39
CA HIS B 144 14.79 2.70 -3.14
C HIS B 144 15.64 1.91 -2.16
N ARG B 145 15.03 1.47 -1.06
CA ARG B 145 15.77 0.83 0.02
C ARG B 145 15.00 -0.42 0.43
N ALA B 146 15.57 -1.59 0.15
CA ALA B 146 14.93 -2.86 0.45
C ALA B 146 15.85 -3.72 1.30
N ARG B 147 15.26 -4.49 2.20
CA ARG B 147 16.01 -5.29 3.13
C ARG B 147 15.08 -6.34 3.73
N ARG B 148 15.67 -7.49 4.09
CA ARG B 148 14.95 -8.55 4.80
C ARG B 148 13.76 -9.07 3.99
N GLY B 149 13.93 -9.19 2.69
CA GLY B 149 12.92 -9.85 1.90
C GLY B 149 11.76 -8.97 1.45
N ASN B 150 10.78 -8.77 2.34
CA ASN B 150 9.57 -8.05 1.99
C ASN B 150 9.48 -6.66 2.63
N GLU B 151 10.59 -6.07 3.07
CA GLU B 151 10.58 -4.70 3.59
C GLU B 151 11.17 -3.78 2.53
N VAL B 152 10.41 -2.76 2.14
CA VAL B 152 10.84 -1.85 1.08
C VAL B 152 10.32 -0.45 1.40
N ASP B 153 11.14 0.55 1.09
CA ASP B 153 10.80 1.93 1.35
C ASP B 153 11.36 2.78 0.23
N VAL B 154 10.56 3.77 -0.21
CA VAL B 154 10.93 4.69 -1.28
C VAL B 154 10.86 6.12 -0.75
N PHE B 155 11.89 6.90 -1.07
CA PHE B 155 11.96 8.29 -0.69
C PHE B 155 12.09 9.14 -1.95
N TYR B 156 11.48 10.31 -1.92
CA TYR B 156 11.53 11.20 -3.06
C TYR B 156 12.00 12.56 -2.55
N ALA B 157 12.94 13.21 -3.24
CA ALA B 157 13.47 14.43 -2.66
C ALA B 157 14.19 15.29 -3.69
N THR B 158 14.11 16.61 -3.45
CA THR B 158 14.86 17.61 -4.21
C THR B 158 15.99 18.10 -3.33
N ARG B 159 17.19 18.20 -3.91
CA ARG B 159 18.37 18.55 -3.16
C ARG B 159 19.03 19.77 -3.80
N GLU B 160 19.15 20.83 -3.00
CA GLU B 160 19.83 22.07 -3.35
C GLU B 160 21.24 22.03 -2.78
N ASP B 161 22.22 22.05 -3.66
CA ASP B 161 23.60 21.71 -3.34
C ASP B 161 24.49 22.89 -3.68
N LYS B 162 25.56 23.05 -2.90
CA LYS B 162 26.72 23.86 -3.23
C LYS B 162 27.93 22.94 -3.29
N TRP B 163 28.69 23.03 -4.38
CA TRP B 163 29.89 22.25 -4.63
C TRP B 163 31.03 23.22 -4.88
N LYS B 164 32.22 22.88 -4.40
CA LYS B 164 33.39 23.75 -4.49
C LYS B 164 34.49 23.05 -5.24
N ARG B 165 35.18 23.75 -6.11
CA ARG B 165 36.28 23.21 -6.87
C ARG B 165 37.56 23.21 -6.12
N ILE B 166 38.23 22.07 -6.03
CA ILE B 166 39.43 21.99 -5.26
C ILE B 166 40.72 21.72 -5.97
N GLU B 167 41.75 21.60 -5.15
CA GLU B 167 43.12 21.42 -5.51
C GLU B 167 43.52 20.63 -6.74
N GLY B 168 43.21 19.36 -6.77
CA GLY B 168 43.68 18.59 -7.88
C GLY B 168 42.71 18.54 -8.98
N GLY B 169 41.74 19.43 -8.96
CA GLY B 169 40.77 19.28 -10.02
C GLY B 169 39.50 18.60 -9.58
N GLY B 170 39.46 18.14 -8.33
CA GLY B 170 38.25 17.57 -7.80
C GLY B 170 37.22 18.64 -7.49
N ILE B 171 36.06 18.18 -7.03
CA ILE B 171 34.96 19.04 -6.64
C ILE B 171 34.27 18.40 -5.45
N GLN B 172 34.07 19.15 -4.38
CA GLN B 172 33.46 18.55 -3.20
C GLN B 172 32.25 19.33 -2.72
N LEU B 173 31.44 18.62 -1.95
CA LEU B 173 30.13 19.08 -1.52
C LEU B 173 30.29 19.91 -0.26
N VAL B 174 29.81 21.16 -0.30
CA VAL B 174 29.93 22.08 0.81
C VAL B 174 28.61 22.27 1.53
N GLU B 175 27.51 22.27 0.78
CA GLU B 175 26.18 22.53 1.30
C GLU B 175 25.21 21.64 0.53
N ARG B 176 24.38 20.89 1.27
CA ARG B 176 23.31 20.11 0.69
C ARG B 176 22.12 20.34 1.59
N PHE B 177 21.05 20.90 0.99
CA PHE B 177 19.82 21.24 1.66
C PHE B 177 18.65 20.52 0.99
N VAL B 178 17.88 19.80 1.80
CA VAL B 178 16.71 19.07 1.33
C VAL B 178 15.51 19.43 2.20
N ASP B 179 14.45 19.93 1.56
CA ASP B 179 13.17 20.19 2.25
C ASP B 179 12.30 18.96 2.04
N TYR B 180 12.33 18.04 2.99
CA TYR B 180 11.79 16.73 2.67
C TYR B 180 10.28 16.82 2.59
N PRO B 181 9.65 16.43 1.46
CA PRO B 181 8.31 16.89 1.13
C PRO B 181 7.18 16.19 1.86
N GLU B 182 7.39 15.03 2.47
CA GLU B 182 6.34 14.46 3.28
C GLU B 182 6.52 14.91 4.72
N ARG B 183 5.44 15.29 5.37
CA ARG B 183 5.63 15.84 6.71
C ARG B 183 5.75 14.72 7.72
N ILE B 184 4.85 13.73 7.66
CA ILE B 184 5.03 12.51 8.41
C ILE B 184 5.84 11.58 7.53
N LEU B 185 7.07 11.26 7.94
CA LEU B 185 7.91 10.43 7.10
C LEU B 185 7.38 9.01 7.11
N PRO B 186 7.44 8.30 5.99
CA PRO B 186 6.74 7.00 5.95
C PRO B 186 7.48 5.91 6.69
N HIS B 187 8.81 6.05 6.81
CA HIS B 187 9.64 5.20 7.66
C HIS B 187 10.92 5.98 7.95
N ASN B 188 11.71 5.53 8.94
CA ASN B 188 12.92 6.24 9.39
C ASN B 188 14.01 6.38 8.35
N LEU B 189 14.35 7.65 8.09
CA LEU B 189 15.25 8.13 7.02
C LEU B 189 16.74 8.13 7.43
N LEU B 190 17.23 6.94 7.78
CA LEU B 190 18.63 6.78 8.10
C LEU B 190 19.42 6.51 6.83
N VAL B 191 19.36 7.45 5.90
CA VAL B 191 20.08 7.34 4.64
C VAL B 191 20.53 8.73 4.22
N PHE B 192 21.57 8.79 3.41
CA PHE B 192 22.10 10.06 2.91
C PHE B 192 21.41 10.40 1.59
N LEU B 193 20.73 11.57 1.53
CA LEU B 193 19.92 11.93 0.35
C LEU B 193 20.64 12.83 -0.62
N SER C 2 -19.25 -22.71 13.37
CA SER C 2 -19.76 -23.71 12.44
C SER C 2 -18.61 -24.28 11.58
N TYR C 3 -18.50 -23.78 10.35
CA TYR C 3 -17.55 -24.20 9.30
C TYR C 3 -17.84 -25.59 8.74
N GLN C 4 -18.91 -26.24 9.18
CA GLN C 4 -19.42 -27.43 8.53
C GLN C 4 -20.04 -27.04 7.18
N ASN C 5 -20.21 -28.02 6.32
CA ASN C 5 -20.93 -27.84 5.06
C ASN C 5 -20.28 -26.77 4.17
N LEU C 6 -18.97 -26.64 4.23
CA LEU C 6 -18.26 -25.78 3.31
C LEU C 6 -17.84 -26.52 2.05
N VAL C 7 -17.60 -27.83 2.20
CA VAL C 7 -17.39 -28.80 1.11
C VAL C 7 -18.50 -29.83 1.24
N SER C 8 -19.17 -30.14 0.12
CA SER C 8 -20.33 -31.03 0.19
C SER C 8 -19.87 -32.49 0.24
N GLU C 9 -20.85 -33.40 0.30
CA GLU C 9 -20.55 -34.82 0.39
C GLU C 9 -19.72 -35.23 -0.83
N ALA C 10 -18.78 -36.14 -0.60
CA ALA C 10 -17.85 -36.66 -1.62
C ALA C 10 -16.96 -35.58 -2.24
N GLY C 11 -16.89 -34.40 -1.64
CA GLY C 11 -16.01 -33.38 -2.15
C GLY C 11 -16.41 -32.91 -3.52
N LEU C 12 -17.70 -33.00 -3.84
CA LEU C 12 -18.16 -32.73 -5.20
C LEU C 12 -18.26 -31.23 -5.45
N THR C 13 -18.84 -30.50 -4.51
CA THR C 13 -18.85 -29.06 -4.56
C THR C 13 -18.21 -28.48 -3.29
N GLN C 14 -17.88 -27.19 -3.38
CA GLN C 14 -17.43 -26.41 -2.24
C GLN C 14 -17.82 -24.96 -2.47
N LYS C 15 -18.16 -24.30 -1.36
CA LYS C 15 -18.58 -22.90 -1.36
C LYS C 15 -17.41 -22.04 -1.80
N HIS C 16 -17.65 -21.13 -2.73
CA HIS C 16 -16.59 -20.29 -3.25
C HIS C 16 -15.95 -19.42 -2.16
N LEU C 17 -16.71 -19.12 -1.10
CA LEU C 17 -16.22 -18.22 -0.05
C LEU C 17 -14.91 -18.69 0.57
N ILE C 18 -14.54 -19.97 0.40
CA ILE C 18 -13.39 -20.53 1.08
C ILE C 18 -12.06 -19.99 0.54
N HIS C 19 -12.06 -19.35 -0.62
CA HIS C 19 -10.84 -18.73 -1.13
C HIS C 19 -10.75 -17.24 -0.76
N GLY C 20 -11.59 -16.76 0.16
CA GLY C 20 -11.54 -15.34 0.51
C GLY C 20 -11.87 -14.95 1.94
N ASP C 21 -12.72 -15.75 2.61
CA ASP C 21 -13.22 -15.39 3.92
C ASP C 21 -12.09 -15.25 4.93
N LYS C 22 -12.07 -14.11 5.63
CA LYS C 22 -10.97 -13.78 6.54
C LYS C 22 -11.08 -14.51 7.87
N GLU C 23 -12.30 -14.65 8.41
CA GLU C 23 -12.47 -15.50 9.59
C GLU C 23 -11.96 -16.91 9.33
N LEU C 24 -12.25 -17.47 8.15
CA LEU C 24 -11.89 -18.87 7.90
C LEU C 24 -10.37 -19.05 7.87
N PHE C 25 -9.66 -18.20 7.13
CA PHE C 25 -8.20 -18.24 7.12
C PHE C 25 -7.64 -18.27 8.53
N GLN C 26 -8.26 -17.53 9.44
CA GLN C 26 -7.87 -17.60 10.85
C GLN C 26 -8.12 -18.99 11.41
N HIS C 27 -9.27 -19.59 11.10
CA HIS C 27 -9.55 -20.95 11.54
C HIS C 27 -8.54 -21.92 10.96
N GLU C 28 -8.14 -21.71 9.69
CA GLU C 28 -7.19 -22.60 9.04
C GLU C 28 -5.87 -22.64 9.77
N MET C 29 -5.45 -21.51 10.34
CA MET C 29 -4.19 -21.53 11.06
C MET C 29 -4.26 -22.48 12.23
N LYS C 30 -5.44 -22.61 12.83
CA LYS C 30 -5.64 -23.50 13.96
C LYS C 30 -5.80 -24.94 13.52
N THR C 31 -6.70 -25.19 12.57
CA THR C 31 -7.10 -26.56 12.26
C THR C 31 -6.36 -27.17 11.08
N ILE C 32 -5.57 -26.39 10.34
CA ILE C 32 -4.89 -26.90 9.16
C ILE C 32 -3.38 -26.83 9.29
N PHE C 33 -2.84 -25.65 9.57
CA PHE C 33 -1.39 -25.54 9.56
C PHE C 33 -0.77 -25.81 10.92
N ALA C 34 -1.56 -25.69 11.99
CA ALA C 34 -1.12 -26.14 13.30
C ALA C 34 -1.06 -27.66 13.36
N ARG C 35 -1.89 -28.33 12.57
CA ARG C 35 -2.19 -29.75 12.69
C ARG C 35 -1.42 -30.67 11.75
N ASN C 36 -1.10 -30.24 10.54
CA ASN C 36 -0.62 -31.15 9.51
C ASN C 36 0.87 -30.94 9.22
N TRP C 37 1.41 -31.84 8.39
CA TRP C 37 2.81 -31.78 8.02
C TRP C 37 3.06 -30.67 7.02
N LEU C 38 4.17 -29.97 7.20
CA LEU C 38 4.53 -28.84 6.36
C LEU C 38 5.99 -28.95 5.96
N PHE C 39 6.27 -28.69 4.68
CA PHE C 39 7.64 -28.76 4.19
C PHE C 39 8.52 -27.67 4.81
N LEU C 40 9.68 -28.10 5.31
CA LEU C 40 10.70 -27.21 5.86
C LEU C 40 11.88 -27.04 4.90
N THR C 41 12.68 -28.07 4.72
CA THR C 41 13.80 -28.03 3.77
C THR C 41 14.23 -29.45 3.41
N HIS C 42 15.44 -29.56 2.82
CA HIS C 42 16.04 -30.83 2.41
C HIS C 42 17.42 -31.03 3.05
N ASP C 43 17.80 -32.30 3.21
CA ASP C 43 19.14 -32.65 3.69
C ASP C 43 20.21 -31.96 2.86
N SER C 44 19.97 -31.79 1.57
CA SER C 44 20.98 -31.27 0.66
C SER C 44 21.32 -29.82 0.92
N LEU C 45 20.51 -29.12 1.72
CA LEU C 45 20.68 -27.70 1.99
C LEU C 45 21.12 -27.39 3.43
N ILE C 46 20.93 -28.32 4.36
CA ILE C 46 21.57 -28.24 5.67
C ILE C 46 22.34 -29.53 5.97
N PRO C 47 23.48 -29.74 5.35
CA PRO C 47 24.17 -31.03 5.49
C PRO C 47 25.13 -31.07 6.68
N SER C 48 26.15 -30.21 6.68
CA SER C 48 27.12 -30.18 7.76
C SER C 48 26.43 -29.84 9.07
N PRO C 49 27.03 -30.22 10.20
CA PRO C 49 26.46 -29.78 11.49
C PRO C 49 26.54 -28.26 11.62
N GLY C 50 25.49 -27.68 12.22
CA GLY C 50 25.42 -26.25 12.39
C GLY C 50 24.72 -25.50 11.26
N ASP C 51 24.59 -26.12 10.09
CA ASP C 51 23.87 -25.51 8.99
C ASP C 51 22.39 -25.31 9.36
N TYR C 52 21.83 -24.15 8.99
CA TYR C 52 20.45 -23.84 9.32
C TYR C 52 19.79 -23.11 8.16
N VAL C 53 18.47 -23.26 8.05
CA VAL C 53 17.67 -22.36 7.22
C VAL C 53 16.45 -21.94 8.01
N THR C 54 15.81 -20.87 7.55
CA THR C 54 14.52 -20.48 8.08
C THR C 54 13.48 -20.78 7.03
N ALA C 55 12.34 -21.25 7.51
CA ALA C 55 11.25 -21.74 6.70
C ALA C 55 9.97 -21.40 7.40
N LYS C 56 8.90 -21.21 6.63
CA LYS C 56 7.61 -20.85 7.18
C LYS C 56 6.79 -22.10 7.44
N MET C 57 6.06 -22.11 8.55
CA MET C 57 5.08 -23.14 8.88
C MET C 57 3.73 -22.47 9.07
N GLY C 58 3.03 -22.24 7.97
CA GLY C 58 1.87 -21.37 8.00
C GLY C 58 2.32 -19.94 8.15
N LEU C 59 1.84 -19.27 9.20
CA LEU C 59 2.31 -17.92 9.48
C LEU C 59 3.62 -17.95 10.26
N ASP C 60 3.76 -18.93 11.17
CA ASP C 60 4.91 -18.99 12.06
C ASP C 60 6.19 -19.18 11.29
N GLU C 61 7.26 -18.53 11.74
CA GLU C 61 8.56 -18.74 11.12
C GLU C 61 9.37 -19.59 12.07
N VAL C 62 9.98 -20.64 11.56
CA VAL C 62 10.79 -21.53 12.37
C VAL C 62 12.21 -21.48 11.86
N ILE C 63 13.13 -21.68 12.80
CA ILE C 63 14.54 -21.87 12.54
C ILE C 63 14.80 -23.38 12.54
N VAL C 64 15.42 -23.91 11.47
CA VAL C 64 15.60 -25.36 11.24
C VAL C 64 17.09 -25.68 11.20
N SER C 65 17.58 -26.43 12.20
CA SER C 65 19.01 -26.50 12.47
C SER C 65 19.51 -27.94 12.47
N ARG C 66 20.65 -28.16 11.79
CA ARG C 66 21.33 -29.44 11.87
C ARG C 66 22.08 -29.57 13.18
N GLN C 67 21.81 -30.65 13.89
CA GLN C 67 22.42 -30.93 15.18
C GLN C 67 23.79 -31.55 15.01
N ASN C 68 24.57 -31.51 16.11
CA ASN C 68 25.89 -32.10 16.09
C ASN C 68 25.82 -33.63 16.04
N ASP C 69 24.81 -34.22 16.68
CA ASP C 69 24.65 -35.66 16.53
C ASP C 69 24.06 -36.05 15.19
N GLY C 70 24.05 -35.13 14.22
CA GLY C 70 23.46 -35.38 12.90
C GLY C 70 21.96 -35.24 12.82
N SER C 71 21.27 -35.05 13.95
CA SER C 71 19.83 -34.95 14.01
C SER C 71 19.37 -33.69 13.27
N VAL C 72 18.05 -33.41 13.28
CA VAL C 72 17.54 -32.11 12.83
C VAL C 72 16.48 -31.64 13.84
N ARG C 73 16.54 -30.35 14.22
CA ARG C 73 15.50 -29.77 15.08
C ARG C 73 15.11 -28.38 14.60
N ALA C 74 13.88 -27.99 14.92
CA ALA C 74 13.29 -26.73 14.45
C ALA C 74 12.56 -25.99 15.57
N PHE C 75 12.79 -24.68 15.68
CA PHE C 75 12.26 -23.84 16.75
C PHE C 75 11.67 -22.57 16.16
N LEU C 76 10.73 -21.98 16.88
CA LEU C 76 10.14 -20.71 16.47
C LEU C 76 11.21 -19.62 16.41
N ASN C 77 11.21 -18.82 15.35
CA ASN C 77 12.20 -17.75 15.30
C ASN C 77 11.71 -16.56 16.15
N VAL C 78 11.36 -16.83 17.41
CA VAL C 78 10.98 -15.82 18.39
C VAL C 78 11.71 -16.07 19.71
N CYS C 79 12.06 -14.99 20.39
CA CYS C 79 12.82 -15.07 21.62
C CYS C 79 11.90 -15.24 22.83
N ARG C 80 12.48 -15.73 23.93
CA ARG C 80 11.70 -16.05 25.12
C ARG C 80 11.54 -14.90 26.08
N HIS C 81 12.32 -13.84 25.89
CA HIS C 81 12.31 -12.70 26.80
C HIS C 81 11.25 -11.67 26.39
N ARG C 82 11.59 -10.76 25.46
CA ARG C 82 10.59 -9.81 25.01
C ARG C 82 10.03 -10.14 23.61
N GLY C 83 10.42 -11.26 23.00
CA GLY C 83 9.76 -11.74 21.81
C GLY C 83 10.33 -11.28 20.49
N LYS C 84 11.54 -10.75 20.46
CA LYS C 84 12.13 -10.34 19.20
C LYS C 84 12.34 -11.54 18.28
N THR C 85 12.51 -11.26 17.00
CA THR C 85 12.99 -12.26 16.07
C THR C 85 14.50 -12.42 16.22
N ILE C 86 14.98 -13.66 16.23
CA ILE C 86 16.36 -13.92 16.61
C ILE C 86 17.29 -13.98 15.41
N VAL C 87 16.94 -14.74 14.37
CA VAL C 87 17.80 -14.93 13.19
C VAL C 87 17.14 -14.25 11.99
N HIS C 88 17.89 -13.37 11.32
CA HIS C 88 17.39 -12.63 10.15
C HIS C 88 18.03 -13.10 8.85
N ALA C 89 18.68 -14.26 8.85
CA ALA C 89 19.23 -14.80 7.62
C ALA C 89 18.31 -15.91 7.11
N GLU C 90 18.30 -16.11 5.80
CA GLU C 90 17.51 -17.21 5.26
C GLU C 90 18.25 -18.54 5.45
N ALA C 91 19.57 -18.52 5.29
CA ALA C 91 20.42 -19.66 5.48
C ALA C 91 21.73 -19.23 6.10
N GLY C 92 22.44 -20.21 6.65
CA GLY C 92 23.78 -19.97 7.14
C GLY C 92 24.27 -21.18 7.89
N ASN C 93 25.35 -20.96 8.63
CA ASN C 93 25.93 -21.98 9.49
C ASN C 93 26.38 -21.30 10.78
N ALA C 94 25.83 -21.72 11.91
CA ALA C 94 25.94 -20.95 13.14
C ALA C 94 26.50 -21.76 14.30
N LYS C 95 27.40 -21.14 15.09
CA LYS C 95 27.77 -21.74 16.37
C LYS C 95 26.67 -21.54 17.42
N GLY C 96 25.75 -20.64 17.17
CA GLY C 96 24.58 -20.46 18.01
C GLY C 96 23.77 -19.31 17.47
N PHE C 97 22.69 -18.99 18.19
CA PHE C 97 21.78 -17.92 17.78
C PHE C 97 21.68 -16.87 18.88
N VAL C 98 22.22 -15.68 18.61
CA VAL C 98 22.15 -14.57 19.55
C VAL C 98 21.06 -13.61 19.12
N CYS C 99 20.22 -13.18 20.06
CA CYS C 99 19.14 -12.25 19.81
C CYS C 99 19.57 -10.84 20.23
N ASN C 100 19.75 -9.94 19.27
CA ASN C 100 20.45 -8.68 19.54
C ASN C 100 19.56 -7.57 20.09
N TYR C 101 18.59 -7.89 20.94
CA TYR C 101 17.95 -6.86 21.76
C TYR C 101 18.73 -6.64 23.07
N HIS C 102 18.90 -7.68 23.88
CA HIS C 102 19.72 -7.59 25.08
C HIS C 102 20.90 -8.54 25.10
N GLY C 103 20.98 -9.49 24.18
CA GLY C 103 22.13 -10.34 24.07
C GLY C 103 21.90 -11.78 24.43
N TRP C 104 20.65 -12.17 24.68
CA TRP C 104 20.41 -13.57 25.04
C TRP C 104 20.97 -14.49 23.96
N GLY C 105 21.65 -15.55 24.43
CA GLY C 105 22.34 -16.50 23.59
C GLY C 105 21.71 -17.88 23.67
N TYR C 106 21.46 -18.50 22.52
CA TYR C 106 20.81 -19.81 22.40
C TYR C 106 21.77 -20.77 21.73
N GLY C 107 21.64 -22.06 22.08
CA GLY C 107 22.36 -23.09 21.38
C GLY C 107 21.67 -23.49 20.09
N THR C 108 22.41 -24.18 19.20
CA THR C 108 21.79 -24.69 17.99
C THR C 108 20.74 -25.74 18.32
N ASN C 109 20.58 -26.03 19.60
CA ASN C 109 19.66 -27.02 20.09
C ASN C 109 18.45 -26.39 20.76
N GLY C 110 18.36 -25.07 20.71
CA GLY C 110 17.21 -24.39 21.24
C GLY C 110 17.29 -24.03 22.70
N GLU C 111 18.27 -24.60 23.40
CA GLU C 111 18.41 -24.30 24.83
C GLU C 111 19.01 -22.92 25.04
N LEU C 112 18.50 -22.23 26.06
CA LEU C 112 19.03 -20.94 26.46
C LEU C 112 20.37 -21.14 27.17
N GLN C 113 21.45 -20.66 26.54
CA GLN C 113 22.80 -20.98 26.97
C GLN C 113 23.51 -19.86 27.72
N SER C 114 23.16 -18.59 27.52
CA SER C 114 23.90 -17.52 28.20
C SER C 114 23.07 -16.25 28.25
N VAL C 115 22.88 -15.72 29.45
CA VAL C 115 22.14 -14.48 29.66
C VAL C 115 23.13 -13.44 30.21
N PRO C 116 23.33 -12.31 29.53
CA PRO C 116 24.18 -11.27 30.11
C PRO C 116 23.72 -10.94 31.53
N PHE C 117 24.71 -10.66 32.41
CA PHE C 117 24.46 -10.17 33.77
C PHE C 117 23.55 -11.13 34.56
N GLU C 118 23.73 -12.44 34.35
CA GLU C 118 22.82 -13.39 35.00
C GLU C 118 22.91 -13.29 36.51
N LYS C 119 24.12 -13.52 37.06
CA LYS C 119 24.34 -13.47 38.51
C LYS C 119 23.97 -12.11 39.08
N GLU C 120 24.43 -11.03 38.45
CA GLU C 120 24.18 -9.66 38.91
C GLU C 120 22.68 -9.34 38.98
N LEU C 121 22.01 -9.33 37.83
CA LEU C 121 20.66 -8.78 37.69
C LEU C 121 19.53 -9.82 37.73
N TYR C 122 19.75 -11.03 37.20
CA TYR C 122 18.62 -11.97 37.21
C TYR C 122 18.60 -12.83 38.47
N GLY C 123 19.74 -13.36 38.88
CA GLY C 123 19.81 -14.24 40.05
C GLY C 123 18.83 -15.40 40.04
N ASP C 124 17.91 -15.41 40.99
CA ASP C 124 16.96 -16.50 41.12
C ASP C 124 15.72 -16.31 40.28
N ALA C 125 15.48 -15.13 39.73
CA ALA C 125 14.26 -14.92 38.95
C ALA C 125 14.31 -15.63 37.58
N ILE C 126 15.44 -16.19 37.21
CA ILE C 126 15.59 -16.85 35.92
C ILE C 126 16.10 -18.26 36.12
N LYS C 127 15.39 -19.23 35.56
CA LYS C 127 15.80 -20.60 35.72
C LYS C 127 16.65 -21.12 34.60
N LYS C 128 16.57 -20.48 33.45
CA LYS C 128 17.31 -20.79 32.20
C LYS C 128 16.91 -22.04 31.40
N LYS C 129 16.70 -23.13 32.09
CA LYS C 129 16.33 -24.39 31.53
C LYS C 129 14.87 -24.43 31.24
N CYS C 130 14.13 -23.42 31.63
CA CYS C 130 12.75 -23.43 31.34
C CYS C 130 12.49 -22.46 30.22
N LEU C 131 13.55 -21.95 29.64
CA LEU C 131 13.44 -20.88 28.66
C LEU C 131 14.06 -21.25 27.31
N GLY C 132 13.82 -22.46 26.83
CA GLY C 132 14.23 -22.78 25.47
C GLY C 132 13.19 -22.33 24.45
N LEU C 133 13.69 -22.09 23.23
CA LEU C 133 12.83 -21.74 22.10
C LEU C 133 11.69 -22.75 21.98
N LYS C 134 10.53 -22.29 21.52
CA LYS C 134 9.41 -23.22 21.32
C LYS C 134 9.73 -24.16 20.18
N GLU C 135 9.86 -25.44 20.50
CA GLU C 135 10.39 -26.44 19.58
C GLU C 135 9.26 -27.13 18.84
N VAL C 136 9.49 -27.36 17.55
CA VAL C 136 8.61 -28.19 16.72
C VAL C 136 8.68 -29.61 17.28
N PRO C 137 7.56 -30.21 17.66
CA PRO C 137 7.65 -31.50 18.35
C PRO C 137 7.96 -32.66 17.42
N ARG C 138 7.44 -32.61 16.19
CA ARG C 138 7.46 -33.72 15.23
C ARG C 138 8.12 -33.26 13.95
N ILE C 139 9.28 -33.85 13.62
CA ILE C 139 9.90 -33.64 12.32
C ILE C 139 10.43 -34.96 11.76
N GLU C 140 10.04 -35.30 10.51
CA GLU C 140 10.34 -36.57 9.83
C GLU C 140 10.78 -36.29 8.39
N SER C 141 11.12 -37.33 7.66
CA SER C 141 11.86 -37.17 6.42
C SER C 141 11.33 -38.14 5.38
N PHE C 142 11.52 -37.81 4.10
CA PHE C 142 11.08 -38.68 3.01
C PHE C 142 12.15 -38.59 1.92
N HIS C 143 13.09 -39.51 1.94
CA HIS C 143 14.17 -39.57 0.95
C HIS C 143 14.79 -38.20 0.72
N GLY C 144 15.03 -37.51 1.83
CA GLY C 144 15.77 -36.26 1.88
C GLY C 144 14.92 -35.04 2.18
N PHE C 145 13.63 -35.11 1.97
CA PHE C 145 12.74 -33.98 2.14
C PHE C 145 12.23 -33.97 3.58
N ILE C 146 12.54 -32.89 4.32
CA ILE C 146 12.28 -32.80 5.76
C ILE C 146 10.99 -32.03 6.02
N TYR C 147 10.08 -32.62 6.81
CA TYR C 147 8.77 -32.07 7.09
C TYR C 147 8.57 -31.94 8.59
N GLY C 148 7.93 -30.82 9.01
CA GLY C 148 7.59 -30.52 10.39
C GLY C 148 6.10 -30.49 10.72
N CYS C 149 5.78 -30.67 11.99
CA CYS C 149 4.41 -30.56 12.40
C CYS C 149 4.35 -30.12 13.86
N PHE C 150 3.40 -29.23 14.18
CA PHE C 150 3.23 -28.73 15.53
C PHE C 150 2.29 -29.55 16.39
N ASP C 151 1.57 -30.52 15.81
CA ASP C 151 0.74 -31.44 16.59
C ASP C 151 1.50 -32.74 16.77
N ALA C 152 1.67 -33.16 18.01
CA ALA C 152 2.37 -34.40 18.24
C ALA C 152 1.48 -35.61 18.06
N GLU C 153 0.15 -35.43 18.17
CA GLU C 153 -0.73 -36.57 17.93
C GLU C 153 -0.85 -36.93 16.44
N ALA C 154 -0.11 -36.24 15.58
CA ALA C 154 -0.26 -36.48 14.17
C ALA C 154 0.30 -37.86 13.80
N PRO C 155 -0.29 -38.49 12.81
CA PRO C 155 0.25 -39.75 12.27
C PRO C 155 1.65 -39.53 11.71
N PRO C 156 2.45 -40.59 11.60
CA PRO C 156 3.78 -40.43 11.01
C PRO C 156 3.64 -39.90 9.60
N LEU C 157 4.70 -39.23 9.15
CA LEU C 157 4.74 -38.67 7.81
C LEU C 157 4.38 -39.73 6.77
N ILE C 158 4.99 -40.92 6.88
CA ILE C 158 4.80 -41.90 5.82
C ILE C 158 3.36 -42.36 5.76
N ASP C 159 2.73 -42.56 6.91
CA ASP C 159 1.31 -42.89 6.89
C ASP C 159 0.49 -41.73 6.32
N TYR C 160 0.81 -40.50 6.75
CA TYR C 160 0.12 -39.31 6.28
C TYR C 160 0.17 -39.24 4.76
N LEU C 161 1.31 -39.59 4.18
CA LEU C 161 1.43 -39.61 2.73
C LEU C 161 0.52 -40.64 2.07
N GLY C 162 -0.06 -41.55 2.85
CA GLY C 162 -1.06 -42.54 2.40
C GLY C 162 -0.76 -43.25 1.10
N ASP C 163 -1.78 -43.44 0.30
CA ASP C 163 -1.58 -44.19 -0.93
C ASP C 163 -0.78 -43.38 -1.98
N ALA C 164 -0.27 -42.20 -1.64
CA ALA C 164 0.45 -41.41 -2.61
C ALA C 164 1.94 -41.69 -2.63
N ALA C 165 2.51 -42.10 -1.50
CA ALA C 165 3.92 -42.46 -1.47
C ALA C 165 4.26 -43.42 -2.61
N TRP C 166 3.35 -44.35 -2.87
CA TRP C 166 3.60 -45.36 -3.90
C TRP C 166 3.88 -44.76 -5.28
N TYR C 167 3.11 -43.73 -5.67
CA TYR C 167 3.38 -43.16 -6.98
C TYR C 167 4.64 -42.30 -6.94
N MET C 168 4.95 -41.76 -5.75
CA MET C 168 6.09 -40.86 -5.62
C MET C 168 7.39 -41.61 -5.60
N GLU C 169 7.36 -42.85 -5.13
CA GLU C 169 8.59 -43.56 -4.81
C GLU C 169 9.49 -43.81 -6.00
N PRO C 170 9.01 -44.22 -7.18
CA PRO C 170 9.95 -44.34 -8.31
C PRO C 170 10.80 -43.10 -8.50
N THR C 171 10.27 -41.91 -8.26
CA THR C 171 11.11 -40.75 -8.49
C THR C 171 11.82 -40.32 -7.23
N PHE C 172 11.18 -40.45 -6.06
CA PHE C 172 11.82 -39.98 -4.83
C PHE C 172 12.81 -40.98 -4.26
N LYS C 173 12.63 -42.27 -4.54
CA LYS C 173 13.45 -43.33 -3.96
C LYS C 173 14.29 -44.03 -5.02
N HIS C 174 13.67 -44.75 -5.94
CA HIS C 174 14.40 -45.66 -6.82
C HIS C 174 15.26 -44.93 -7.87
N SER C 175 15.21 -43.62 -7.94
CA SER C 175 16.07 -42.91 -8.86
C SER C 175 17.48 -42.81 -8.36
N GLY C 176 17.74 -43.25 -7.14
CA GLY C 176 18.98 -42.96 -6.49
C GLY C 176 18.84 -41.84 -5.50
N GLY C 177 17.76 -41.09 -5.61
CA GLY C 177 17.40 -40.03 -4.70
C GLY C 177 17.67 -38.66 -5.30
N LEU C 178 16.98 -37.67 -4.73
CA LEU C 178 17.02 -36.27 -5.15
C LEU C 178 17.74 -35.38 -4.14
N GLU C 179 18.46 -34.39 -4.68
CA GLU C 179 18.87 -33.21 -3.93
C GLU C 179 18.07 -31.99 -4.39
N LEU C 180 17.76 -31.10 -3.46
CA LEU C 180 17.01 -29.86 -3.70
C LEU C 180 17.97 -28.71 -3.91
N VAL C 181 17.71 -27.89 -4.93
CA VAL C 181 18.67 -26.84 -5.32
C VAL C 181 18.21 -25.47 -4.85
N GLY C 182 19.00 -24.86 -3.98
CA GLY C 182 18.70 -23.54 -3.47
C GLY C 182 19.50 -22.47 -4.16
N PRO C 183 19.17 -21.20 -3.91
CA PRO C 183 18.08 -20.88 -3.00
C PRO C 183 16.77 -20.95 -3.76
N PRO C 184 15.65 -20.97 -3.06
CA PRO C 184 14.37 -20.97 -3.75
C PRO C 184 14.06 -19.58 -4.28
N GLY C 185 13.17 -19.55 -5.26
CA GLY C 185 12.59 -18.31 -5.69
C GLY C 185 11.44 -17.93 -4.78
N LYS C 186 11.25 -16.63 -4.60
CA LYS C 186 10.25 -16.14 -3.68
C LYS C 186 9.46 -15.03 -4.35
N VAL C 187 8.13 -15.18 -4.44
CA VAL C 187 7.22 -14.17 -4.99
C VAL C 187 5.88 -14.17 -4.28
N VAL C 188 5.30 -13.00 -4.24
CA VAL C 188 3.95 -12.78 -3.73
C VAL C 188 3.01 -12.81 -4.91
N VAL C 189 1.89 -13.50 -4.76
CA VAL C 189 0.83 -13.38 -5.75
C VAL C 189 -0.47 -13.25 -4.98
N LYS C 190 -1.37 -12.37 -5.47
CA LYS C 190 -2.58 -12.06 -4.72
C LYS C 190 -3.60 -13.13 -5.03
N ALA C 191 -3.46 -14.27 -4.35
CA ALA C 191 -4.40 -15.38 -4.51
C ALA C 191 -4.30 -16.27 -3.30
N ASN C 192 -5.45 -16.80 -2.86
CA ASN C 192 -5.46 -17.69 -1.72
C ASN C 192 -4.70 -18.98 -2.03
N TRP C 193 -4.06 -19.54 -1.01
CA TRP C 193 -3.14 -20.66 -1.24
C TRP C 193 -3.87 -21.89 -1.82
N LYS C 194 -5.11 -22.14 -1.38
CA LYS C 194 -5.84 -23.33 -1.83
C LYS C 194 -6.00 -23.37 -3.35
N THR C 195 -5.94 -22.21 -4.01
CA THR C 195 -6.03 -22.18 -5.46
C THR C 195 -4.79 -22.81 -6.07
N PHE C 196 -3.62 -22.64 -5.46
CA PHE C 196 -2.48 -23.34 -6.04
C PHE C 196 -2.48 -24.82 -5.65
N ALA C 197 -2.78 -25.10 -4.38
CA ALA C 197 -2.98 -26.48 -3.97
C ALA C 197 -3.90 -27.19 -4.96
N GLU C 198 -5.10 -26.62 -5.20
CA GLU C 198 -6.03 -27.34 -6.05
C GLU C 198 -5.56 -27.40 -7.49
N ASN C 199 -4.89 -26.37 -7.97
CA ASN C 199 -4.40 -26.43 -9.34
C ASN C 199 -3.42 -27.55 -9.49
N PHE C 200 -2.53 -27.72 -8.52
CA PHE C 200 -1.49 -28.71 -8.69
C PHE C 200 -1.92 -30.14 -8.33
N VAL C 201 -2.91 -30.34 -7.46
CA VAL C 201 -3.36 -31.71 -7.16
C VAL C 201 -3.95 -32.45 -8.36
N GLY C 202 -4.17 -31.80 -9.50
CA GLY C 202 -4.73 -32.55 -10.60
C GLY C 202 -5.36 -31.78 -11.74
N ASP C 203 -5.01 -30.50 -11.87
CA ASP C 203 -5.51 -29.72 -12.99
C ASP C 203 -4.61 -29.95 -14.20
N ILE C 204 -4.94 -31.00 -14.94
CA ILE C 204 -4.41 -31.18 -16.29
C ILE C 204 -5.41 -30.62 -17.28
N TYR C 205 -6.68 -30.50 -16.89
CA TYR C 205 -7.70 -29.91 -17.75
C TYR C 205 -7.27 -28.55 -18.32
N HIS C 206 -6.48 -27.77 -17.55
CA HIS C 206 -6.12 -26.43 -18.01
C HIS C 206 -4.94 -26.41 -18.98
N VAL C 207 -4.14 -27.47 -19.05
CA VAL C 207 -2.86 -27.34 -19.74
C VAL C 207 -3.10 -26.91 -21.18
N GLY C 208 -4.12 -27.50 -21.82
CA GLY C 208 -4.32 -27.27 -23.23
C GLY C 208 -4.82 -25.89 -23.59
N TRP C 209 -5.60 -25.27 -22.70
CA TRP C 209 -6.20 -23.97 -23.00
C TRP C 209 -5.45 -22.80 -22.36
N THR C 210 -5.39 -22.77 -21.02
CA THR C 210 -4.64 -21.73 -20.33
C THR C 210 -3.26 -21.56 -20.92
N HIS C 211 -2.53 -22.67 -21.09
CA HIS C 211 -1.13 -22.68 -21.47
C HIS C 211 -0.95 -22.86 -22.97
N ALA C 212 -1.96 -22.52 -23.77
CA ALA C 212 -1.91 -22.74 -25.22
C ALA C 212 -0.71 -22.08 -25.89
N SER C 213 -0.27 -20.94 -25.39
CA SER C 213 0.73 -20.15 -26.10
C SER C 213 2.13 -20.76 -26.00
N ILE C 214 2.61 -21.05 -24.79
CA ILE C 214 3.97 -21.63 -24.70
C ILE C 214 4.02 -23.05 -25.27
N LEU C 215 2.90 -23.78 -25.31
CA LEU C 215 2.87 -25.07 -25.99
C LEU C 215 3.18 -24.91 -27.47
N ARG C 216 2.52 -23.95 -28.12
CA ARG C 216 2.80 -23.64 -29.53
C ARG C 216 4.24 -23.18 -29.72
N VAL C 217 4.77 -22.44 -28.76
CA VAL C 217 6.02 -21.71 -28.96
C VAL C 217 7.23 -22.38 -28.33
N GLY C 218 7.02 -23.26 -27.35
CA GLY C 218 8.13 -23.91 -26.65
C GLY C 218 8.23 -25.38 -27.00
N GLN C 219 7.14 -25.94 -27.51
CA GLN C 219 7.12 -27.32 -27.99
C GLN C 219 7.56 -28.29 -26.91
N SER C 220 6.99 -28.10 -25.72
CA SER C 220 7.01 -29.09 -24.65
C SER C 220 6.54 -30.43 -25.17
N VAL C 221 6.90 -31.50 -24.48
CA VAL C 221 6.40 -32.83 -24.84
C VAL C 221 4.90 -32.87 -24.57
N PHE C 222 4.35 -31.78 -24.03
CA PHE C 222 2.92 -31.64 -23.77
C PHE C 222 2.13 -31.03 -24.93
N THR C 223 2.80 -30.60 -26.00
CA THR C 223 2.12 -30.00 -27.13
C THR C 223 0.90 -30.76 -27.63
N PRO C 224 0.85 -32.13 -27.60
CA PRO C 224 -0.40 -32.81 -27.99
C PRO C 224 -1.60 -32.52 -27.10
N LEU C 225 -1.82 -31.26 -26.74
CA LEU C 225 -2.96 -30.87 -25.94
C LEU C 225 -3.42 -29.47 -26.34
N ALA C 226 -2.61 -28.82 -27.16
CA ALA C 226 -2.84 -27.42 -27.54
C ALA C 226 -4.29 -27.23 -27.99
N GLY C 227 -4.89 -26.16 -27.49
CA GLY C 227 -6.27 -25.83 -27.77
C GLY C 227 -7.30 -26.71 -27.10
N ASN C 228 -6.89 -27.61 -26.19
CA ASN C 228 -7.80 -28.65 -25.67
C ASN C 228 -8.54 -29.33 -26.83
N ALA C 229 -7.79 -29.58 -27.91
CA ALA C 229 -8.35 -30.13 -29.14
C ALA C 229 -8.62 -31.63 -29.00
N MET C 230 -7.52 -32.40 -28.97
CA MET C 230 -7.55 -33.84 -28.85
C MET C 230 -6.64 -34.37 -27.73
N LEU C 231 -7.28 -34.96 -26.73
CA LEU C 231 -6.67 -35.62 -25.60
C LEU C 231 -5.86 -36.76 -26.16
N PRO C 232 -4.67 -37.03 -25.61
CA PRO C 232 -4.00 -38.27 -25.92
C PRO C 232 -4.92 -39.41 -25.51
N PRO C 233 -5.18 -40.40 -26.32
CA PRO C 233 -6.27 -41.33 -26.02
C PRO C 233 -6.17 -41.92 -24.64
N GLU C 234 -7.17 -42.60 -24.07
CA GLU C 234 -6.98 -43.15 -22.71
C GLU C 234 -5.95 -44.26 -22.65
N GLY C 235 -4.77 -43.89 -22.18
CA GLY C 235 -3.51 -44.44 -22.57
C GLY C 235 -2.83 -43.11 -22.54
N SER C 236 -3.46 -42.33 -21.69
CA SER C 236 -3.18 -40.93 -21.40
C SER C 236 -2.57 -40.81 -20.01
N GLY C 237 -3.40 -41.07 -19.01
CA GLY C 237 -2.92 -41.12 -17.64
C GLY C 237 -4.10 -41.30 -16.69
N LEU C 238 -3.80 -41.12 -15.41
CA LEU C 238 -4.73 -41.30 -14.31
C LEU C 238 -4.50 -40.23 -13.25
N GLN C 239 -5.34 -40.22 -12.25
CA GLN C 239 -5.21 -39.28 -11.16
C GLN C 239 -5.66 -40.01 -9.91
N MET C 240 -5.13 -39.58 -8.78
CA MET C 240 -5.21 -40.37 -7.57
C MET C 240 -5.36 -39.45 -6.35
N THR C 241 -6.01 -39.95 -5.30
CA THR C 241 -6.13 -39.21 -4.05
C THR C 241 -5.99 -40.14 -2.85
N SER C 242 -5.66 -39.55 -1.70
CA SER C 242 -5.35 -40.27 -0.49
C SER C 242 -6.25 -39.87 0.67
N LYS C 243 -6.26 -40.71 1.71
CA LYS C 243 -7.01 -40.43 2.93
C LYS C 243 -6.58 -39.12 3.60
N TYR C 244 -5.27 -38.84 3.60
CA TYR C 244 -4.77 -37.61 4.21
C TYR C 244 -4.53 -36.52 3.17
N GLY C 245 -5.46 -36.40 2.23
CA GLY C 245 -5.51 -35.23 1.39
C GLY C 245 -4.61 -35.22 0.17
N SER C 246 -3.41 -35.78 0.23
CA SER C 246 -2.49 -35.60 -0.88
C SER C 246 -2.95 -36.38 -2.11
N GLY C 247 -2.70 -35.81 -3.29
CA GLY C 247 -3.16 -36.39 -4.53
C GLY C 247 -2.23 -35.98 -5.65
N MET C 248 -2.48 -36.52 -6.85
CA MET C 248 -1.65 -36.22 -8.00
C MET C 248 -2.26 -36.78 -9.29
N SER C 249 -1.76 -36.26 -10.40
CA SER C 249 -2.16 -36.68 -11.74
C SER C 249 -0.95 -37.22 -12.47
N LEU C 250 -1.11 -38.39 -13.09
CA LEU C 250 -0.04 -39.12 -13.74
C LEU C 250 -0.21 -39.08 -15.26
N MET C 251 0.83 -38.65 -15.96
CA MET C 251 0.85 -38.57 -17.43
C MET C 251 2.05 -39.33 -17.98
N TRP C 252 1.76 -40.44 -18.67
CA TRP C 252 2.75 -41.43 -19.07
C TRP C 252 3.81 -40.88 -20.03
N ASP C 253 5.06 -41.22 -19.76
CA ASP C 253 6.21 -41.02 -20.63
C ASP C 253 6.56 -39.55 -20.87
N TYR C 254 5.86 -38.58 -20.25
CA TYR C 254 6.22 -37.16 -20.40
C TYR C 254 7.25 -36.76 -19.33
N TYR C 255 8.47 -37.29 -19.50
CA TYR C 255 9.51 -37.03 -18.50
C TYR C 255 10.03 -35.61 -18.56
N ALA C 256 10.05 -34.98 -19.73
CA ALA C 256 10.59 -33.63 -19.79
C ALA C 256 9.50 -32.58 -19.62
N GLY C 257 8.43 -32.96 -18.90
CA GLY C 257 7.23 -32.17 -18.62
C GLY C 257 7.07 -30.88 -19.40
N ASN C 258 6.99 -29.77 -18.68
CA ASN C 258 6.67 -28.51 -19.31
C ASN C 258 7.85 -27.88 -20.04
N HIS C 259 8.98 -28.54 -20.12
CA HIS C 259 10.17 -27.83 -20.57
C HIS C 259 10.24 -27.67 -22.07
N SER C 260 10.94 -26.62 -22.47
CA SER C 260 11.06 -26.17 -23.84
C SER C 260 12.17 -26.96 -24.54
N ALA C 261 12.11 -26.92 -25.87
CA ALA C 261 12.79 -27.90 -26.70
C ALA C 261 14.31 -27.90 -26.52
N ASP C 262 14.91 -26.86 -25.96
CA ASP C 262 16.37 -26.86 -25.80
C ASP C 262 16.84 -27.99 -24.88
N LEU C 263 16.06 -28.32 -23.85
CA LEU C 263 16.39 -29.37 -22.90
C LEU C 263 15.78 -30.72 -23.28
N VAL C 264 14.57 -30.70 -23.84
CA VAL C 264 13.75 -31.89 -24.10
C VAL C 264 14.55 -33.07 -24.63
N PRO C 265 15.48 -32.90 -25.58
CA PRO C 265 16.24 -34.09 -26.03
C PRO C 265 17.03 -34.76 -24.92
N ASP C 266 17.90 -34.00 -24.24
CA ASP C 266 18.82 -34.57 -23.26
C ASP C 266 18.08 -35.11 -22.05
N LEU C 267 17.01 -34.44 -21.63
CA LEU C 267 16.29 -34.89 -20.46
C LEU C 267 15.65 -36.24 -20.70
N MET C 268 15.06 -36.42 -21.88
CA MET C 268 14.40 -37.67 -22.23
C MET C 268 15.38 -38.78 -22.53
N ALA C 269 16.49 -38.45 -23.19
CA ALA C 269 17.62 -39.38 -23.31
C ALA C 269 18.03 -39.91 -21.94
N PHE C 270 18.41 -39.01 -21.04
CA PHE C 270 18.88 -39.44 -19.72
C PHE C 270 17.80 -40.23 -18.98
N GLY C 271 16.55 -39.87 -19.16
CA GLY C 271 15.58 -40.45 -18.26
C GLY C 271 15.13 -41.79 -18.76
N GLY C 272 15.31 -42.02 -20.06
CA GLY C 272 15.03 -43.32 -20.65
C GLY C 272 16.13 -44.32 -20.35
N ALA C 273 17.38 -43.86 -20.39
CA ALA C 273 18.51 -44.68 -19.96
C ALA C 273 18.23 -45.30 -18.60
N LYS C 274 17.93 -44.46 -17.60
CA LYS C 274 17.66 -44.97 -16.27
C LYS C 274 16.41 -45.84 -16.25
N GLN C 275 15.49 -45.61 -17.18
CA GLN C 275 14.25 -46.37 -17.20
C GLN C 275 14.48 -47.86 -17.48
N GLU C 276 15.47 -48.18 -18.34
CA GLU C 276 15.92 -49.54 -18.64
C GLU C 276 16.30 -50.24 -17.33
N LYS C 277 17.37 -49.69 -16.75
CA LYS C 277 17.90 -50.20 -15.50
C LYS C 277 16.81 -50.31 -14.46
N LEU C 278 15.97 -49.28 -14.33
CA LEU C 278 14.97 -49.35 -13.28
C LEU C 278 14.01 -50.52 -13.45
N ALA C 279 13.71 -50.93 -14.69
CA ALA C 279 12.68 -51.96 -14.88
C ALA C 279 13.15 -53.32 -14.37
N LYS C 280 14.42 -53.67 -14.61
CA LYS C 280 14.99 -54.89 -14.05
C LYS C 280 14.97 -54.87 -12.53
N GLU C 281 15.19 -53.70 -11.92
CA GLU C 281 15.17 -53.65 -10.47
C GLU C 281 13.75 -53.55 -9.93
N ILE C 282 12.88 -52.77 -10.56
CA ILE C 282 11.58 -52.47 -9.98
C ILE C 282 10.40 -52.93 -10.83
N GLY C 283 10.62 -53.35 -12.08
CA GLY C 283 9.52 -53.89 -12.87
C GLY C 283 8.99 -52.90 -13.89
N ASP C 284 8.08 -53.39 -14.74
CA ASP C 284 7.69 -52.61 -15.91
C ASP C 284 6.87 -51.37 -15.53
N VAL C 285 5.81 -51.55 -14.75
CA VAL C 285 4.92 -50.45 -14.43
C VAL C 285 5.68 -49.34 -13.73
N ARG C 286 6.35 -49.68 -12.63
CA ARG C 286 6.94 -48.67 -11.75
C ARG C 286 8.12 -47.98 -12.37
N ALA C 287 8.88 -48.64 -13.22
CA ALA C 287 9.95 -47.93 -13.92
C ALA C 287 9.41 -46.96 -14.96
N ARG C 288 8.20 -47.21 -15.50
CA ARG C 288 7.57 -46.25 -16.41
C ARG C 288 7.15 -44.97 -15.66
N ILE C 289 6.40 -45.13 -14.57
CA ILE C 289 6.09 -44.04 -13.65
C ILE C 289 7.30 -43.15 -13.39
N TYR C 290 8.47 -43.72 -13.12
CA TYR C 290 9.66 -42.91 -12.94
C TYR C 290 9.84 -41.91 -14.08
N ARG C 291 9.74 -42.37 -15.33
CA ARG C 291 9.94 -41.53 -16.51
C ARG C 291 8.62 -40.89 -16.98
N SER C 292 7.60 -40.93 -16.14
CA SER C 292 6.36 -40.24 -16.40
C SER C 292 6.34 -38.95 -15.59
N HIS C 293 5.22 -38.24 -15.70
CA HIS C 293 5.08 -36.90 -15.15
C HIS C 293 3.99 -36.88 -14.09
N LEU C 294 4.37 -36.61 -12.83
CA LEU C 294 3.40 -36.35 -11.78
C LEU C 294 3.28 -34.86 -11.50
N ASN C 295 2.06 -34.40 -11.29
CA ASN C 295 1.76 -33.10 -10.70
C ASN C 295 0.88 -33.36 -9.51
N GLY C 296 1.27 -32.85 -8.35
CA GLY C 296 0.55 -33.25 -7.15
C GLY C 296 0.84 -32.33 -6.00
N THR C 297 -0.02 -32.42 -5.00
CA THR C 297 0.12 -31.63 -3.78
C THR C 297 0.16 -32.57 -2.58
N ILE C 298 1.25 -32.48 -1.82
CA ILE C 298 1.29 -33.02 -0.47
C ILE C 298 0.59 -32.02 0.44
N PHE C 299 -0.45 -32.49 1.07
CA PHE C 299 -1.29 -31.67 1.92
C PHE C 299 -0.46 -30.91 2.94
N PRO C 300 -0.93 -29.74 3.40
CA PRO C 300 -1.98 -28.95 2.75
C PRO C 300 -1.44 -28.10 1.63
N ASN C 301 -0.15 -27.72 1.69
CA ASN C 301 0.31 -26.64 0.83
C ASN C 301 1.68 -26.90 0.20
N ASN C 302 2.03 -28.16 -0.10
CA ASN C 302 3.32 -28.48 -0.73
C ASN C 302 3.06 -29.17 -2.05
N SER C 303 3.59 -28.62 -3.15
CA SER C 303 3.32 -29.16 -4.47
C SER C 303 4.61 -29.50 -5.21
N PHE C 304 4.52 -30.49 -6.09
CA PHE C 304 5.68 -30.93 -6.86
C PHE C 304 5.27 -31.19 -8.30
N LEU C 305 6.29 -31.21 -9.18
CA LEU C 305 6.15 -31.61 -10.58
C LEU C 305 7.33 -32.50 -10.92
N THR C 306 7.10 -33.82 -10.95
CA THR C 306 8.17 -34.71 -11.40
C THR C 306 8.45 -34.47 -12.87
N GLY C 307 9.65 -34.79 -13.28
CA GLY C 307 9.95 -34.57 -14.68
C GLY C 307 10.21 -33.14 -15.04
N SER C 308 9.23 -32.25 -14.81
CA SER C 308 9.51 -30.82 -14.88
C SER C 308 10.43 -30.41 -13.75
N ALA C 309 10.39 -31.15 -12.63
CA ALA C 309 11.41 -31.05 -11.58
C ALA C 309 11.24 -29.79 -10.73
N ALA C 310 10.00 -29.43 -10.40
CA ALA C 310 9.75 -28.27 -9.58
C ALA C 310 9.13 -28.67 -8.24
N PHE C 311 9.57 -27.97 -7.19
CA PHE C 311 9.13 -28.19 -5.81
C PHE C 311 8.67 -26.83 -5.30
N LYS C 312 7.36 -26.67 -5.10
CA LYS C 312 6.74 -25.42 -4.71
C LYS C 312 6.21 -25.50 -3.30
N VAL C 313 6.18 -24.37 -2.61
CA VAL C 313 5.42 -24.29 -1.37
C VAL C 313 4.63 -22.98 -1.35
N TRP C 314 3.32 -23.10 -1.13
CA TRP C 314 2.38 -22.00 -1.18
C TRP C 314 2.22 -21.55 0.25
N ASN C 315 2.93 -20.49 0.62
CA ASN C 315 2.96 -20.08 2.02
C ASN C 315 1.84 -19.06 2.27
N PRO C 316 0.95 -19.29 3.22
CA PRO C 316 -0.13 -18.32 3.45
C PRO C 316 0.39 -17.04 4.09
N ILE C 317 -0.12 -15.91 3.60
CA ILE C 317 0.13 -14.60 4.17
C ILE C 317 -1.19 -14.05 4.69
N ASP C 318 -2.19 -13.93 3.82
CA ASP C 318 -3.55 -13.69 4.30
C ASP C 318 -4.53 -14.33 3.33
N GLU C 319 -5.81 -14.03 3.54
CA GLU C 319 -6.89 -14.71 2.86
C GLU C 319 -6.78 -14.61 1.34
N ASN C 320 -6.07 -13.59 0.85
CA ASN C 320 -6.02 -13.26 -0.57
C ASN C 320 -4.60 -12.99 -1.04
N THR C 321 -3.61 -13.56 -0.35
CA THR C 321 -2.20 -13.37 -0.61
C THR C 321 -1.48 -14.61 -0.15
N THR C 322 -0.54 -15.11 -0.96
CA THR C 322 0.39 -16.13 -0.51
C THR C 322 1.77 -15.90 -1.12
N GLU C 323 2.78 -16.41 -0.40
CA GLU C 323 4.19 -16.29 -0.76
C GLU C 323 4.64 -17.63 -1.34
N VAL C 324 5.19 -17.61 -2.56
CA VAL C 324 5.37 -18.84 -3.35
C VAL C 324 6.85 -19.11 -3.52
N TRP C 325 7.32 -20.20 -2.89
CA TRP C 325 8.71 -20.60 -2.97
C TRP C 325 8.84 -21.67 -4.06
N THR C 326 9.96 -21.63 -4.77
CA THR C 326 10.12 -22.42 -5.98
C THR C 326 11.54 -22.95 -6.08
N TYR C 327 11.76 -24.20 -5.67
CA TYR C 327 13.05 -24.85 -5.85
C TYR C 327 12.99 -25.82 -7.03
N ALA C 328 14.16 -26.10 -7.60
CA ALA C 328 14.36 -27.23 -8.50
C ALA C 328 14.87 -28.42 -7.73
N PHE C 329 14.43 -29.63 -8.10
CA PHE C 329 15.09 -30.82 -7.59
C PHE C 329 15.75 -31.58 -8.75
N VAL C 330 16.91 -32.16 -8.47
CA VAL C 330 17.60 -32.94 -9.48
C VAL C 330 17.87 -34.32 -8.91
N GLU C 331 17.87 -35.32 -9.80
CA GLU C 331 18.26 -36.69 -9.46
C GLU C 331 19.78 -36.74 -9.32
N LYS C 332 20.27 -37.30 -8.20
CA LYS C 332 21.64 -37.05 -7.79
C LYS C 332 22.66 -37.46 -8.85
N ASP C 333 22.38 -38.53 -9.61
CA ASP C 333 23.36 -39.01 -10.57
C ASP C 333 23.26 -38.35 -11.94
N MET C 334 22.57 -37.21 -12.05
CA MET C 334 22.62 -36.45 -13.29
C MET C 334 23.97 -35.76 -13.40
N PRO C 335 24.45 -35.51 -14.62
CA PRO C 335 25.69 -34.75 -14.79
C PRO C 335 25.56 -33.35 -14.24
N GLU C 336 26.70 -32.75 -13.84
CA GLU C 336 26.65 -31.41 -13.27
C GLU C 336 26.01 -30.42 -14.23
N ASP C 337 26.37 -30.48 -15.53
CA ASP C 337 25.81 -29.55 -16.49
C ASP C 337 24.31 -29.77 -16.71
N LEU C 338 23.85 -31.02 -16.67
CA LEU C 338 22.42 -31.21 -16.78
C LEU C 338 21.70 -30.72 -15.53
N LYS C 339 22.34 -30.78 -14.35
CA LYS C 339 21.77 -30.18 -13.14
C LYS C 339 21.66 -28.67 -13.26
N ARG C 340 22.74 -28.03 -13.72
CA ARG C 340 22.72 -26.61 -14.05
C ARG C 340 21.55 -26.23 -14.95
N ARG C 341 21.44 -26.90 -16.09
CA ARG C 341 20.42 -26.53 -17.06
C ARG C 341 19.03 -26.69 -16.47
N LEU C 342 18.80 -27.81 -15.80
CA LEU C 342 17.47 -28.06 -15.27
C LEU C 342 17.14 -27.11 -14.11
N ALA C 343 18.16 -26.66 -13.36
CA ALA C 343 17.93 -25.76 -12.22
C ALA C 343 17.45 -24.41 -12.69
N ASP C 344 18.13 -23.83 -13.69
CA ASP C 344 17.65 -22.60 -14.31
C ASP C 344 16.29 -22.83 -14.95
N ALA C 345 16.15 -23.91 -15.73
CA ALA C 345 14.94 -24.07 -16.53
C ALA C 345 13.69 -24.22 -15.67
N VAL C 346 13.79 -24.72 -14.45
CA VAL C 346 12.61 -24.71 -13.61
C VAL C 346 12.19 -23.28 -13.27
N GLN C 347 13.16 -22.40 -12.99
CA GLN C 347 12.86 -20.99 -12.73
C GLN C 347 12.24 -20.35 -13.96
N ARG C 348 12.87 -20.58 -15.12
CA ARG C 348 12.37 -20.09 -16.40
C ARG C 348 10.95 -20.52 -16.66
N THR C 349 10.51 -21.60 -16.05
CA THR C 349 9.20 -22.13 -16.30
C THR C 349 8.20 -21.78 -15.22
N VAL C 350 8.52 -22.03 -13.97
CA VAL C 350 7.51 -21.84 -12.93
C VAL C 350 8.06 -20.91 -11.82
N GLY C 351 9.08 -20.12 -12.17
CA GLY C 351 9.63 -19.17 -11.24
C GLY C 351 8.96 -17.81 -11.23
N PRO C 352 9.55 -16.91 -10.46
CA PRO C 352 9.11 -15.52 -10.47
C PRO C 352 8.98 -14.96 -11.86
N GLY C 353 9.94 -15.22 -12.74
CA GLY C 353 9.84 -14.76 -14.10
C GLY C 353 9.45 -15.89 -15.04
N GLY C 354 8.66 -16.85 -14.52
CA GLY C 354 8.37 -18.05 -15.27
C GLY C 354 7.10 -17.94 -16.08
N TYR C 355 7.22 -18.20 -17.39
CA TYR C 355 6.05 -18.00 -18.23
C TYR C 355 4.95 -19.03 -18.02
N TRP C 356 5.22 -20.15 -17.41
CA TRP C 356 4.07 -21.00 -17.12
C TRP C 356 3.28 -20.47 -15.93
N GLU C 357 3.96 -20.18 -14.81
CA GLU C 357 3.23 -19.79 -13.61
C GLU C 357 2.57 -18.43 -13.78
N SER C 358 3.06 -17.62 -14.72
CA SER C 358 2.50 -16.28 -14.94
C SER C 358 1.12 -16.36 -15.57
N ASP C 359 1.01 -17.05 -16.71
CA ASP C 359 -0.28 -17.39 -17.28
C ASP C 359 -1.22 -17.90 -16.19
N ASP C 360 -0.70 -18.76 -15.31
CA ASP C 360 -1.59 -19.44 -14.39
C ASP C 360 -2.06 -18.52 -13.28
N ASN C 361 -1.28 -17.47 -12.96
CA ASN C 361 -1.64 -16.56 -11.87
C ASN C 361 -2.90 -15.78 -12.20
N ASP C 362 -3.10 -15.45 -13.49
CA ASP C 362 -4.35 -14.86 -13.96
C ASP C 362 -5.55 -15.67 -13.49
N ASN C 363 -5.47 -16.99 -13.59
CA ASN C 363 -6.58 -17.81 -13.12
C ASN C 363 -6.67 -17.75 -11.61
N MET C 364 -5.52 -17.83 -10.92
CA MET C 364 -5.50 -17.96 -9.48
C MET C 364 -5.93 -16.68 -8.78
N GLU C 365 -5.57 -15.51 -9.34
CA GLU C 365 -5.90 -14.24 -8.70
C GLU C 365 -7.41 -14.01 -8.66
N THR C 366 -8.06 -14.00 -9.85
CA THR C 366 -9.49 -13.69 -9.93
C THR C 366 -10.32 -14.82 -9.34
N LEU C 367 -9.81 -16.03 -9.41
CA LEU C 367 -10.44 -17.18 -8.77
C LEU C 367 -10.82 -16.83 -7.35
N SER C 368 -9.92 -16.13 -6.64
CA SER C 368 -10.02 -15.79 -5.21
C SER C 368 -10.55 -14.39 -4.96
N GLN C 369 -10.26 -13.43 -5.85
CA GLN C 369 -10.93 -12.13 -5.77
C GLN C 369 -12.45 -12.29 -5.75
N ASN C 370 -13.00 -13.10 -6.66
CA ASN C 370 -14.45 -13.29 -6.68
C ASN C 370 -15.01 -13.96 -5.43
N ALA C 371 -14.20 -14.65 -4.64
CA ALA C 371 -14.75 -15.29 -3.46
C ALA C 371 -15.27 -14.25 -2.46
N LYS C 372 -14.77 -13.03 -2.53
CA LYS C 372 -15.15 -11.99 -1.59
C LYS C 372 -16.50 -11.34 -1.94
N LYS C 373 -16.99 -11.51 -3.17
CA LYS C 373 -18.15 -10.76 -3.64
C LYS C 373 -19.44 -11.36 -3.12
N TYR C 374 -20.39 -10.49 -2.76
CA TYR C 374 -21.59 -10.91 -2.05
C TYR C 374 -22.29 -12.04 -2.80
N GLN C 375 -22.63 -11.81 -4.07
CA GLN C 375 -23.45 -12.75 -4.84
C GLN C 375 -22.68 -14.01 -5.20
N SER C 376 -21.39 -14.04 -4.97
CA SER C 376 -20.56 -15.17 -5.39
C SER C 376 -19.95 -15.93 -4.21
N SER C 377 -20.16 -15.47 -2.98
CA SER C 377 -19.47 -16.13 -1.88
C SER C 377 -20.17 -17.41 -1.47
N ASN C 378 -21.47 -17.51 -1.66
CA ASN C 378 -22.19 -18.74 -1.37
C ASN C 378 -22.53 -19.52 -2.64
N SER C 379 -22.05 -19.05 -3.79
CA SER C 379 -22.10 -19.88 -4.98
C SER C 379 -21.34 -21.19 -4.73
N ASP C 380 -21.52 -22.15 -5.65
CA ASP C 380 -20.92 -23.49 -5.52
C ASP C 380 -19.89 -23.75 -6.59
N LEU C 381 -18.67 -24.05 -6.19
CA LEU C 381 -17.69 -24.56 -7.14
C LEU C 381 -17.94 -26.05 -7.41
N ILE C 382 -17.74 -26.49 -8.65
CA ILE C 382 -17.97 -27.88 -8.99
C ILE C 382 -16.64 -28.58 -9.26
N ALA C 383 -16.46 -29.72 -8.62
CA ALA C 383 -15.37 -30.65 -8.94
C ALA C 383 -15.99 -31.96 -9.43
N SER C 384 -16.66 -31.91 -10.58
CA SER C 384 -17.40 -33.08 -11.05
C SER C 384 -16.70 -33.84 -12.16
N LEU C 385 -15.61 -33.30 -12.71
CA LEU C 385 -14.90 -33.94 -13.82
C LEU C 385 -14.44 -35.34 -13.42
N GLY C 386 -14.89 -36.34 -14.17
CA GLY C 386 -14.61 -37.73 -13.88
C GLY C 386 -15.37 -38.35 -12.73
N PHE C 387 -16.29 -37.63 -12.07
CA PHE C 387 -16.96 -38.22 -10.92
C PHE C 387 -17.74 -39.46 -11.34
N GLY C 388 -17.68 -40.49 -10.49
CA GLY C 388 -18.32 -41.75 -10.79
C GLY C 388 -17.49 -42.76 -11.58
N LYS C 389 -16.36 -42.34 -12.13
CA LYS C 389 -15.44 -43.23 -12.82
C LYS C 389 -14.23 -43.63 -11.96
N ASP C 390 -14.22 -43.27 -10.67
CA ASP C 390 -13.12 -43.65 -9.78
C ASP C 390 -13.47 -44.89 -8.97
N VAL C 391 -12.41 -45.61 -8.54
CA VAL C 391 -12.54 -46.93 -7.91
C VAL C 391 -11.48 -47.06 -6.83
N TYR C 392 -11.75 -47.91 -5.83
CA TYR C 392 -10.78 -48.22 -4.79
C TYR C 392 -10.27 -49.64 -4.89
N GLY C 393 -9.03 -49.82 -4.44
CA GLY C 393 -8.46 -51.13 -4.34
C GLY C 393 -8.30 -51.79 -5.68
N ASP C 394 -8.10 -50.99 -6.72
CA ASP C 394 -7.52 -51.57 -7.90
C ASP C 394 -6.30 -52.31 -7.40
N GLU C 395 -6.12 -53.55 -7.79
CA GLU C 395 -5.01 -54.27 -7.18
C GLU C 395 -3.69 -54.08 -7.94
N CYS C 396 -3.65 -53.14 -8.88
CA CYS C 396 -2.37 -52.58 -9.32
C CYS C 396 -2.09 -51.16 -8.82
N TYR C 397 -3.09 -50.27 -8.86
CA TYR C 397 -2.89 -48.85 -8.58
C TYR C 397 -3.53 -48.45 -7.26
N PRO C 398 -2.74 -48.00 -6.28
CA PRO C 398 -3.12 -48.19 -4.88
C PRO C 398 -4.30 -47.35 -4.42
N GLY C 399 -4.39 -46.09 -4.81
CA GLY C 399 -5.33 -45.27 -4.04
C GLY C 399 -6.80 -45.33 -4.44
N VAL C 400 -7.42 -44.15 -4.48
CA VAL C 400 -8.69 -43.92 -5.16
C VAL C 400 -8.33 -43.31 -6.51
N VAL C 401 -8.67 -44.00 -7.61
CA VAL C 401 -8.01 -43.72 -8.88
C VAL C 401 -9.04 -43.44 -9.97
N GLY C 402 -8.70 -42.48 -10.84
CA GLY C 402 -9.53 -42.11 -11.96
C GLY C 402 -8.76 -42.26 -13.26
N PRO C 403 -9.49 -42.43 -14.36
CA PRO C 403 -8.91 -42.95 -15.61
C PRO C 403 -8.32 -41.92 -16.56
N SER C 404 -8.31 -40.64 -16.18
CA SER C 404 -7.54 -39.63 -16.88
C SER C 404 -6.86 -38.76 -15.86
N GLY C 405 -5.69 -38.23 -16.22
CA GLY C 405 -5.12 -37.16 -15.40
C GLY C 405 -5.97 -35.91 -15.45
N ALA C 406 -6.62 -35.68 -16.58
CA ALA C 406 -7.70 -34.71 -16.66
C ALA C 406 -8.87 -35.29 -15.88
N SER C 407 -8.80 -35.13 -14.57
CA SER C 407 -9.91 -35.50 -13.71
C SER C 407 -9.94 -34.49 -12.56
N GLU C 408 -10.91 -34.65 -11.68
CA GLU C 408 -10.93 -33.85 -10.49
C GLU C 408 -11.04 -34.76 -9.27
N THR C 409 -10.55 -36.00 -9.39
CA THR C 409 -10.67 -36.93 -8.27
C THR C 409 -9.84 -36.47 -7.08
N SER C 410 -8.64 -35.95 -7.34
CA SER C 410 -7.79 -35.44 -6.27
C SER C 410 -8.33 -34.15 -5.67
N TYR C 411 -9.06 -33.36 -6.48
CA TYR C 411 -9.79 -32.24 -5.93
C TYR C 411 -10.66 -32.71 -4.78
N ARG C 412 -11.55 -33.67 -5.07
CA ARG C 412 -12.45 -34.15 -4.03
C ARG C 412 -11.69 -34.85 -2.93
N GLY C 413 -10.58 -35.49 -3.27
CA GLY C 413 -9.75 -36.04 -2.22
C GLY C 413 -9.26 -34.95 -1.29
N PHE C 414 -8.48 -34.00 -1.84
CA PHE C 414 -8.07 -32.77 -1.16
C PHE C 414 -9.24 -32.18 -0.34
N TYR C 415 -10.29 -31.68 -1.01
CA TYR C 415 -11.35 -30.97 -0.28
C TYR C 415 -12.15 -31.87 0.65
N ARG C 416 -12.04 -33.19 0.53
CA ARG C 416 -12.65 -34.03 1.57
C ARG C 416 -11.86 -33.95 2.86
N ALA C 417 -10.53 -34.07 2.76
CA ALA C 417 -9.70 -33.95 3.95
C ALA C 417 -9.77 -32.55 4.52
N TYR C 418 -9.72 -31.54 3.66
CA TYR C 418 -9.83 -30.18 4.13
C TYR C 418 -11.09 -30.00 4.94
N GLN C 419 -12.24 -30.41 4.41
CA GLN C 419 -13.46 -30.28 5.20
C GLN C 419 -13.38 -31.08 6.50
N ALA C 420 -12.68 -32.20 6.48
CA ALA C 420 -12.60 -33.03 7.68
C ALA C 420 -11.82 -32.34 8.79
N HIS C 421 -10.68 -31.74 8.44
CA HIS C 421 -9.92 -30.98 9.44
C HIS C 421 -10.73 -29.80 9.95
N ILE C 422 -11.30 -29.01 9.02
CA ILE C 422 -11.97 -27.76 9.32
C ILE C 422 -13.09 -27.90 10.33
N SER C 423 -13.68 -29.09 10.45
CA SER C 423 -14.82 -29.30 11.34
C SER C 423 -14.46 -30.07 12.61
N SER C 424 -13.19 -30.40 12.84
CA SER C 424 -12.77 -31.28 13.94
C SER C 424 -11.64 -30.63 14.74
N SER C 425 -11.65 -30.90 16.05
CA SER C 425 -10.80 -30.22 17.03
C SER C 425 -9.43 -30.87 17.26
N ASN C 426 -9.21 -32.08 16.77
CA ASN C 426 -7.97 -32.80 17.01
C ASN C 426 -7.85 -33.88 15.94
N TRP C 427 -6.70 -34.56 15.94
CA TRP C 427 -6.53 -35.62 14.95
C TRP C 427 -7.49 -36.77 15.20
N ALA C 428 -7.81 -37.03 16.46
CA ALA C 428 -8.76 -38.08 16.80
C ALA C 428 -10.05 -37.89 16.04
N GLU C 429 -10.57 -36.66 16.03
CA GLU C 429 -11.89 -36.43 15.45
C GLU C 429 -11.83 -36.54 13.93
N PHE C 430 -10.74 -36.05 13.32
CA PHE C 430 -10.55 -36.19 11.89
C PHE C 430 -10.59 -37.65 11.47
N GLU C 431 -9.93 -38.53 12.25
CA GLU C 431 -9.96 -39.96 11.95
C GLU C 431 -11.39 -40.48 11.99
N ASN C 432 -12.18 -40.02 12.95
CA ASN C 432 -13.54 -40.51 13.03
C ASN C 432 -14.39 -40.00 11.87
N ALA C 433 -13.96 -38.95 11.17
CA ALA C 433 -14.66 -38.47 9.99
C ALA C 433 -14.09 -39.01 8.69
N SER C 434 -13.09 -39.88 8.80
CA SER C 434 -12.45 -40.45 7.64
C SER C 434 -12.38 -41.98 7.72
N ARG C 435 -13.12 -42.57 8.68
CA ARG C 435 -13.29 -44.02 8.71
C ARG C 435 -13.61 -44.58 7.33
N ASN C 436 -14.57 -43.97 6.62
CA ASN C 436 -15.10 -44.45 5.35
C ASN C 436 -14.66 -43.57 4.20
N TRP C 437 -13.38 -43.21 4.18
CA TRP C 437 -12.97 -42.15 3.29
C TRP C 437 -13.03 -42.58 1.83
N HIS C 438 -12.66 -43.82 1.52
CA HIS C 438 -12.73 -44.32 0.13
C HIS C 438 -14.18 -44.57 -0.30
N THR C 439 -15.02 -45.03 0.62
CA THR C 439 -16.43 -45.27 0.31
C THR C 439 -17.11 -43.98 -0.11
N GLU C 440 -16.82 -42.89 0.61
CA GLU C 440 -17.39 -41.59 0.30
C GLU C 440 -17.05 -41.16 -1.12
N LEU C 441 -15.83 -41.35 -1.51
CA LEU C 441 -15.41 -40.93 -2.78
C LEU C 441 -15.77 -41.79 -3.94
N THR C 442 -16.34 -42.97 -3.71
CA THR C 442 -16.72 -43.84 -4.83
C THR C 442 -18.21 -44.11 -4.80
N LYS C 443 -18.76 -44.14 -3.62
CA LYS C 443 -20.19 -44.19 -3.38
C LYS C 443 -21.24 -44.66 -4.38
N THR C 444 -21.60 -43.80 -5.32
CA THR C 444 -22.72 -44.07 -6.22
C THR C 444 -22.51 -44.95 -7.40
N THR C 445 -21.32 -45.46 -7.56
CA THR C 445 -20.98 -46.34 -8.71
C THR C 445 -20.71 -47.81 -8.34
N MET D 2 38.57 6.39 -5.59
CA MET D 2 39.12 5.01 -5.56
C MET D 2 38.90 4.31 -4.20
N ILE D 3 38.44 3.05 -4.24
CA ILE D 3 37.92 2.41 -3.03
C ILE D 3 38.94 1.44 -2.47
N ASN D 4 39.21 1.57 -1.18
CA ASN D 4 40.00 0.59 -0.42
C ASN D 4 39.00 -0.28 0.34
N THR D 5 38.90 -1.56 -0.05
CA THR D 5 37.89 -2.41 0.60
C THR D 5 38.28 -2.79 2.02
N GLN D 6 39.53 -2.59 2.40
CA GLN D 6 39.92 -2.85 3.78
C GLN D 6 39.36 -1.78 4.72
N GLU D 7 39.39 -0.52 4.31
CA GLU D 7 38.76 0.54 5.09
C GLU D 7 37.23 0.49 4.93
N ASP D 8 36.77 0.39 3.69
CA ASP D 8 35.35 0.55 3.39
C ASP D 8 34.62 -0.77 3.58
N LYS D 9 34.19 -1.00 4.82
CA LYS D 9 33.85 -2.35 5.24
C LYS D 9 32.66 -2.93 4.49
N LEU D 10 31.76 -2.08 4.00
CA LEU D 10 30.48 -2.58 3.49
C LEU D 10 30.48 -2.88 2.00
N VAL D 11 31.59 -2.65 1.30
CA VAL D 11 31.64 -2.75 -0.16
C VAL D 11 31.91 -4.19 -0.60
N SER D 12 31.20 -4.65 -1.63
CA SER D 12 31.52 -5.90 -2.31
C SER D 12 32.85 -5.76 -3.04
N ALA D 13 33.59 -6.87 -3.13
CA ALA D 13 34.69 -6.89 -4.08
C ALA D 13 34.17 -6.69 -5.49
N HIS D 14 33.04 -7.34 -5.82
CA HIS D 14 32.39 -7.12 -7.09
C HIS D 14 31.96 -5.66 -7.26
N ASP D 15 31.20 -5.12 -6.29
CA ASP D 15 30.71 -3.74 -6.40
C ASP D 15 31.86 -2.77 -6.61
N ALA D 16 33.01 -3.06 -6.01
CA ALA D 16 34.20 -2.21 -6.12
C ALA D 16 34.89 -2.38 -7.47
N GLU D 17 35.02 -3.62 -7.94
CA GLU D 17 35.71 -3.83 -9.20
C GLU D 17 34.99 -3.09 -10.32
N GLU D 18 33.65 -3.04 -10.26
CA GLU D 18 32.88 -2.27 -11.24
C GLU D 18 33.03 -0.77 -11.05
N PHE D 19 32.91 -0.27 -9.81
CA PHE D 19 33.06 1.16 -9.60
C PHE D 19 34.34 1.71 -10.20
N HIS D 20 35.37 0.90 -10.30
CA HIS D 20 36.62 1.46 -10.77
C HIS D 20 36.68 1.60 -12.30
N ARG D 21 35.65 1.12 -13.03
CA ARG D 21 35.67 1.27 -14.48
C ARG D 21 35.35 2.69 -14.93
N PHE D 22 34.51 3.38 -14.18
CA PHE D 22 33.79 4.54 -14.66
C PHE D 22 34.34 5.81 -14.03
N TYR D 23 33.92 6.93 -14.61
CA TYR D 23 34.18 8.25 -14.04
C TYR D 23 35.67 8.57 -14.00
N ILE D 24 36.44 8.02 -14.93
CA ILE D 24 37.85 8.35 -15.01
C ILE D 24 38.19 9.11 -16.28
N VAL D 25 37.49 8.85 -17.39
CA VAL D 25 38.00 9.19 -18.70
C VAL D 25 37.29 10.37 -19.35
N GLN D 26 36.01 10.62 -19.05
CA GLN D 26 35.27 11.78 -19.56
C GLN D 26 35.24 11.80 -21.09
N ASP D 27 34.38 10.92 -21.62
CA ASP D 27 34.15 10.80 -23.06
C ASP D 27 32.67 11.16 -23.27
N ASP D 28 32.44 12.38 -23.75
CA ASP D 28 31.07 12.84 -23.97
C ASP D 28 30.49 12.23 -25.24
N ALA D 29 31.33 12.03 -26.25
CA ALA D 29 30.89 11.27 -27.41
C ALA D 29 30.29 9.93 -26.99
N LEU D 30 31.06 9.15 -26.24
CA LEU D 30 30.61 7.82 -25.81
C LEU D 30 29.31 7.88 -25.02
N LEU D 31 29.15 8.92 -24.20
CA LEU D 31 27.98 8.99 -23.34
C LEU D 31 26.74 9.26 -24.16
N GLN D 32 26.83 10.13 -25.19
CA GLN D 32 25.70 10.36 -26.08
C GLN D 32 25.32 9.08 -26.83
N GLU D 33 26.31 8.27 -27.20
CA GLU D 33 26.04 6.99 -27.86
C GLU D 33 25.21 6.08 -26.98
N VAL D 34 25.63 5.91 -25.73
CA VAL D 34 25.00 4.96 -24.83
C VAL D 34 23.62 5.43 -24.41
N ASN D 35 23.42 6.76 -24.29
CA ASN D 35 22.10 7.29 -24.00
C ASN D 35 21.13 7.02 -25.13
N THR D 36 21.55 7.33 -26.36
CA THR D 36 20.75 6.97 -27.50
C THR D 36 20.41 5.49 -27.45
N LEU D 37 21.41 4.66 -27.14
CA LEU D 37 21.22 3.22 -27.11
C LEU D 37 20.15 2.81 -26.13
N LEU D 38 20.37 3.13 -24.86
CA LEU D 38 19.53 2.63 -23.78
C LEU D 38 18.12 3.17 -23.85
N THR D 39 17.96 4.44 -24.29
CA THR D 39 16.62 5.02 -24.44
C THR D 39 15.87 4.33 -25.57
N ARG D 40 16.51 4.22 -26.74
CA ARG D 40 15.90 3.52 -27.85
C ARG D 40 15.35 2.17 -27.40
N GLU D 41 16.16 1.43 -26.62
CA GLU D 41 15.76 0.10 -26.16
C GLU D 41 14.56 0.17 -25.23
N ALA D 42 14.53 1.14 -24.31
CA ALA D 42 13.42 1.22 -23.37
C ALA D 42 12.16 1.66 -24.06
N HIS D 43 12.31 2.48 -25.09
CA HIS D 43 11.19 2.86 -25.93
C HIS D 43 10.56 1.64 -26.58
N LEU D 44 11.42 0.76 -27.16
CA LEU D 44 10.93 -0.41 -27.89
C LEU D 44 10.20 -1.36 -26.96
N LEU D 45 10.73 -1.56 -25.75
CA LEU D 45 10.07 -2.45 -24.81
C LEU D 45 8.79 -1.85 -24.25
N ASP D 46 8.66 -0.51 -24.24
CA ASP D 46 7.47 0.15 -23.70
C ASP D 46 6.30 0.02 -24.66
N ILE D 47 6.57 0.17 -25.96
CA ILE D 47 5.53 -0.01 -26.97
C ILE D 47 5.38 -1.49 -27.32
N GLN D 48 6.05 -2.36 -26.57
CA GLN D 48 5.92 -3.81 -26.72
C GLN D 48 6.41 -4.31 -28.07
N ALA D 49 7.34 -3.57 -28.69
CA ALA D 49 7.97 -3.97 -29.94
C ALA D 49 9.06 -5.01 -29.71
N TYR D 50 8.66 -6.13 -29.13
CA TYR D 50 9.64 -7.11 -28.66
C TYR D 50 10.50 -7.66 -29.79
N LYS D 51 9.90 -8.00 -30.93
CA LYS D 51 10.67 -8.53 -32.05
C LYS D 51 11.83 -7.64 -32.45
N ALA D 52 11.60 -6.33 -32.56
CA ALA D 52 12.67 -5.44 -32.96
C ALA D 52 13.75 -5.39 -31.89
N TRP D 53 13.34 -5.34 -30.62
CA TRP D 53 14.29 -5.39 -29.54
C TRP D 53 15.22 -6.58 -29.69
N LEU D 54 14.65 -7.75 -29.97
CA LEU D 54 15.46 -8.96 -30.03
C LEU D 54 16.37 -8.97 -31.26
N GLU D 55 15.88 -8.49 -32.40
CA GLU D 55 16.72 -8.55 -33.59
C GLU D 55 17.81 -7.50 -33.59
N HIS D 56 17.44 -6.26 -33.27
CA HIS D 56 18.32 -5.11 -33.40
C HIS D 56 19.12 -4.81 -32.13
N CYS D 57 18.53 -4.96 -30.95
CA CYS D 57 19.23 -4.54 -29.75
C CYS D 57 20.05 -5.66 -29.12
N VAL D 58 19.55 -6.89 -29.16
CA VAL D 58 20.18 -8.01 -28.48
C VAL D 58 21.12 -8.70 -29.46
N ALA D 59 22.40 -8.82 -29.08
CA ALA D 59 23.34 -9.60 -29.86
C ALA D 59 23.06 -11.10 -29.70
N PRO D 60 23.43 -11.93 -30.69
CA PRO D 60 23.07 -13.36 -30.62
C PRO D 60 23.75 -14.09 -29.47
N GLU D 61 24.97 -13.69 -29.11
CA GLU D 61 25.73 -14.27 -28.01
C GLU D 61 25.25 -13.85 -26.62
N ILE D 62 24.00 -13.46 -26.46
CA ILE D 62 23.57 -12.74 -25.26
C ILE D 62 23.52 -13.67 -24.06
N LYS D 63 24.00 -13.16 -22.93
CA LYS D 63 23.69 -13.68 -21.60
C LYS D 63 22.87 -12.61 -20.88
N TYR D 64 21.65 -12.99 -20.48
CA TYR D 64 20.65 -12.06 -19.92
C TYR D 64 20.25 -12.59 -18.56
N GLN D 65 20.84 -12.01 -17.50
CA GLN D 65 20.79 -12.63 -16.19
C GLN D 65 20.14 -11.70 -15.18
N VAL D 66 19.18 -12.23 -14.43
CA VAL D 66 18.51 -11.53 -13.34
C VAL D 66 18.47 -12.50 -12.18
N ILE D 67 19.22 -12.19 -11.12
CA ILE D 67 19.38 -13.08 -9.98
C ILE D 67 18.64 -12.51 -8.77
N SER D 68 18.31 -13.42 -7.86
CA SER D 68 17.74 -13.14 -6.56
C SER D 68 18.66 -13.73 -5.51
N ARG D 69 19.39 -12.89 -4.78
CA ARG D 69 20.39 -13.38 -3.85
C ARG D 69 19.78 -13.73 -2.50
N GLU D 70 20.24 -14.82 -1.93
CA GLU D 70 19.69 -15.30 -0.67
C GLU D 70 20.28 -14.48 0.46
N LEU D 71 19.48 -14.30 1.51
CA LEU D 71 19.90 -13.40 2.58
C LEU D 71 20.79 -14.16 3.55
N ARG D 72 22.08 -13.86 3.54
CA ARG D 72 23.04 -14.42 4.48
C ARG D 72 23.40 -13.43 5.60
N SER D 73 24.04 -13.96 6.64
CA SER D 73 24.60 -13.07 7.66
C SER D 73 25.84 -12.37 7.11
N THR D 74 26.08 -11.15 7.58
CA THR D 74 27.21 -10.42 7.04
C THR D 74 28.52 -10.99 7.55
N SER D 75 28.46 -11.79 8.61
CA SER D 75 29.61 -12.44 9.21
C SER D 75 29.77 -13.88 8.74
N GLU D 76 29.03 -14.30 7.72
CA GLU D 76 29.07 -15.70 7.33
C GLU D 76 30.39 -16.02 6.68
N ARG D 77 31.01 -17.09 7.15
CA ARG D 77 32.33 -17.48 6.68
C ARG D 77 32.47 -18.99 6.47
N ARG D 78 31.40 -19.78 6.68
CA ARG D 78 31.42 -21.23 6.58
C ARG D 78 30.42 -21.83 5.60
N TYR D 79 29.24 -21.22 5.45
CA TYR D 79 28.19 -21.76 4.58
C TYR D 79 28.51 -21.44 3.13
N GLN D 80 28.63 -22.47 2.29
CA GLN D 80 29.16 -22.28 0.95
C GLN D 80 28.25 -22.72 -0.18
N LEU D 81 27.03 -23.19 0.11
CA LEU D 81 26.06 -23.47 -0.93
C LEU D 81 25.80 -22.25 -1.81
N ASN D 82 25.07 -22.45 -2.87
CA ASN D 82 24.87 -21.44 -3.87
C ASN D 82 24.24 -20.28 -3.26
N ASP D 83 24.46 -19.14 -3.86
CA ASP D 83 24.14 -17.84 -3.32
C ASP D 83 22.90 -17.31 -3.89
N ALA D 84 22.57 -17.74 -5.07
CA ALA D 84 21.68 -16.96 -5.91
C ALA D 84 20.85 -17.85 -6.80
N VAL D 85 19.54 -17.47 -7.00
CA VAL D 85 18.65 -18.06 -7.98
C VAL D 85 18.80 -17.32 -9.29
N ASN D 86 18.57 -18.02 -10.41
CA ASN D 86 18.51 -17.38 -11.72
C ASN D 86 17.05 -17.20 -12.12
N ILE D 87 16.49 -16.03 -11.81
CA ILE D 87 15.18 -15.69 -12.33
C ILE D 87 15.23 -15.68 -13.85
N TYR D 88 16.30 -15.10 -14.39
CA TYR D 88 16.60 -14.99 -15.81
C TYR D 88 18.05 -15.38 -16.02
N ASN D 89 18.30 -16.26 -16.99
CA ASN D 89 19.67 -16.56 -17.41
C ASN D 89 19.61 -17.11 -18.82
N GLU D 90 19.26 -16.23 -19.76
CA GLU D 90 18.77 -16.59 -21.07
C GLU D 90 19.83 -16.33 -22.14
N ASN D 91 19.96 -17.28 -23.07
CA ASN D 91 20.61 -17.09 -24.37
C ASN D 91 19.58 -16.71 -25.43
N TYR D 92 20.07 -16.38 -26.62
CA TYR D 92 19.21 -15.87 -27.67
C TYR D 92 17.98 -16.77 -27.90
N GLN D 93 18.19 -18.09 -28.01
CA GLN D 93 17.05 -18.98 -28.26
C GLN D 93 16.02 -18.92 -27.15
N GLN D 94 16.47 -18.89 -25.89
CA GLN D 94 15.53 -18.83 -24.78
C GLN D 94 14.74 -17.52 -24.78
N LEU D 95 15.42 -16.39 -25.03
CA LEU D 95 14.71 -15.12 -25.15
C LEU D 95 13.70 -15.19 -26.28
N LYS D 96 14.09 -15.78 -27.42
CA LYS D 96 13.20 -15.90 -28.58
C LYS D 96 11.90 -16.59 -28.20
N VAL D 97 11.98 -17.72 -27.52
CA VAL D 97 10.73 -18.30 -27.03
C VAL D 97 9.96 -17.28 -26.19
N ARG D 98 10.65 -16.58 -25.26
CA ARG D 98 9.97 -15.64 -24.37
C ARG D 98 9.25 -14.56 -25.16
N VAL D 99 9.97 -13.93 -26.09
CA VAL D 99 9.38 -12.95 -26.98
C VAL D 99 8.19 -13.55 -27.72
N GLU D 100 8.40 -14.73 -28.29
CA GLU D 100 7.34 -15.35 -29.05
C GLU D 100 6.12 -15.69 -28.17
N HIS D 101 6.34 -15.99 -26.89
CA HIS D 101 5.22 -16.19 -26.00
C HIS D 101 4.38 -14.93 -25.87
N GLN D 102 5.03 -13.76 -25.85
CA GLN D 102 4.31 -12.50 -25.65
C GLN D 102 3.42 -12.19 -26.84
N MET D 103 3.94 -12.41 -28.04
CA MET D 103 3.23 -12.08 -29.26
C MET D 103 2.11 -13.05 -29.58
N ASP D 104 1.99 -14.11 -28.86
CA ASP D 104 1.10 -15.16 -29.29
C ASP D 104 -0.35 -14.75 -29.03
N PRO D 105 -1.23 -14.95 -30.03
CA PRO D 105 -2.61 -14.43 -29.93
C PRO D 105 -3.44 -15.06 -28.84
N GLN D 106 -3.03 -16.17 -28.24
CA GLN D 106 -3.84 -16.72 -27.17
C GLN D 106 -3.21 -16.46 -25.80
N ASN D 107 -2.24 -15.54 -25.74
CA ASN D 107 -1.57 -15.17 -24.50
C ASN D 107 -2.55 -14.36 -23.64
N TRP D 108 -3.46 -15.09 -22.99
CA TRP D 108 -4.54 -14.46 -22.22
C TRP D 108 -4.10 -13.30 -21.33
N PRO D 109 -3.02 -13.39 -20.55
CA PRO D 109 -2.68 -12.26 -19.67
C PRO D 109 -2.48 -10.93 -20.39
N ASN D 110 -2.26 -10.92 -21.71
CA ASN D 110 -2.06 -9.66 -22.45
C ASN D 110 -3.35 -9.08 -23.04
N SER D 111 -4.52 -9.57 -22.65
CA SER D 111 -5.80 -8.97 -23.04
C SER D 111 -6.53 -8.50 -21.79
N PRO D 112 -6.89 -7.21 -21.67
CA PRO D 112 -6.61 -6.12 -22.61
C PRO D 112 -5.13 -5.75 -22.63
N LYS D 113 -4.68 -5.05 -23.67
CA LYS D 113 -3.26 -4.74 -23.79
C LYS D 113 -2.72 -4.09 -22.51
N ILE D 114 -1.53 -4.49 -22.14
CA ILE D 114 -0.85 -4.05 -20.93
C ILE D 114 -0.07 -2.77 -21.24
N ARG D 115 0.03 -1.89 -20.23
CA ARG D 115 0.73 -0.60 -20.31
C ARG D 115 2.05 -0.67 -19.54
N PHE D 116 3.18 -0.47 -20.25
CA PHE D 116 4.52 -0.44 -19.66
C PHE D 116 5.13 0.94 -19.86
N THR D 117 5.69 1.50 -18.81
CA THR D 117 6.45 2.72 -18.97
C THR D 117 7.69 2.62 -18.09
N ARG D 118 8.86 2.91 -18.67
CA ARG D 118 10.07 2.68 -17.90
C ARG D 118 11.04 3.86 -17.95
N PHE D 119 11.63 4.14 -16.80
CA PHE D 119 12.44 5.32 -16.55
C PHE D 119 13.88 4.89 -16.29
N VAL D 120 14.79 5.46 -17.07
CA VAL D 120 16.20 5.10 -17.08
C VAL D 120 17.02 6.31 -16.65
N THR D 121 17.88 6.12 -15.63
CA THR D 121 18.68 7.18 -15.01
C THR D 121 20.07 6.66 -14.70
N ASN D 122 20.94 7.58 -14.23
CA ASN D 122 22.25 7.22 -13.69
C ASN D 122 23.13 6.49 -14.71
N VAL D 123 23.15 6.96 -15.95
CA VAL D 123 23.85 6.28 -17.03
C VAL D 123 25.32 6.68 -17.05
N THR D 124 26.20 5.67 -17.08
CA THR D 124 27.63 5.84 -17.33
C THR D 124 28.15 4.66 -18.16
N ALA D 125 29.26 4.91 -18.86
CA ALA D 125 29.85 3.90 -19.72
C ALA D 125 31.37 4.10 -19.73
N ALA D 126 32.08 3.01 -20.03
CA ALA D 126 33.53 3.01 -20.20
C ALA D 126 33.93 1.94 -21.22
N LYS D 127 34.94 2.27 -22.04
CA LYS D 127 35.50 1.34 -23.01
C LYS D 127 36.25 0.23 -22.30
N ASP D 128 36.07 -1.02 -22.74
CA ASP D 128 36.89 -2.07 -22.19
C ASP D 128 38.33 -1.87 -22.63
N LYS D 129 39.27 -2.03 -21.70
CA LYS D 129 40.64 -1.66 -22.04
C LYS D 129 41.29 -2.69 -22.93
N SER D 130 40.99 -3.98 -22.70
CA SER D 130 41.61 -5.01 -23.54
C SER D 130 40.99 -4.99 -24.92
N ALA D 131 39.69 -5.21 -24.99
CA ALA D 131 38.91 -5.30 -26.22
C ALA D 131 38.12 -4.03 -26.47
N PRO D 132 38.61 -3.10 -27.31
CA PRO D 132 37.95 -1.78 -27.39
C PRO D 132 36.60 -1.82 -28.07
N GLU D 133 36.35 -2.89 -28.83
CA GLU D 133 35.05 -3.21 -29.39
C GLU D 133 33.93 -3.23 -28.35
N MET D 134 34.26 -3.48 -27.07
CA MET D 134 33.32 -3.65 -25.96
C MET D 134 33.06 -2.36 -25.19
N LEU D 135 31.85 -2.30 -24.61
CA LEU D 135 31.35 -1.13 -23.88
C LEU D 135 30.74 -1.62 -22.56
N HIS D 136 31.31 -1.16 -21.44
CA HIS D 136 30.68 -1.35 -20.15
C HIS D 136 29.65 -0.24 -19.92
N VAL D 137 28.46 -0.63 -19.47
CA VAL D 137 27.35 0.31 -19.33
C VAL D 137 26.60 -0.02 -18.06
N ARG D 138 26.37 1.00 -17.21
CA ARG D 138 25.61 0.86 -15.97
C ARG D 138 24.43 1.82 -16.03
N SER D 139 23.25 1.36 -15.64
CA SER D 139 22.03 2.18 -15.73
C SER D 139 21.02 1.70 -14.70
N ASN D 140 20.24 2.62 -14.20
CA ASN D 140 19.21 2.28 -13.25
C ASN D 140 17.85 2.38 -13.92
N LEU D 141 16.89 1.60 -13.44
CA LEU D 141 15.64 1.51 -14.16
C LEU D 141 14.52 1.35 -13.15
N ILE D 142 13.51 2.25 -13.26
CA ILE D 142 12.22 2.04 -12.65
C ILE D 142 11.28 1.63 -13.75
N LEU D 143 10.51 0.57 -13.52
CA LEU D 143 9.58 0.02 -14.51
C LEU D 143 8.18 -0.04 -13.91
N HIS D 144 7.24 0.61 -14.60
CA HIS D 144 5.84 0.71 -14.20
C HIS D 144 5.00 -0.17 -15.12
N ARG D 145 4.19 -1.04 -14.52
CA ARG D 145 3.44 -2.03 -15.27
C ARG D 145 2.03 -2.02 -14.69
N ALA D 146 1.08 -1.52 -15.47
CA ALA D 146 -0.31 -1.42 -15.06
C ALA D 146 -1.16 -2.12 -16.10
N ARG D 147 -2.25 -2.74 -15.63
CA ARG D 147 -3.10 -3.56 -16.48
C ARG D 147 -4.43 -3.80 -15.77
N ARG D 148 -5.48 -3.96 -16.56
CA ARG D 148 -6.81 -4.35 -16.06
C ARG D 148 -7.34 -3.40 -14.99
N GLY D 149 -7.16 -2.10 -15.22
CA GLY D 149 -7.73 -1.07 -14.37
C GLY D 149 -6.93 -0.72 -13.13
N ASN D 150 -7.11 -1.47 -12.06
CA ASN D 150 -6.53 -1.14 -10.78
C ASN D 150 -5.37 -2.04 -10.34
N GLU D 151 -4.69 -2.71 -11.26
CA GLU D 151 -3.50 -3.48 -10.93
C GLU D 151 -2.27 -2.70 -11.33
N VAL D 152 -1.32 -2.53 -10.40
CA VAL D 152 -0.08 -1.83 -10.70
C VAL D 152 1.04 -2.53 -9.96
N ASP D 153 2.20 -2.57 -10.60
CA ASP D 153 3.41 -3.12 -10.01
C ASP D 153 4.58 -2.27 -10.49
N VAL D 154 5.49 -1.93 -9.58
CA VAL D 154 6.63 -1.10 -9.92
C VAL D 154 7.90 -1.85 -9.53
N PHE D 155 8.88 -1.82 -10.43
CA PHE D 155 10.12 -2.54 -10.26
C PHE D 155 11.27 -1.56 -10.28
N TYR D 156 12.30 -1.85 -9.47
CA TYR D 156 13.45 -0.97 -9.33
C TYR D 156 14.72 -1.80 -9.47
N ALA D 157 15.65 -1.34 -10.29
CA ALA D 157 16.78 -2.22 -10.54
C ALA D 157 17.97 -1.48 -11.13
N THR D 158 19.17 -1.97 -10.81
CA THR D 158 20.40 -1.57 -11.47
C THR D 158 20.80 -2.66 -12.44
N ARG D 159 21.23 -2.26 -13.64
CA ARG D 159 21.57 -3.16 -14.74
C ARG D 159 23.02 -2.92 -15.12
N GLU D 160 23.83 -3.97 -14.96
CA GLU D 160 25.24 -3.96 -15.33
C GLU D 160 25.34 -4.58 -16.71
N ASP D 161 25.82 -3.81 -17.69
CA ASP D 161 25.67 -4.15 -19.09
C ASP D 161 27.03 -4.24 -19.77
N LYS D 162 27.09 -5.15 -20.74
CA LYS D 162 28.15 -5.19 -21.73
C LYS D 162 27.47 -5.02 -23.09
N TRP D 163 27.95 -4.07 -23.88
CA TRP D 163 27.43 -3.78 -25.21
C TRP D 163 28.57 -3.88 -26.21
N LYS D 164 28.30 -4.45 -27.37
CA LYS D 164 29.37 -4.69 -28.33
C LYS D 164 29.06 -3.99 -29.65
N ARG D 165 30.07 -3.39 -30.26
CA ARG D 165 29.93 -2.76 -31.56
C ARG D 165 29.97 -3.84 -32.65
N ILE D 166 28.95 -3.88 -33.50
CA ILE D 166 28.88 -4.90 -34.55
C ILE D 166 29.14 -4.19 -35.87
N GLU D 167 29.56 -4.98 -36.86
CA GLU D 167 30.04 -4.39 -38.11
C GLU D 167 28.99 -3.59 -38.87
N GLY D 168 27.71 -3.91 -38.74
CA GLY D 168 26.75 -3.20 -39.57
C GLY D 168 26.58 -1.74 -39.14
N GLY D 169 27.41 -1.31 -38.19
CA GLY D 169 27.24 -0.03 -37.57
C GLY D 169 26.42 -0.04 -36.31
N GLY D 170 25.84 -1.19 -35.96
CA GLY D 170 25.07 -1.28 -34.75
C GLY D 170 25.92 -1.37 -33.50
N ILE D 171 25.21 -1.39 -32.39
CA ILE D 171 25.76 -1.66 -31.07
C ILE D 171 24.70 -2.49 -30.38
N GLN D 172 25.07 -3.67 -29.90
CA GLN D 172 24.08 -4.54 -29.29
C GLN D 172 24.54 -5.07 -27.93
N LEU D 173 23.55 -5.57 -27.21
CA LEU D 173 23.69 -6.02 -25.84
C LEU D 173 24.19 -7.44 -25.84
N VAL D 174 25.32 -7.69 -25.19
CA VAL D 174 25.88 -9.03 -25.05
C VAL D 174 25.68 -9.61 -23.65
N GLU D 175 25.68 -8.78 -22.60
CA GLU D 175 25.55 -9.22 -21.23
C GLU D 175 24.71 -8.21 -20.45
N ARG D 176 23.74 -8.72 -19.71
CA ARG D 176 22.95 -7.96 -18.74
C ARG D 176 23.01 -8.73 -17.46
N PHE D 177 23.45 -8.08 -16.39
CA PHE D 177 23.40 -8.67 -15.08
C PHE D 177 22.59 -7.75 -14.17
N VAL D 178 21.54 -8.28 -13.55
CA VAL D 178 20.70 -7.53 -12.62
C VAL D 178 20.62 -8.32 -11.31
N ASP D 179 21.03 -7.67 -10.21
CA ASP D 179 20.93 -8.25 -8.86
C ASP D 179 19.66 -7.68 -8.26
N TYR D 180 18.53 -8.38 -8.43
CA TYR D 180 17.27 -7.68 -8.18
C TYR D 180 17.09 -7.50 -6.68
N PRO D 181 16.96 -6.26 -6.18
CA PRO D 181 17.26 -5.95 -4.78
C PRO D 181 16.19 -6.34 -3.78
N GLU D 182 14.98 -6.66 -4.20
CA GLU D 182 14.00 -7.19 -3.27
C GLU D 182 14.13 -8.71 -3.31
N ARG D 183 14.19 -9.32 -2.13
CA ARG D 183 14.43 -10.75 -2.11
C ARG D 183 13.13 -11.48 -2.39
N ILE D 184 12.06 -11.09 -1.73
CA ILE D 184 10.76 -11.56 -2.11
C ILE D 184 10.23 -10.62 -3.16
N LEU D 185 10.01 -11.11 -4.37
CA LEU D 185 9.58 -10.23 -5.42
C LEU D 185 8.13 -9.81 -5.16
N PRO D 186 7.78 -8.56 -5.47
CA PRO D 186 6.44 -8.06 -5.12
C PRO D 186 5.34 -8.55 -6.06
N HIS D 187 5.66 -8.87 -7.31
CA HIS D 187 4.72 -9.56 -8.18
C HIS D 187 5.55 -10.29 -9.23
N ASN D 188 4.90 -11.10 -10.06
CA ASN D 188 5.64 -11.96 -10.99
C ASN D 188 6.41 -11.11 -12.00
N LEU D 189 7.70 -11.35 -12.13
CA LEU D 189 8.54 -10.46 -12.93
C LEU D 189 8.61 -10.90 -14.40
N LEU D 190 7.45 -11.00 -15.05
CA LEU D 190 7.49 -11.36 -16.46
C LEU D 190 7.68 -10.11 -17.32
N VAL D 191 8.81 -9.45 -17.09
CA VAL D 191 9.15 -8.22 -17.80
C VAL D 191 10.66 -8.21 -18.04
N PHE D 192 11.09 -7.49 -19.08
CA PHE D 192 12.51 -7.36 -19.39
C PHE D 192 13.10 -6.11 -18.74
N LEU D 193 14.17 -6.29 -17.97
CA LEU D 193 14.75 -5.15 -17.26
C LEU D 193 15.97 -4.59 -17.99
N SER E 2 -28.69 -5.73 14.94
CA SER E 2 -29.30 -4.46 15.36
C SER E 2 -29.48 -3.54 14.17
N TYR E 3 -28.56 -2.55 14.12
CA TYR E 3 -28.49 -1.53 13.08
C TYR E 3 -29.70 -0.61 13.10
N GLN E 4 -30.60 -0.81 14.06
CA GLN E 4 -31.63 0.19 14.31
C GLN E 4 -31.00 1.41 14.98
N ASN E 5 -31.73 2.53 14.90
CA ASN E 5 -31.38 3.78 15.57
C ASN E 5 -30.04 4.33 15.09
N LEU E 6 -29.72 4.15 13.82
CA LEU E 6 -28.59 4.85 13.26
C LEU E 6 -28.96 6.22 12.74
N VAL E 7 -30.18 6.39 12.22
CA VAL E 7 -30.74 7.68 11.87
C VAL E 7 -32.01 7.85 12.70
N SER E 8 -32.21 9.06 13.22
CA SER E 8 -33.31 9.32 14.15
C SER E 8 -34.61 9.51 13.40
N GLU E 9 -35.68 9.77 14.17
CA GLU E 9 -36.99 9.97 13.56
C GLU E 9 -36.95 11.14 12.58
N ALA E 10 -37.69 10.99 11.48
CA ALA E 10 -37.78 11.97 10.41
C ALA E 10 -36.45 12.24 9.74
N GLY E 11 -35.45 11.40 9.99
CA GLY E 11 -34.16 11.55 9.33
C GLY E 11 -33.40 12.78 9.72
N LEU E 12 -33.58 13.28 10.95
CA LEU E 12 -33.05 14.57 11.32
C LEU E 12 -31.58 14.50 11.71
N THR E 13 -31.18 13.46 12.46
CA THR E 13 -29.77 13.17 12.74
C THR E 13 -29.38 11.78 12.22
N GLN E 14 -28.07 11.55 12.14
CA GLN E 14 -27.48 10.27 11.76
C GLN E 14 -26.16 10.09 12.47
N LYS E 15 -25.85 8.84 12.87
CA LYS E 15 -24.59 8.54 13.53
C LYS E 15 -23.42 8.65 12.57
N HIS E 16 -22.36 9.35 13.00
CA HIS E 16 -21.21 9.57 12.14
C HIS E 16 -20.58 8.23 11.73
N LEU E 17 -20.77 7.20 12.55
CA LEU E 17 -20.17 5.90 12.30
C LEU E 17 -20.57 5.31 10.96
N ILE E 18 -21.67 5.77 10.35
CA ILE E 18 -22.15 5.10 9.14
C ILE E 18 -21.26 5.38 7.95
N HIS E 19 -20.38 6.38 8.01
CA HIS E 19 -19.45 6.62 6.92
C HIS E 19 -18.12 5.92 7.16
N GLY E 20 -18.08 4.94 8.06
CA GLY E 20 -16.82 4.26 8.35
C GLY E 20 -16.83 2.82 8.83
N ASP E 21 -17.86 2.40 9.57
CA ASP E 21 -17.89 1.09 10.21
C ASP E 21 -17.84 -0.03 9.18
N LYS E 22 -16.92 -0.99 9.39
CA LYS E 22 -16.69 -2.07 8.43
C LYS E 22 -17.75 -3.15 8.55
N GLU E 23 -18.21 -3.43 9.76
CA GLU E 23 -19.33 -4.34 9.97
C GLU E 23 -20.54 -3.93 9.15
N LEU E 24 -20.89 -2.64 9.22
CA LEU E 24 -22.09 -2.13 8.56
C LEU E 24 -21.92 -2.14 7.04
N PHE E 25 -20.77 -1.71 6.54
CA PHE E 25 -20.54 -1.82 5.11
C PHE E 25 -20.84 -3.23 4.61
N GLN E 26 -20.48 -4.25 5.40
CA GLN E 26 -20.85 -5.61 5.02
C GLN E 26 -22.37 -5.78 5.02
N HIS E 27 -23.04 -5.25 6.03
CA HIS E 27 -24.49 -5.32 6.05
C HIS E 27 -25.10 -4.64 4.84
N GLU E 28 -24.49 -3.54 4.40
CA GLU E 28 -25.03 -2.81 3.26
C GLU E 28 -25.01 -3.63 1.98
N MET E 29 -23.98 -4.45 1.78
CA MET E 29 -23.91 -5.25 0.56
C MET E 29 -25.09 -6.19 0.46
N LYS E 30 -25.57 -6.68 1.61
CA LYS E 30 -26.75 -7.52 1.69
C LYS E 30 -28.02 -6.70 1.54
N THR E 31 -28.12 -5.62 2.31
CA THR E 31 -29.38 -4.92 2.52
C THR E 31 -29.59 -3.68 1.67
N ILE E 32 -28.58 -3.19 0.97
CA ILE E 32 -28.71 -1.99 0.15
C ILE E 32 -28.49 -2.30 -1.30
N PHE E 33 -27.38 -2.94 -1.62
CA PHE E 33 -27.01 -3.17 -3.01
C PHE E 33 -27.52 -4.50 -3.57
N ALA E 34 -27.87 -5.46 -2.71
CA ALA E 34 -28.63 -6.62 -3.17
C ALA E 34 -30.10 -6.28 -3.43
N ARG E 35 -30.64 -5.30 -2.70
CA ARG E 35 -32.07 -5.08 -2.66
C ARG E 35 -32.55 -4.05 -3.67
N ASN E 36 -31.73 -3.05 -4.00
CA ASN E 36 -32.23 -1.89 -4.74
C ASN E 36 -31.70 -1.86 -6.17
N TRP E 37 -32.30 -0.95 -6.94
CA TRP E 37 -31.94 -0.71 -8.33
C TRP E 37 -30.60 0.00 -8.43
N LEU E 38 -29.83 -0.38 -9.45
CA LEU E 38 -28.47 0.13 -9.61
C LEU E 38 -28.22 0.43 -11.08
N PHE E 39 -27.54 1.54 -11.35
CA PHE E 39 -27.20 1.89 -12.72
C PHE E 39 -26.17 0.96 -13.35
N LEU E 40 -26.52 0.39 -14.50
CA LEU E 40 -25.63 -0.43 -15.29
C LEU E 40 -25.07 0.33 -16.49
N THR E 41 -25.88 0.63 -17.52
CA THR E 41 -25.37 1.40 -18.66
C THR E 41 -26.54 2.07 -19.35
N HIS E 42 -26.29 2.58 -20.56
CA HIS E 42 -27.29 3.22 -21.41
C HIS E 42 -27.41 2.50 -22.74
N ASP E 43 -28.62 2.53 -23.33
CA ASP E 43 -28.83 1.98 -24.67
C ASP E 43 -27.79 2.50 -25.65
N SER E 44 -27.36 3.75 -25.48
CA SER E 44 -26.48 4.37 -26.46
C SER E 44 -25.11 3.74 -26.55
N LEU E 45 -24.72 2.90 -25.57
CA LEU E 45 -23.38 2.29 -25.50
C LEU E 45 -23.37 0.79 -25.76
N ILE E 46 -24.53 0.14 -25.69
CA ILE E 46 -24.68 -1.22 -26.16
C ILE E 46 -25.86 -1.24 -27.15
N PRO E 47 -25.65 -0.77 -28.39
CA PRO E 47 -26.78 -0.63 -29.32
C PRO E 47 -27.02 -1.85 -30.21
N SER E 48 -26.02 -2.25 -30.99
CA SER E 48 -26.12 -3.44 -31.84
C SER E 48 -26.25 -4.70 -30.98
N PRO E 49 -26.80 -5.78 -31.54
CA PRO E 49 -26.81 -7.05 -30.81
C PRO E 49 -25.40 -7.55 -30.62
N GLY E 50 -25.15 -8.16 -29.46
CA GLY E 50 -23.85 -8.66 -29.11
C GLY E 50 -22.97 -7.69 -28.34
N ASP E 51 -23.31 -6.39 -28.38
CA ASP E 51 -22.59 -5.41 -27.59
C ASP E 51 -22.74 -5.72 -26.09
N TYR E 52 -21.65 -5.58 -25.36
CA TYR E 52 -21.61 -5.90 -23.94
C TYR E 52 -20.78 -4.87 -23.22
N VAL E 53 -21.12 -4.63 -21.95
CA VAL E 53 -20.24 -3.88 -21.05
C VAL E 53 -20.16 -4.58 -19.69
N THR E 54 -19.14 -4.23 -18.91
CA THR E 54 -19.07 -4.70 -17.54
C THR E 54 -19.36 -3.55 -16.62
N ALA E 55 -20.11 -3.83 -15.57
CA ALA E 55 -20.59 -2.81 -14.66
C ALA E 55 -20.65 -3.42 -13.27
N LYS E 56 -20.40 -2.60 -12.27
CA LYS E 56 -20.38 -3.06 -10.91
C LYS E 56 -21.76 -2.90 -10.31
N MET E 57 -22.21 -3.90 -9.57
CA MET E 57 -23.45 -3.81 -8.82
C MET E 57 -23.10 -3.99 -7.36
N GLY E 58 -22.74 -2.88 -6.73
CA GLY E 58 -22.10 -2.96 -5.44
C GLY E 58 -20.69 -3.50 -5.60
N LEU E 59 -20.41 -4.61 -4.92
CA LEU E 59 -19.08 -5.21 -5.04
C LEU E 59 -18.99 -6.12 -6.25
N ASP E 60 -20.12 -6.75 -6.61
CA ASP E 60 -20.22 -7.70 -7.71
C ASP E 60 -20.03 -7.02 -9.06
N GLU E 61 -19.36 -7.73 -9.99
CA GLU E 61 -19.26 -7.25 -11.36
C GLU E 61 -20.14 -8.12 -12.24
N VAL E 62 -20.97 -7.45 -13.05
CA VAL E 62 -21.89 -8.17 -13.91
C VAL E 62 -21.55 -7.82 -15.34
N ILE E 63 -21.82 -8.77 -16.20
CA ILE E 63 -21.74 -8.59 -17.65
C ILE E 63 -23.13 -8.25 -18.21
N VAL E 64 -23.20 -7.18 -18.98
CA VAL E 64 -24.44 -6.65 -19.51
C VAL E 64 -24.35 -6.74 -21.02
N SER E 65 -25.24 -7.52 -21.60
CA SER E 65 -25.12 -7.93 -22.98
C SER E 65 -26.40 -7.60 -23.71
N ARG E 66 -26.27 -7.04 -24.92
CA ARG E 66 -27.40 -6.90 -25.82
C ARG E 66 -27.75 -8.23 -26.48
N GLN E 67 -29.02 -8.60 -26.37
CA GLN E 67 -29.54 -9.85 -26.89
C GLN E 67 -29.90 -9.74 -28.36
N ASN E 68 -30.02 -10.91 -29.01
CA ASN E 68 -30.37 -10.90 -30.42
C ASN E 68 -31.80 -10.48 -30.64
N ASP E 69 -32.69 -10.78 -29.70
CA ASP E 69 -34.05 -10.27 -29.83
C ASP E 69 -34.17 -8.81 -29.45
N GLY E 70 -33.07 -8.05 -29.39
CA GLY E 70 -33.10 -6.65 -28.97
C GLY E 70 -33.14 -6.44 -27.48
N SER E 71 -33.31 -7.49 -26.69
CA SER E 71 -33.40 -7.45 -25.23
C SER E 71 -32.05 -7.04 -24.62
N VAL E 72 -32.03 -6.91 -23.28
CA VAL E 72 -30.79 -6.77 -22.52
C VAL E 72 -30.88 -7.68 -21.30
N ARG E 73 -29.83 -8.46 -21.05
CA ARG E 73 -29.76 -9.27 -19.85
C ARG E 73 -28.38 -9.16 -19.27
N ALA E 74 -28.28 -9.39 -17.94
CA ALA E 74 -27.02 -9.21 -17.24
C ALA E 74 -26.74 -10.38 -16.30
N PHE E 75 -25.48 -10.85 -16.34
CA PHE E 75 -24.98 -12.02 -15.62
C PHE E 75 -23.67 -11.68 -14.91
N LEU E 76 -23.39 -12.45 -13.85
CA LEU E 76 -22.15 -12.31 -13.09
C LEU E 76 -20.94 -12.64 -13.96
N ASN E 77 -19.93 -11.79 -13.91
CA ASN E 77 -18.69 -12.06 -14.62
C ASN E 77 -17.86 -13.06 -13.79
N VAL E 78 -18.49 -14.18 -13.39
CA VAL E 78 -17.87 -15.28 -12.66
C VAL E 78 -18.24 -16.59 -13.32
N CYS E 79 -17.29 -17.53 -13.36
CA CYS E 79 -17.53 -18.77 -14.08
C CYS E 79 -18.21 -19.82 -13.21
N ARG E 80 -18.89 -20.75 -13.88
CA ARG E 80 -19.64 -21.72 -13.11
C ARG E 80 -18.80 -22.92 -12.70
N HIS E 81 -17.60 -23.05 -13.27
CA HIS E 81 -16.71 -24.15 -12.95
C HIS E 81 -15.94 -23.86 -11.67
N ARG E 82 -14.74 -23.31 -11.82
CA ARG E 82 -13.92 -22.99 -10.66
C ARG E 82 -14.04 -21.54 -10.23
N GLY E 83 -14.86 -20.72 -10.91
CA GLY E 83 -15.14 -19.39 -10.45
C GLY E 83 -14.23 -18.29 -10.95
N LYS E 84 -13.48 -18.49 -12.03
CA LYS E 84 -12.63 -17.46 -12.59
C LYS E 84 -13.47 -16.30 -13.09
N THR E 85 -12.83 -15.15 -13.28
CA THR E 85 -13.47 -14.07 -14.03
C THR E 85 -13.36 -14.37 -15.53
N ILE E 86 -14.47 -14.15 -16.25
CA ILE E 86 -14.62 -14.56 -17.65
C ILE E 86 -14.23 -13.46 -18.62
N VAL E 87 -14.76 -12.25 -18.44
CA VAL E 87 -14.55 -11.13 -19.36
C VAL E 87 -13.70 -10.08 -18.65
N HIS E 88 -12.58 -9.71 -19.26
CA HIS E 88 -11.67 -8.71 -18.72
C HIS E 88 -11.64 -7.43 -19.54
N ALA E 89 -12.62 -7.21 -20.42
CA ALA E 89 -12.72 -5.96 -21.15
C ALA E 89 -13.82 -5.12 -20.54
N GLU E 90 -13.67 -3.80 -20.60
CA GLU E 90 -14.75 -2.98 -20.06
C GLU E 90 -15.93 -2.95 -21.01
N ALA E 91 -15.67 -2.90 -22.32
CA ALA E 91 -16.73 -2.94 -23.31
C ALA E 91 -16.25 -3.70 -24.54
N GLY E 92 -17.22 -4.15 -25.34
CA GLY E 92 -16.92 -4.77 -26.61
C GLY E 92 -18.16 -5.37 -27.25
N ASN E 93 -17.92 -6.20 -28.27
CA ASN E 93 -18.98 -6.91 -28.99
C ASN E 93 -18.54 -8.33 -29.27
N ALA E 94 -19.27 -9.29 -28.69
CA ALA E 94 -18.80 -10.67 -28.65
C ALA E 94 -19.85 -11.65 -29.17
N LYS E 95 -19.38 -12.62 -29.96
CA LYS E 95 -20.27 -13.70 -30.33
C LYS E 95 -20.48 -14.66 -29.16
N GLY E 96 -19.63 -14.59 -28.14
CA GLY E 96 -19.86 -15.29 -26.88
C GLY E 96 -18.69 -15.02 -25.95
N PHE E 97 -18.76 -15.61 -24.77
CA PHE E 97 -17.75 -15.39 -23.74
C PHE E 97 -17.05 -16.69 -23.35
N VAL E 98 -15.78 -16.80 -23.69
CA VAL E 98 -15.03 -17.98 -23.29
C VAL E 98 -14.17 -17.61 -22.08
N CYS E 99 -14.16 -18.50 -21.08
CA CYS E 99 -13.39 -18.34 -19.85
C CYS E 99 -12.09 -19.14 -19.94
N ASN E 100 -10.96 -18.46 -20.06
CA ASN E 100 -9.74 -19.16 -20.48
C ASN E 100 -8.98 -19.79 -19.34
N TYR E 101 -9.65 -20.35 -18.33
CA TYR E 101 -8.96 -21.30 -17.46
C TYR E 101 -8.99 -22.69 -18.11
N HIS E 102 -10.18 -23.19 -18.43
CA HIS E 102 -10.30 -24.46 -19.13
C HIS E 102 -10.99 -24.41 -20.49
N GLY E 103 -11.69 -23.34 -20.83
CA GLY E 103 -12.25 -23.20 -22.13
C GLY E 103 -13.76 -23.23 -22.17
N TRP E 104 -14.43 -23.23 -21.02
CA TRP E 104 -15.89 -23.24 -21.02
C TRP E 104 -16.47 -22.09 -21.83
N GLY E 105 -17.50 -22.43 -22.60
CA GLY E 105 -18.09 -21.54 -23.58
C GLY E 105 -19.53 -21.20 -23.21
N TYR E 106 -19.82 -19.90 -23.22
CA TYR E 106 -21.11 -19.39 -22.80
C TYR E 106 -21.73 -18.62 -23.96
N GLY E 107 -23.06 -18.63 -23.99
CA GLY E 107 -23.76 -17.80 -24.95
C GLY E 107 -23.85 -16.37 -24.48
N THR E 108 -24.07 -15.45 -25.44
CA THR E 108 -24.25 -14.06 -25.03
C THR E 108 -25.51 -13.98 -24.17
N ASN E 109 -26.18 -15.13 -23.99
CA ASN E 109 -27.41 -15.22 -23.23
C ASN E 109 -27.24 -16.03 -21.93
N GLY E 110 -26.00 -16.34 -21.57
CA GLY E 110 -25.73 -16.98 -20.30
C GLY E 110 -25.68 -18.49 -20.31
N GLU E 111 -26.13 -19.13 -21.38
CA GLU E 111 -26.15 -20.59 -21.43
C GLU E 111 -24.73 -21.15 -21.58
N LEU E 112 -24.47 -22.24 -20.86
CA LEU E 112 -23.21 -22.96 -21.04
C LEU E 112 -23.33 -23.76 -22.34
N GLN E 113 -22.57 -23.36 -23.36
CA GLN E 113 -22.79 -23.85 -24.71
C GLN E 113 -21.77 -24.89 -25.16
N SER E 114 -20.57 -24.91 -24.60
CA SER E 114 -19.54 -25.86 -25.02
C SER E 114 -18.55 -26.08 -23.89
N VAL E 115 -18.37 -27.31 -23.46
CA VAL E 115 -17.34 -27.61 -22.47
C VAL E 115 -16.37 -28.56 -23.15
N PRO E 116 -15.08 -28.22 -23.26
CA PRO E 116 -14.12 -29.10 -23.93
C PRO E 116 -14.16 -30.49 -23.34
N PHE E 117 -14.00 -31.50 -24.21
CA PHE E 117 -13.89 -32.90 -23.78
C PHE E 117 -15.10 -33.34 -22.96
N GLU E 118 -16.29 -32.84 -23.33
CA GLU E 118 -17.48 -33.20 -22.58
C GLU E 118 -17.69 -34.70 -22.65
N LYS E 119 -17.76 -35.23 -23.88
CA LYS E 119 -18.05 -36.64 -24.09
C LYS E 119 -17.03 -37.51 -23.35
N GLU E 120 -15.75 -37.22 -23.51
CA GLU E 120 -14.70 -38.03 -22.89
C GLU E 120 -14.75 -38.01 -21.36
N LEU E 121 -14.54 -36.83 -20.77
CA LEU E 121 -14.21 -36.74 -19.34
C LEU E 121 -15.40 -36.43 -18.46
N TYR E 122 -16.38 -35.66 -18.95
CA TYR E 122 -17.50 -35.28 -18.11
C TYR E 122 -18.63 -36.31 -18.18
N GLY E 123 -18.98 -36.77 -19.38
CA GLY E 123 -20.04 -37.73 -19.57
C GLY E 123 -21.36 -37.37 -18.90
N ASP E 124 -21.72 -38.17 -17.90
CA ASP E 124 -23.01 -38.06 -17.22
C ASP E 124 -22.97 -37.10 -16.05
N ALA E 125 -21.76 -36.74 -15.59
CA ALA E 125 -21.54 -35.89 -14.42
C ALA E 125 -21.82 -34.40 -14.65
N ILE E 126 -22.07 -34.01 -15.87
CA ILE E 126 -22.32 -32.63 -16.18
C ILE E 126 -23.48 -32.46 -17.11
N LYS E 127 -24.27 -31.44 -16.88
CA LYS E 127 -25.38 -31.14 -17.76
C LYS E 127 -25.41 -29.68 -17.94
N LYS E 128 -24.99 -29.19 -19.08
CA LYS E 128 -24.93 -27.76 -19.36
C LYS E 128 -26.13 -26.83 -19.18
N LYS E 129 -27.32 -27.33 -18.97
CA LYS E 129 -28.49 -26.52 -18.74
C LYS E 129 -28.72 -26.25 -17.29
N CYS E 130 -27.78 -26.60 -16.43
CA CYS E 130 -27.91 -26.31 -15.05
C CYS E 130 -26.73 -25.49 -14.65
N LEU E 131 -25.93 -25.10 -15.61
CA LEU E 131 -24.70 -24.38 -15.32
C LEU E 131 -24.62 -23.07 -16.09
N GLY E 132 -25.71 -22.32 -16.09
CA GLY E 132 -25.69 -20.98 -16.63
C GLY E 132 -25.21 -19.95 -15.63
N LEU E 133 -24.62 -18.88 -16.16
CA LEU E 133 -24.18 -17.76 -15.34
C LEU E 133 -25.32 -17.31 -14.45
N LYS E 134 -24.97 -16.84 -13.24
CA LYS E 134 -25.96 -16.34 -12.29
C LYS E 134 -26.58 -15.05 -12.80
N GLU E 135 -27.87 -15.09 -13.08
CA GLU E 135 -28.50 -14.03 -13.86
C GLU E 135 -29.09 -12.96 -12.95
N VAL E 136 -28.88 -11.70 -13.34
CA VAL E 136 -29.59 -10.59 -12.68
C VAL E 136 -31.06 -10.73 -13.03
N PRO E 137 -31.94 -10.90 -12.03
CA PRO E 137 -33.34 -11.19 -12.34
C PRO E 137 -34.14 -10.01 -12.89
N ARG E 138 -33.82 -8.77 -12.54
CA ARG E 138 -34.67 -7.64 -12.88
C ARG E 138 -33.86 -6.62 -13.66
N ILE E 139 -34.28 -6.36 -14.90
CA ILE E 139 -33.65 -5.32 -15.70
C ILE E 139 -34.72 -4.49 -16.41
N GLU E 140 -34.75 -3.20 -16.12
CA GLU E 140 -35.76 -2.30 -16.67
C GLU E 140 -35.07 -1.00 -17.05
N SER E 141 -35.83 -0.09 -17.65
CA SER E 141 -35.21 1.04 -18.29
C SER E 141 -36.01 2.31 -18.06
N PHE E 142 -35.32 3.45 -18.12
CA PHE E 142 -35.91 4.78 -17.93
C PHE E 142 -35.27 5.69 -18.98
N HIS E 143 -35.94 5.80 -20.13
CA HIS E 143 -35.55 6.67 -21.24
C HIS E 143 -34.08 6.51 -21.62
N GLY E 144 -33.67 5.25 -21.69
CA GLY E 144 -32.38 4.87 -22.22
C GLY E 144 -31.43 4.38 -21.17
N PHE E 145 -31.67 4.74 -19.91
CA PHE E 145 -30.78 4.39 -18.82
C PHE E 145 -31.21 3.05 -18.22
N ILE E 146 -30.35 2.03 -18.36
CA ILE E 146 -30.68 0.65 -18.00
C ILE E 146 -30.17 0.37 -16.60
N TYR E 147 -31.07 -0.10 -15.73
CA TYR E 147 -30.81 -0.36 -14.33
C TYR E 147 -31.07 -1.82 -13.98
N GLY E 148 -30.20 -2.41 -13.15
CA GLY E 148 -30.40 -3.78 -12.71
C GLY E 148 -30.76 -3.90 -11.26
N CYS E 149 -31.33 -5.03 -10.85
CA CYS E 149 -31.53 -5.27 -9.43
C CYS E 149 -31.46 -6.78 -9.19
N PHE E 150 -30.80 -7.20 -8.11
CA PHE E 150 -30.70 -8.63 -7.85
C PHE E 150 -31.88 -9.17 -7.05
N ASP E 151 -32.74 -8.32 -6.51
CA ASP E 151 -33.92 -8.78 -5.78
C ASP E 151 -35.10 -8.73 -6.73
N ALA E 152 -35.78 -9.86 -6.90
CA ALA E 152 -36.90 -9.89 -7.83
C ALA E 152 -38.18 -9.35 -7.24
N GLU E 153 -38.30 -9.26 -5.91
CA GLU E 153 -39.51 -8.71 -5.31
C GLU E 153 -39.58 -7.19 -5.40
N ALA E 154 -38.61 -6.56 -6.05
CA ALA E 154 -38.48 -5.12 -6.01
C ALA E 154 -39.63 -4.45 -6.73
N PRO E 155 -40.01 -3.25 -6.30
CA PRO E 155 -40.98 -2.49 -7.05
C PRO E 155 -40.40 -2.20 -8.48
N PRO E 156 -41.29 -2.03 -9.45
CA PRO E 156 -40.79 -1.72 -10.80
C PRO E 156 -39.99 -0.42 -10.77
N LEU E 157 -39.08 -0.28 -11.73
CA LEU E 157 -38.18 0.87 -11.74
C LEU E 157 -38.96 2.17 -11.60
N ILE E 158 -40.03 2.33 -12.39
CA ILE E 158 -40.73 3.62 -12.40
C ILE E 158 -41.33 3.90 -11.03
N ASP E 159 -41.90 2.88 -10.37
CA ASP E 159 -42.41 3.12 -9.03
C ASP E 159 -41.28 3.45 -8.07
N TYR E 160 -40.17 2.70 -8.15
CA TYR E 160 -39.03 2.91 -7.27
C TYR E 160 -38.57 4.36 -7.34
N LEU E 161 -38.56 4.92 -8.55
CA LEU E 161 -38.23 6.32 -8.77
C LEU E 161 -39.25 7.27 -8.15
N GLY E 162 -40.43 6.78 -7.76
CA GLY E 162 -41.42 7.57 -7.02
C GLY E 162 -41.67 8.99 -7.46
N ASP E 163 -41.83 9.93 -6.51
CA ASP E 163 -42.13 11.28 -6.97
C ASP E 163 -40.96 12.00 -7.64
N ALA E 164 -39.78 11.39 -7.78
CA ALA E 164 -38.68 12.12 -8.39
C ALA E 164 -38.72 12.05 -9.89
N ALA E 165 -39.32 10.98 -10.43
CA ALA E 165 -39.49 10.82 -11.86
C ALA E 165 -40.09 12.08 -12.47
N TRP E 166 -41.06 12.68 -11.79
CA TRP E 166 -41.73 13.84 -12.33
C TRP E 166 -40.75 14.95 -12.70
N TYR E 167 -39.72 15.15 -11.88
CA TYR E 167 -38.80 16.24 -12.19
C TYR E 167 -37.83 15.83 -13.30
N MET E 168 -37.56 14.55 -13.41
CA MET E 168 -36.56 14.14 -14.36
C MET E 168 -37.09 14.17 -15.77
N GLU E 169 -38.41 14.03 -15.92
CA GLU E 169 -39.03 13.79 -17.22
C GLU E 169 -38.79 14.93 -18.19
N PRO E 170 -38.92 16.20 -17.82
CA PRO E 170 -38.55 17.27 -18.75
C PRO E 170 -37.17 17.09 -19.36
N THR E 171 -36.19 16.62 -18.58
CA THR E 171 -34.85 16.52 -19.15
C THR E 171 -34.58 15.12 -19.72
N PHE E 172 -35.12 14.06 -19.12
CA PHE E 172 -34.85 12.69 -19.59
C PHE E 172 -35.78 12.24 -20.73
N LYS E 173 -37.00 12.80 -20.80
CA LYS E 173 -38.01 12.38 -21.76
C LYS E 173 -38.31 13.47 -22.79
N HIS E 174 -38.93 14.59 -22.36
CA HIS E 174 -39.49 15.60 -23.27
C HIS E 174 -38.41 16.40 -24.00
N SER E 175 -37.14 16.19 -23.68
CA SER E 175 -36.08 16.82 -24.43
C SER E 175 -35.82 16.12 -25.73
N GLY E 176 -36.50 15.02 -25.99
CA GLY E 176 -36.18 14.15 -27.08
C GLY E 176 -35.40 12.95 -26.66
N GLY E 177 -34.81 13.04 -25.47
CA GLY E 177 -34.06 11.96 -24.86
C GLY E 177 -32.57 12.18 -24.93
N LEU E 178 -31.86 11.46 -24.06
CA LEU E 178 -30.43 11.58 -23.90
C LEU E 178 -29.73 10.31 -24.37
N GLU E 179 -28.54 10.50 -24.91
CA GLU E 179 -27.53 9.46 -25.01
C GLU E 179 -26.41 9.76 -24.01
N LEU E 180 -25.79 8.69 -23.50
CA LEU E 180 -24.67 8.76 -22.58
C LEU E 180 -23.36 8.63 -23.35
N VAL E 181 -22.36 9.45 -23.02
CA VAL E 181 -21.11 9.51 -23.77
C VAL E 181 -20.03 8.74 -23.03
N GLY E 182 -19.58 7.63 -23.62
CA GLY E 182 -18.54 6.83 -23.04
C GLY E 182 -17.19 7.05 -23.69
N PRO E 183 -16.11 6.53 -23.07
CA PRO E 183 -16.18 5.77 -21.84
C PRO E 183 -16.26 6.70 -20.63
N PRO E 184 -16.62 6.19 -19.47
CA PRO E 184 -16.65 7.02 -18.28
C PRO E 184 -15.25 7.25 -17.74
N GLY E 185 -15.11 8.30 -16.94
CA GLY E 185 -13.91 8.49 -16.17
C GLY E 185 -13.96 7.66 -14.90
N LYS E 186 -12.79 7.19 -14.47
CA LYS E 186 -12.75 6.30 -13.32
C LYS E 186 -11.64 6.72 -12.37
N VAL E 187 -12.01 6.98 -11.09
CA VAL E 187 -11.06 7.39 -10.05
C VAL E 187 -11.43 6.80 -8.71
N VAL E 188 -10.41 6.62 -7.88
CA VAL E 188 -10.55 6.26 -6.49
C VAL E 188 -10.45 7.52 -5.66
N VAL E 189 -11.36 7.68 -4.69
CA VAL E 189 -11.24 8.72 -3.67
C VAL E 189 -11.55 8.04 -2.35
N LYS E 190 -10.81 8.40 -1.31
CA LYS E 190 -10.93 7.67 -0.05
C LYS E 190 -12.09 8.28 0.72
N ALA E 191 -13.30 7.79 0.46
CA ALA E 191 -14.49 8.26 1.17
C ALA E 191 -15.59 7.23 1.06
N ASN E 192 -16.38 7.06 2.12
CA ASN E 192 -17.50 6.15 2.05
C ASN E 192 -18.48 6.65 0.99
N TRP E 193 -19.15 5.70 0.32
CA TRP E 193 -19.95 6.08 -0.85
C TRP E 193 -21.06 7.05 -0.47
N LYS E 194 -21.66 6.89 0.71
CA LYS E 194 -22.75 7.76 1.11
C LYS E 194 -22.35 9.24 1.13
N THR E 195 -21.07 9.56 1.32
CA THR E 195 -20.76 10.98 1.40
C THR E 195 -21.03 11.69 0.09
N PHE E 196 -20.84 11.03 -1.08
CA PHE E 196 -21.17 11.68 -2.36
C PHE E 196 -22.67 11.62 -2.64
N ALA E 197 -23.29 10.47 -2.39
CA ALA E 197 -24.74 10.37 -2.46
C ALA E 197 -25.36 11.54 -1.71
N GLU E 198 -24.88 11.77 -0.47
CA GLU E 198 -25.43 12.82 0.38
C GLU E 198 -25.12 14.20 -0.19
N ASN E 199 -23.94 14.39 -0.77
CA ASN E 199 -23.61 15.67 -1.36
C ASN E 199 -24.50 15.96 -2.55
N PHE E 200 -24.70 14.96 -3.41
CA PHE E 200 -25.43 15.23 -4.63
C PHE E 200 -26.94 15.23 -4.46
N VAL E 201 -27.48 14.55 -3.44
CA VAL E 201 -28.93 14.56 -3.25
C VAL E 201 -29.48 15.95 -2.91
N GLY E 202 -28.62 16.96 -2.70
CA GLY E 202 -29.12 18.28 -2.40
C GLY E 202 -28.21 19.20 -1.58
N ASP E 203 -26.90 19.02 -1.70
CA ASP E 203 -26.00 19.94 -1.05
C ASP E 203 -25.76 21.12 -1.99
N ILE E 204 -26.67 22.08 -1.93
CA ILE E 204 -26.46 23.38 -2.58
C ILE E 204 -25.83 24.32 -1.57
N TYR E 205 -26.02 24.07 -0.28
CA TYR E 205 -25.42 24.90 0.75
C TYR E 205 -23.94 25.12 0.52
N HIS E 206 -23.25 24.11 -0.04
CA HIS E 206 -21.78 24.16 -0.11
C HIS E 206 -21.27 24.98 -1.28
N VAL E 207 -22.10 25.30 -2.27
CA VAL E 207 -21.61 25.83 -3.54
C VAL E 207 -20.90 27.16 -3.33
N GLY E 208 -21.47 28.02 -2.50
CA GLY E 208 -20.93 29.37 -2.39
C GLY E 208 -19.59 29.43 -1.69
N TRP E 209 -19.32 28.47 -0.80
CA TRP E 209 -18.09 28.48 0.00
C TRP E 209 -17.04 27.48 -0.51
N THR E 210 -17.35 26.19 -0.51
CA THR E 210 -16.42 25.19 -1.00
C THR E 210 -15.87 25.57 -2.37
N HIS E 211 -16.79 25.96 -3.25
CA HIS E 211 -16.50 26.23 -4.64
C HIS E 211 -16.29 27.73 -4.89
N ALA E 212 -15.97 28.51 -3.83
CA ALA E 212 -15.77 29.95 -3.96
C ALA E 212 -14.69 30.31 -4.96
N SER E 213 -13.69 29.46 -5.14
CA SER E 213 -12.60 29.81 -6.06
C SER E 213 -13.03 29.74 -7.53
N ILE E 214 -13.56 28.59 -7.97
CA ILE E 214 -13.91 28.42 -9.38
C ILE E 214 -15.10 29.28 -9.77
N LEU E 215 -15.98 29.63 -8.82
CA LEU E 215 -17.06 30.57 -9.14
C LEU E 215 -16.49 31.92 -9.56
N ARG E 216 -15.53 32.44 -8.78
CA ARG E 216 -14.88 33.69 -9.13
C ARG E 216 -14.12 33.59 -10.45
N VAL E 217 -13.53 32.44 -10.72
CA VAL E 217 -12.54 32.33 -11.79
C VAL E 217 -13.12 31.74 -13.08
N GLY E 218 -14.24 31.01 -12.98
CA GLY E 218 -14.81 30.36 -14.14
C GLY E 218 -16.11 31.03 -14.54
N GLN E 219 -16.71 31.75 -13.60
CA GLN E 219 -17.92 32.53 -13.86
C GLN E 219 -19.04 31.65 -14.40
N SER E 220 -19.23 30.53 -13.72
CA SER E 220 -20.44 29.72 -13.82
C SER E 220 -21.68 30.61 -13.65
N VAL E 221 -22.82 30.12 -14.14
CA VAL E 221 -24.08 30.83 -14.00
C VAL E 221 -24.47 30.80 -12.52
N PHE E 222 -23.65 30.11 -11.72
CA PHE E 222 -23.83 29.98 -10.27
C PHE E 222 -23.10 31.04 -9.45
N THR E 223 -22.29 31.92 -10.09
CA THR E 223 -21.55 32.98 -9.39
C THR E 223 -22.44 33.82 -8.46
N PRO E 224 -23.75 34.04 -8.74
CA PRO E 224 -24.57 34.71 -7.71
C PRO E 224 -24.68 33.91 -6.42
N LEU E 225 -23.60 33.28 -5.96
CA LEU E 225 -23.65 32.54 -4.70
C LEU E 225 -22.30 32.56 -4.00
N ALA E 226 -21.28 33.04 -4.70
CA ALA E 226 -19.92 33.07 -4.17
C ALA E 226 -19.87 33.70 -2.78
N GLY E 227 -19.07 33.08 -1.91
CA GLY E 227 -18.92 33.55 -0.54
C GLY E 227 -20.12 33.27 0.34
N ASN E 228 -21.12 32.54 -0.14
CA ASN E 228 -22.39 32.40 0.56
C ASN E 228 -22.86 33.77 1.05
N ALA E 229 -22.70 34.78 0.21
CA ALA E 229 -23.03 36.14 0.62
C ALA E 229 -24.53 36.40 0.50
N MET E 230 -25.04 36.40 -0.76
CA MET E 230 -26.39 36.79 -1.08
C MET E 230 -27.03 35.50 -1.63
N LEU E 231 -28.04 34.91 -0.99
CA LEU E 231 -28.67 33.81 -1.75
C LEU E 231 -29.52 34.46 -2.83
N PRO E 232 -29.65 33.85 -4.02
CA PRO E 232 -30.65 34.36 -4.96
C PRO E 232 -32.02 34.31 -4.32
N PRO E 233 -32.79 35.41 -4.41
CA PRO E 233 -33.96 35.59 -3.54
C PRO E 233 -35.03 34.53 -3.70
N GLU E 234 -36.15 34.70 -2.98
CA GLU E 234 -37.25 33.75 -3.08
C GLU E 234 -37.76 33.77 -4.52
N GLY E 235 -37.51 32.65 -5.22
CA GLY E 235 -37.37 32.63 -6.67
C GLY E 235 -36.02 32.03 -6.95
N SER E 236 -35.60 31.18 -6.01
CA SER E 236 -34.32 30.50 -6.02
C SER E 236 -34.46 29.07 -6.53
N GLY E 237 -35.14 28.26 -5.73
CA GLY E 237 -35.48 26.91 -6.13
C GLY E 237 -36.10 26.13 -4.99
N LEU E 238 -36.15 24.81 -5.18
CA LEU E 238 -36.73 23.87 -4.23
C LEU E 238 -35.87 22.61 -4.15
N GLN E 239 -36.23 21.77 -3.19
CA GLN E 239 -35.57 20.50 -3.03
C GLN E 239 -36.64 19.50 -2.62
N MET E 240 -36.43 18.26 -3.03
CA MET E 240 -37.49 17.28 -3.05
C MET E 240 -36.94 15.89 -2.75
N THR E 241 -37.77 15.05 -2.11
CA THR E 241 -37.37 13.68 -1.81
C THR E 241 -38.52 12.70 -2.07
N SER E 242 -38.19 11.39 -2.11
CA SER E 242 -39.08 10.30 -2.49
C SER E 242 -39.26 9.29 -1.37
N LYS E 243 -40.29 8.45 -1.53
CA LYS E 243 -40.51 7.31 -0.64
C LYS E 243 -39.34 6.33 -0.70
N TYR E 244 -38.79 6.11 -1.90
CA TYR E 244 -37.69 5.18 -2.13
C TYR E 244 -36.37 5.91 -2.22
N GLY E 245 -36.19 6.94 -1.40
CA GLY E 245 -34.88 7.52 -1.17
C GLY E 245 -34.43 8.61 -2.15
N SER E 246 -34.77 8.50 -3.43
CA SER E 246 -34.19 9.44 -4.38
C SER E 246 -34.73 10.86 -4.14
N GLY E 247 -33.86 11.85 -4.34
CA GLY E 247 -34.25 13.23 -4.12
C GLY E 247 -33.45 14.15 -5.01
N MET E 248 -33.77 15.44 -4.96
CA MET E 248 -33.04 16.42 -5.76
C MET E 248 -33.37 17.85 -5.35
N SER E 249 -32.49 18.77 -5.77
CA SER E 249 -32.61 20.20 -5.54
C SER E 249 -32.75 20.89 -6.89
N LEU E 250 -33.75 21.77 -7.03
CA LEU E 250 -34.05 22.46 -8.30
C LEU E 250 -33.64 23.93 -8.21
N MET E 251 -32.87 24.40 -9.19
CA MET E 251 -32.38 25.78 -9.24
C MET E 251 -32.80 26.41 -10.57
N TRP E 252 -33.70 27.40 -10.50
CA TRP E 252 -34.43 27.87 -11.68
C TRP E 252 -33.52 28.48 -12.72
N ASP E 253 -33.73 28.08 -13.97
CA ASP E 253 -33.10 28.66 -15.16
C ASP E 253 -31.58 28.47 -15.27
N TYR E 254 -30.90 27.81 -14.33
CA TYR E 254 -29.43 27.65 -14.43
C TYR E 254 -29.09 26.41 -15.28
N TYR E 255 -29.40 26.54 -16.57
CA TYR E 255 -29.21 25.43 -17.50
C TYR E 255 -27.75 25.15 -17.72
N ALA E 256 -26.88 26.13 -17.50
CA ALA E 256 -25.48 25.96 -17.77
C ALA E 256 -24.75 25.34 -16.59
N GLY E 257 -25.45 25.15 -15.46
CA GLY E 257 -24.88 24.50 -14.28
C GLY E 257 -23.53 25.07 -13.95
N ASN E 258 -22.60 24.19 -13.63
CA ASN E 258 -21.28 24.62 -13.18
C ASN E 258 -20.32 25.00 -14.32
N HIS E 259 -20.77 25.05 -15.57
CA HIS E 259 -19.78 25.20 -16.63
C HIS E 259 -19.26 26.63 -16.70
N SER E 260 -18.04 26.74 -17.21
CA SER E 260 -17.28 27.98 -17.26
C SER E 260 -17.68 28.80 -18.48
N ALA E 261 -17.33 30.08 -18.43
CA ALA E 261 -17.93 31.06 -19.33
C ALA E 261 -17.69 30.75 -20.81
N ASP E 262 -16.69 29.93 -21.15
CA ASP E 262 -16.46 29.64 -22.56
C ASP E 262 -17.64 28.92 -23.18
N LEU E 263 -18.33 28.09 -22.40
CA LEU E 263 -19.51 27.36 -22.90
C LEU E 263 -20.83 28.05 -22.59
N VAL E 264 -20.92 28.77 -21.46
CA VAL E 264 -22.18 29.34 -20.96
C VAL E 264 -23.02 29.95 -22.08
N PRO E 265 -22.46 30.70 -23.08
CA PRO E 265 -23.35 31.23 -24.12
C PRO E 265 -24.08 30.16 -24.88
N ASP E 266 -23.37 29.26 -25.56
CA ASP E 266 -24.04 28.34 -26.48
C ASP E 266 -24.96 27.39 -25.74
N LEU E 267 -24.59 27.01 -24.52
CA LEU E 267 -25.44 26.11 -23.77
C LEU E 267 -26.77 26.76 -23.45
N MET E 268 -26.73 28.02 -23.01
CA MET E 268 -27.97 28.71 -22.65
C MET E 268 -28.76 29.12 -23.89
N ALA E 269 -28.08 29.49 -24.98
CA ALA E 269 -28.78 29.67 -26.25
C ALA E 269 -29.63 28.45 -26.58
N PHE E 270 -28.98 27.30 -26.75
CA PHE E 270 -29.67 26.10 -27.17
C PHE E 270 -30.80 25.74 -26.22
N GLY E 271 -30.63 25.99 -24.94
CA GLY E 271 -31.58 25.46 -23.99
C GLY E 271 -32.76 26.36 -23.75
N GLY E 272 -32.59 27.62 -24.13
CA GLY E 272 -33.72 28.53 -24.18
C GLY E 272 -34.52 28.31 -25.45
N ALA E 273 -33.79 28.07 -26.55
CA ALA E 273 -34.44 27.71 -27.80
C ALA E 273 -35.41 26.57 -27.59
N LYS E 274 -34.93 25.44 -27.10
CA LYS E 274 -35.83 24.31 -26.91
C LYS E 274 -36.89 24.58 -25.85
N GLN E 275 -36.65 25.50 -24.92
CA GLN E 275 -37.64 25.72 -23.86
C GLN E 275 -38.96 26.25 -24.40
N GLU E 276 -38.90 27.18 -25.37
CA GLU E 276 -40.12 27.64 -26.01
C GLU E 276 -40.88 26.48 -26.64
N LYS E 277 -40.21 25.72 -27.53
CA LYS E 277 -40.87 24.54 -28.10
C LYS E 277 -41.53 23.69 -27.05
N LEU E 278 -40.84 23.43 -25.94
CA LEU E 278 -41.44 22.53 -24.96
C LEU E 278 -42.70 23.09 -24.36
N ALA E 279 -42.72 24.40 -24.05
CA ALA E 279 -43.83 24.92 -23.26
C ALA E 279 -45.15 24.80 -24.01
N LYS E 280 -45.13 24.92 -25.33
CA LYS E 280 -46.35 24.65 -26.09
C LYS E 280 -46.80 23.20 -25.88
N GLU E 281 -45.87 22.24 -25.81
CA GLU E 281 -46.22 20.83 -25.65
C GLU E 281 -46.45 20.44 -24.20
N ILE E 282 -45.69 21.02 -23.28
CA ILE E 282 -45.66 20.51 -21.92
C ILE E 282 -46.11 21.54 -20.88
N GLY E 283 -46.21 22.81 -21.21
CA GLY E 283 -46.68 23.78 -20.25
C GLY E 283 -45.53 24.52 -19.57
N ASP E 284 -45.90 25.60 -18.87
CA ASP E 284 -44.90 26.59 -18.44
C ASP E 284 -43.96 26.05 -17.38
N VAL E 285 -44.50 25.45 -16.32
CA VAL E 285 -43.67 24.97 -15.22
C VAL E 285 -42.67 23.93 -15.74
N ARG E 286 -43.18 22.90 -16.41
CA ARG E 286 -42.32 21.78 -16.79
C ARG E 286 -41.35 22.15 -17.89
N ALA E 287 -41.70 23.09 -18.76
CA ALA E 287 -40.71 23.50 -19.75
C ALA E 287 -39.56 24.27 -19.11
N ARG E 288 -39.83 24.97 -17.99
CA ARG E 288 -38.76 25.66 -17.26
C ARG E 288 -37.84 24.66 -16.55
N ILE E 289 -38.41 23.72 -15.80
CA ILE E 289 -37.66 22.62 -15.21
C ILE E 289 -36.65 22.04 -16.21
N TYR E 290 -37.09 21.83 -17.45
CA TYR E 290 -36.15 21.38 -18.48
C TYR E 290 -34.91 22.27 -18.51
N ARG E 291 -35.09 23.58 -18.55
CA ARG E 291 -33.94 24.46 -18.64
C ARG E 291 -33.42 24.88 -17.27
N SER E 292 -33.82 24.21 -16.19
CA SER E 292 -33.26 24.50 -14.89
C SER E 292 -32.24 23.43 -14.50
N HIS E 293 -31.67 23.56 -13.29
CA HIS E 293 -30.54 22.74 -12.89
C HIS E 293 -30.96 21.83 -11.74
N LEU E 294 -31.03 20.54 -12.05
CA LEU E 294 -31.25 19.49 -11.07
C LEU E 294 -29.93 18.83 -10.70
N ASN E 295 -29.74 18.61 -9.40
CA ASN E 295 -28.73 17.74 -8.83
C ASN E 295 -29.47 16.76 -7.93
N GLY E 296 -29.23 15.47 -8.10
CA GLY E 296 -30.02 14.49 -7.37
C GLY E 296 -29.34 13.15 -7.31
N THR E 297 -29.80 12.32 -6.37
CA THR E 297 -29.31 10.96 -6.22
C THR E 297 -30.50 10.03 -6.32
N ILE E 298 -30.47 9.16 -7.33
CA ILE E 298 -31.34 7.99 -7.37
C ILE E 298 -30.71 6.90 -6.53
N PHE E 299 -31.45 6.43 -5.58
CA PHE E 299 -30.96 5.48 -4.62
C PHE E 299 -30.35 4.23 -5.27
N PRO E 300 -29.36 3.64 -4.60
CA PRO E 300 -28.64 4.27 -3.50
C PRO E 300 -27.51 5.17 -3.93
N ASN E 301 -26.86 4.89 -5.05
CA ASN E 301 -25.55 5.49 -5.27
C ASN E 301 -25.33 5.99 -6.69
N ASN E 302 -26.39 6.50 -7.30
CA ASN E 302 -26.37 7.02 -8.65
C ASN E 302 -26.77 8.48 -8.60
N SER E 303 -25.91 9.36 -9.10
CA SER E 303 -26.19 10.78 -9.06
C SER E 303 -26.09 11.37 -10.46
N PHE E 304 -26.84 12.44 -10.69
CA PHE E 304 -26.84 13.14 -11.98
C PHE E 304 -26.85 14.64 -11.72
N LEU E 305 -26.48 15.39 -12.76
CA LEU E 305 -26.57 16.84 -12.76
C LEU E 305 -27.14 17.24 -14.12
N THR E 306 -28.42 17.60 -14.15
CA THR E 306 -28.97 18.18 -15.37
C THR E 306 -28.34 19.53 -15.61
N GLY E 307 -28.33 19.94 -16.88
CA GLY E 307 -27.73 21.20 -17.21
C GLY E 307 -26.21 21.16 -17.19
N SER E 308 -25.63 20.84 -16.04
CA SER E 308 -24.20 20.53 -15.99
C SER E 308 -23.93 19.25 -16.76
N ALA E 309 -24.91 18.36 -16.83
CA ALA E 309 -24.92 17.25 -17.76
C ALA E 309 -23.97 16.12 -17.35
N ALA E 310 -23.90 15.85 -16.05
CA ALA E 310 -23.04 14.80 -15.52
C ALA E 310 -23.87 13.67 -14.94
N PHE E 311 -23.37 12.43 -15.10
CA PHE E 311 -23.99 11.20 -14.60
C PHE E 311 -22.92 10.44 -13.84
N LYS E 312 -23.06 10.38 -12.51
CA LYS E 312 -22.06 9.73 -11.66
C LYS E 312 -22.62 8.43 -11.10
N VAL E 313 -21.73 7.49 -10.84
CA VAL E 313 -22.04 6.33 -10.00
C VAL E 313 -20.90 6.14 -9.03
N TRP E 314 -21.24 6.06 -7.75
CA TRP E 314 -20.27 5.97 -6.66
C TRP E 314 -20.17 4.49 -6.34
N ASN E 315 -19.20 3.80 -6.90
CA ASN E 315 -19.19 2.35 -6.76
C ASN E 315 -18.44 1.94 -5.51
N PRO E 316 -19.05 1.23 -4.58
CA PRO E 316 -18.38 0.94 -3.31
C PRO E 316 -17.23 -0.05 -3.45
N ILE E 317 -16.14 0.26 -2.76
CA ILE E 317 -14.98 -0.62 -2.63
C ILE E 317 -14.84 -1.13 -1.21
N ASP E 318 -14.67 -0.23 -0.25
CA ASP E 318 -14.76 -0.61 1.16
C ASP E 318 -15.32 0.57 1.96
N GLU E 319 -15.32 0.40 3.28
CA GLU E 319 -16.00 1.34 4.16
C GLU E 319 -15.40 2.73 4.01
N ASN E 320 -14.19 2.85 3.48
CA ASN E 320 -13.55 4.16 3.43
C ASN E 320 -12.92 4.42 2.06
N THR E 321 -13.46 3.80 1.01
CA THR E 321 -13.02 3.94 -0.38
C THR E 321 -14.19 3.73 -1.31
N THR E 322 -14.28 4.54 -2.37
CA THR E 322 -15.19 4.21 -3.46
C THR E 322 -14.60 4.59 -4.81
N GLU E 323 -15.10 3.90 -5.85
CA GLU E 323 -14.67 4.06 -7.23
C GLU E 323 -15.73 4.86 -7.97
N VAL E 324 -15.32 5.94 -8.58
CA VAL E 324 -16.22 6.99 -9.03
C VAL E 324 -16.21 6.99 -10.55
N TRP E 325 -17.35 6.65 -11.14
CA TRP E 325 -17.49 6.68 -12.58
C TRP E 325 -18.18 7.96 -12.96
N THR E 326 -17.76 8.54 -14.08
CA THR E 326 -18.17 9.90 -14.42
C THR E 326 -18.46 9.94 -15.91
N TYR E 327 -19.74 9.82 -16.29
CA TYR E 327 -20.13 10.03 -17.69
C TYR E 327 -20.77 11.40 -17.88
N ALA E 328 -20.71 11.87 -19.11
CA ALA E 328 -21.51 12.99 -19.60
C ALA E 328 -22.75 12.47 -20.33
N PHE E 329 -23.89 13.15 -20.18
CA PHE E 329 -25.02 12.89 -21.05
C PHE E 329 -25.35 14.13 -21.88
N VAL E 330 -25.76 13.90 -23.12
CA VAL E 330 -26.10 14.97 -24.05
C VAL E 330 -27.49 14.72 -24.61
N GLU E 331 -28.21 15.81 -24.86
CA GLU E 331 -29.51 15.72 -25.53
C GLU E 331 -29.30 15.39 -27.01
N LYS E 332 -30.05 14.38 -27.51
CA LYS E 332 -29.70 13.76 -28.79
C LYS E 332 -29.71 14.75 -29.95
N ASP E 333 -30.56 15.78 -29.91
CA ASP E 333 -30.62 16.72 -31.02
C ASP E 333 -29.66 17.91 -30.87
N MET E 334 -28.65 17.84 -29.99
CA MET E 334 -27.60 18.85 -29.95
C MET E 334 -26.68 18.69 -31.16
N PRO E 335 -26.10 19.78 -31.67
CA PRO E 335 -25.13 19.63 -32.77
C PRO E 335 -23.94 18.85 -32.29
N GLU E 336 -23.32 18.11 -33.21
CA GLU E 336 -22.23 17.22 -32.81
C GLU E 336 -21.11 17.98 -32.11
N ASP E 337 -20.74 19.17 -32.61
CA ASP E 337 -19.68 19.94 -31.96
C ASP E 337 -20.07 20.37 -30.57
N LEU E 338 -21.34 20.70 -30.37
CA LEU E 338 -21.76 21.02 -29.02
C LEU E 338 -21.73 19.80 -28.14
N LYS E 339 -22.02 18.63 -28.71
CA LYS E 339 -21.89 17.40 -27.94
C LYS E 339 -20.43 17.18 -27.53
N ARG E 340 -19.50 17.34 -28.47
CA ARG E 340 -18.07 17.19 -28.18
C ARG E 340 -17.64 18.11 -27.04
N ARG E 341 -17.97 19.40 -27.17
CA ARG E 341 -17.57 20.39 -26.18
C ARG E 341 -18.13 20.04 -24.81
N LEU E 342 -19.41 19.69 -24.76
CA LEU E 342 -20.02 19.37 -23.48
C LEU E 342 -19.52 18.04 -22.90
N ALA E 343 -19.10 17.11 -23.75
CA ALA E 343 -18.57 15.84 -23.26
C ALA E 343 -17.24 16.06 -22.53
N ASP E 344 -16.34 16.83 -23.14
CA ASP E 344 -15.11 17.23 -22.48
C ASP E 344 -15.41 18.03 -21.22
N ALA E 345 -16.32 19.01 -21.31
CA ALA E 345 -16.50 19.93 -20.21
C ALA E 345 -17.01 19.23 -18.95
N VAL E 346 -17.75 18.15 -19.11
CA VAL E 346 -18.17 17.44 -17.90
C VAL E 346 -16.95 16.86 -17.20
N GLN E 347 -16.00 16.30 -17.95
CA GLN E 347 -14.78 15.79 -17.35
C GLN E 347 -13.99 16.90 -16.66
N ARG E 348 -13.75 18.00 -17.40
CA ARG E 348 -13.01 19.14 -16.87
C ARG E 348 -13.59 19.64 -15.56
N THR E 349 -14.86 19.34 -15.31
CA THR E 349 -15.51 19.87 -14.14
C THR E 349 -15.61 18.86 -12.99
N VAL E 350 -16.15 17.68 -13.25
CA VAL E 350 -16.34 16.73 -12.16
C VAL E 350 -15.74 15.37 -12.48
N GLY E 351 -14.75 15.34 -13.37
CA GLY E 351 -14.01 14.13 -13.65
C GLY E 351 -12.80 13.93 -12.74
N PRO E 352 -12.00 12.94 -13.10
CA PRO E 352 -10.71 12.75 -12.42
C PRO E 352 -9.87 14.01 -12.28
N GLY E 353 -9.78 14.81 -13.35
CA GLY E 353 -9.05 16.06 -13.32
C GLY E 353 -10.00 17.24 -13.17
N GLY E 354 -11.11 17.02 -12.46
CA GLY E 354 -12.13 18.03 -12.37
C GLY E 354 -11.93 18.94 -11.19
N TYR E 355 -11.88 20.25 -11.45
CA TYR E 355 -11.65 21.18 -10.36
C TYR E 355 -12.88 21.33 -9.46
N TRP E 356 -14.07 20.96 -9.91
CA TRP E 356 -15.18 20.95 -8.95
C TRP E 356 -15.10 19.72 -8.05
N GLU E 357 -14.88 18.55 -8.65
CA GLU E 357 -14.86 17.34 -7.83
C GLU E 357 -13.65 17.31 -6.89
N SER E 358 -12.55 18.02 -7.19
CA SER E 358 -11.37 18.00 -6.32
C SER E 358 -11.60 18.80 -5.04
N ASP E 359 -11.99 20.07 -5.18
CA ASP E 359 -12.48 20.83 -4.05
C ASP E 359 -13.44 20.00 -3.22
N ASP E 360 -14.30 19.22 -3.88
CA ASP E 360 -15.39 18.54 -3.18
C ASP E 360 -14.86 17.36 -2.35
N ASN E 361 -13.77 16.75 -2.79
CA ASN E 361 -13.24 15.54 -2.15
C ASN E 361 -12.61 15.83 -0.79
N ASP E 362 -12.05 17.04 -0.62
CA ASP E 362 -11.58 17.50 0.70
C ASP E 362 -12.66 17.32 1.75
N ASN E 363 -13.88 17.68 1.41
CA ASN E 363 -14.96 17.52 2.35
C ASN E 363 -15.30 16.04 2.52
N MET E 364 -15.36 15.29 1.41
CA MET E 364 -15.86 13.93 1.45
C MET E 364 -14.90 12.99 2.16
N GLU E 365 -13.59 13.19 1.98
CA GLU E 365 -12.58 12.33 2.59
C GLU E 365 -12.56 12.50 4.10
N THR E 366 -12.33 13.72 4.58
CA THR E 366 -12.23 13.88 6.02
C THR E 366 -13.57 13.58 6.67
N LEU E 367 -14.66 13.84 5.96
CA LEU E 367 -15.99 13.50 6.47
C LEU E 367 -16.05 12.06 6.95
N SER E 368 -15.38 11.16 6.24
CA SER E 368 -15.45 9.74 6.55
C SER E 368 -14.27 9.26 7.38
N GLN E 369 -13.10 9.87 7.23
CA GLN E 369 -11.99 9.57 8.14
C GLN E 369 -12.39 9.79 9.59
N ASN E 370 -12.97 10.95 9.91
CA ASN E 370 -13.40 11.24 11.27
C ASN E 370 -14.49 10.28 11.77
N ALA E 371 -15.18 9.60 10.85
CA ALA E 371 -16.24 8.70 11.29
C ALA E 371 -15.67 7.51 12.05
N LYS E 372 -14.40 7.18 11.80
CA LYS E 372 -13.70 6.04 12.38
C LYS E 372 -13.21 6.28 13.80
N LYS E 373 -13.13 7.54 14.23
CA LYS E 373 -12.47 7.91 15.47
C LYS E 373 -13.37 7.67 16.69
N TYR E 374 -12.75 7.20 17.78
CA TYR E 374 -13.52 6.76 18.93
C TYR E 374 -14.53 7.81 19.37
N GLN E 375 -14.05 9.03 19.70
CA GLN E 375 -14.87 10.09 20.28
C GLN E 375 -15.89 10.70 19.32
N SER E 376 -15.79 10.41 18.03
CA SER E 376 -16.66 11.03 17.04
C SER E 376 -17.58 10.04 16.34
N SER E 377 -17.49 8.74 16.65
CA SER E 377 -18.27 7.78 15.89
C SER E 377 -19.73 7.73 16.35
N ASN E 378 -20.01 8.00 17.61
CA ASN E 378 -21.38 8.09 18.08
C ASN E 378 -21.87 9.52 18.13
N SER E 379 -21.05 10.48 17.67
CA SER E 379 -21.52 11.83 17.48
C SER E 379 -22.69 11.81 16.50
N ASP E 380 -23.48 12.86 16.50
CA ASP E 380 -24.68 12.89 15.68
C ASP E 380 -24.44 13.93 14.63
N LEU E 381 -24.52 13.54 13.37
CA LEU E 381 -24.56 14.50 12.28
C LEU E 381 -25.95 15.12 12.18
N ILE E 382 -26.04 16.41 11.89
CA ILE E 382 -27.35 17.08 11.81
C ILE E 382 -27.66 17.46 10.38
N ALA E 383 -28.85 17.07 9.92
CA ALA E 383 -29.43 17.50 8.66
C ALA E 383 -30.70 18.30 8.93
N SER E 384 -30.57 19.46 9.55
CA SER E 384 -31.76 20.18 9.97
C SER E 384 -32.10 21.32 9.03
N LEU E 385 -31.24 21.61 8.07
CA LEU E 385 -31.41 22.76 7.20
C LEU E 385 -32.75 22.71 6.48
N GLY E 386 -33.56 23.74 6.71
CA GLY E 386 -34.91 23.86 6.21
C GLY E 386 -35.97 23.01 6.90
N PHE E 387 -35.64 22.26 7.95
CA PHE E 387 -36.61 21.34 8.53
C PHE E 387 -37.83 22.08 9.08
N GLY E 388 -39.00 21.47 8.87
CA GLY E 388 -40.28 22.02 9.26
C GLY E 388 -40.94 22.89 8.21
N LYS E 389 -40.21 23.29 7.17
CA LYS E 389 -40.77 24.00 6.05
C LYS E 389 -41.16 23.06 4.91
N ASP E 390 -41.14 21.75 5.15
CA ASP E 390 -41.42 20.77 4.11
C ASP E 390 -42.91 20.49 4.09
N VAL E 391 -43.40 20.04 2.94
CA VAL E 391 -44.83 19.85 2.73
C VAL E 391 -45.10 18.67 1.80
N TYR E 392 -46.26 18.04 1.97
CA TYR E 392 -46.68 16.97 1.08
C TYR E 392 -47.88 17.44 0.26
N GLY E 393 -48.00 16.89 -0.94
CA GLY E 393 -49.19 17.10 -1.74
C GLY E 393 -49.46 18.52 -2.20
N ASP E 394 -48.41 19.29 -2.46
CA ASP E 394 -48.56 20.57 -3.14
C ASP E 394 -49.37 20.39 -4.42
N GLU E 395 -50.24 21.36 -4.69
CA GLU E 395 -51.09 21.33 -5.88
C GLU E 395 -50.29 21.34 -7.18
N CYS E 396 -49.01 21.67 -7.08
CA CYS E 396 -48.19 21.82 -8.24
C CYS E 396 -46.86 21.01 -8.27
N TYR E 397 -46.29 20.72 -7.12
CA TYR E 397 -44.99 20.05 -6.98
C TYR E 397 -44.98 18.75 -6.20
N PRO E 398 -44.35 17.76 -6.80
CA PRO E 398 -44.74 16.36 -6.86
C PRO E 398 -44.60 15.57 -5.55
N GLY E 399 -43.53 15.81 -4.80
CA GLY E 399 -43.15 14.93 -3.72
C GLY E 399 -43.33 15.51 -2.33
N VAL E 400 -42.32 15.28 -1.49
CA VAL E 400 -42.11 16.02 -0.25
C VAL E 400 -41.11 17.13 -0.58
N VAL E 401 -41.54 18.39 -0.44
CA VAL E 401 -40.86 19.53 -1.03
C VAL E 401 -40.49 20.58 0.01
N GLY E 402 -39.31 21.18 -0.17
CA GLY E 402 -38.82 22.24 0.67
C GLY E 402 -38.50 23.42 -0.22
N PRO E 403 -38.52 24.62 0.36
CA PRO E 403 -38.64 25.87 -0.43
C PRO E 403 -37.33 26.48 -0.93
N SER E 404 -36.20 25.85 -0.68
CA SER E 404 -34.96 26.26 -1.29
C SER E 404 -34.28 25.02 -1.82
N GLY E 405 -33.41 25.20 -2.81
CA GLY E 405 -32.47 24.14 -3.12
C GLY E 405 -31.42 23.94 -2.03
N ALA E 406 -31.04 25.03 -1.37
CA ALA E 406 -30.28 24.98 -0.12
C ALA E 406 -31.21 24.51 0.99
N SER E 407 -31.37 23.20 1.05
CA SER E 407 -32.05 22.60 2.18
C SER E 407 -31.41 21.23 2.44
N GLU E 408 -31.94 20.53 3.43
CA GLU E 408 -31.53 19.17 3.72
C GLU E 408 -32.74 18.24 3.74
N THR E 409 -33.77 18.61 2.99
CA THR E 409 -34.96 17.78 2.91
C THR E 409 -34.70 16.47 2.16
N SER E 410 -33.90 16.50 1.10
CA SER E 410 -33.58 15.21 0.47
C SER E 410 -32.61 14.39 1.32
N TYR E 411 -31.74 15.06 2.09
CA TYR E 411 -30.94 14.38 3.10
C TYR E 411 -31.80 13.51 3.99
N ARG E 412 -32.80 14.09 4.65
CA ARG E 412 -33.57 13.23 5.53
C ARG E 412 -34.33 12.18 4.77
N GLY E 413 -34.73 12.47 3.54
CA GLY E 413 -35.39 11.48 2.72
C GLY E 413 -34.53 10.26 2.51
N PHE E 414 -33.37 10.48 1.92
CA PHE E 414 -32.33 9.47 1.79
C PHE E 414 -32.18 8.64 3.07
N TYR E 415 -31.67 9.24 4.18
CA TYR E 415 -31.35 8.48 5.38
C TYR E 415 -32.58 7.91 6.08
N ARG E 416 -33.78 8.40 5.75
CA ARG E 416 -34.98 7.72 6.20
C ARG E 416 -35.10 6.38 5.49
N ALA E 417 -34.97 6.41 4.16
CA ALA E 417 -35.03 5.19 3.37
C ALA E 417 -33.84 4.29 3.68
N TYR E 418 -32.65 4.88 3.80
CA TYR E 418 -31.47 4.10 4.15
C TYR E 418 -31.70 3.31 5.42
N GLN E 419 -32.13 3.98 6.48
CA GLN E 419 -32.40 3.29 7.73
C GLN E 419 -33.50 2.24 7.56
N ALA E 420 -34.49 2.53 6.72
CA ALA E 420 -35.58 1.58 6.53
C ALA E 420 -35.08 0.30 5.88
N HIS E 421 -34.25 0.41 4.84
CA HIS E 421 -33.66 -0.77 4.22
C HIS E 421 -32.75 -1.49 5.20
N ILE E 422 -31.89 -0.73 5.90
CA ILE E 422 -30.84 -1.25 6.79
C ILE E 422 -31.35 -2.15 7.88
N SER E 423 -32.59 -1.97 8.32
CA SER E 423 -33.12 -2.70 9.45
C SER E 423 -34.15 -3.74 9.06
N SER E 424 -34.31 -3.98 7.76
CA SER E 424 -35.38 -4.80 7.24
C SER E 424 -34.82 -5.92 6.39
N SER E 425 -35.51 -7.04 6.41
CA SER E 425 -34.97 -8.27 5.85
C SER E 425 -35.30 -8.46 4.39
N ASN E 426 -36.23 -7.69 3.84
CA ASN E 426 -36.77 -7.91 2.50
C ASN E 426 -37.43 -6.61 2.02
N TRP E 427 -38.01 -6.65 0.81
CA TRP E 427 -38.83 -5.53 0.34
C TRP E 427 -40.14 -5.44 1.10
N ALA E 428 -40.68 -6.60 1.49
CA ALA E 428 -41.93 -6.65 2.25
C ALA E 428 -41.82 -5.81 3.51
N GLU E 429 -40.73 -5.98 4.26
CA GLU E 429 -40.58 -5.29 5.54
C GLU E 429 -40.29 -3.81 5.33
N PHE E 430 -39.52 -3.49 4.29
CA PHE E 430 -39.25 -2.09 4.00
C PHE E 430 -40.54 -1.31 3.79
N GLU E 431 -41.48 -1.85 3.01
CA GLU E 431 -42.76 -1.17 2.80
C GLU E 431 -43.50 -0.99 4.11
N ASN E 432 -43.39 -1.95 5.02
CA ASN E 432 -44.12 -1.83 6.27
C ASN E 432 -43.54 -0.75 7.19
N ALA E 433 -42.27 -0.37 7.01
CA ALA E 433 -41.70 0.73 7.76
C ALA E 433 -41.84 2.07 7.05
N SER E 434 -42.55 2.07 5.90
CA SER E 434 -42.64 3.24 5.03
C SER E 434 -44.07 3.61 4.64
N ARG E 435 -45.09 2.94 5.17
CA ARG E 435 -46.47 3.32 4.87
C ARG E 435 -46.72 4.81 5.12
N ASN E 436 -46.12 5.36 6.19
CA ASN E 436 -46.36 6.74 6.63
C ASN E 436 -45.19 7.66 6.30
N TRP E 437 -44.61 7.51 5.12
CA TRP E 437 -43.31 8.12 4.85
C TRP E 437 -43.39 9.64 4.71
N HIS E 438 -44.46 10.16 4.08
CA HIS E 438 -44.58 11.61 3.95
C HIS E 438 -44.92 12.28 5.29
N THR E 439 -45.73 11.60 6.09
CA THR E 439 -46.10 12.11 7.41
C THR E 439 -44.89 12.16 8.33
N GLU E 440 -44.08 11.11 8.30
CA GLU E 440 -42.91 11.07 9.16
C GLU E 440 -42.03 12.28 8.91
N LEU E 441 -41.84 12.63 7.62
CA LEU E 441 -40.90 13.68 7.23
C LEU E 441 -41.46 15.10 7.35
N THR E 442 -42.75 15.29 7.66
CA THR E 442 -43.28 16.65 7.90
C THR E 442 -43.72 16.82 9.36
N LYS E 443 -44.29 15.79 9.89
CA LYS E 443 -44.36 15.77 11.30
C LYS E 443 -45.04 16.79 12.07
N THR E 444 -44.22 17.49 12.83
CA THR E 444 -44.70 18.46 13.82
C THR E 444 -45.34 19.66 13.15
N THR E 445 -45.15 19.80 11.85
CA THR E 445 -45.54 20.98 11.09
C THR E 445 -46.78 20.69 10.20
N MET F 2 13.96 -0.17 -37.08
CA MET F 2 12.71 0.01 -37.82
C MET F 2 11.70 -1.12 -37.57
N ILE F 3 10.43 -0.77 -37.35
CA ILE F 3 9.43 -1.69 -36.82
C ILE F 3 8.49 -2.15 -37.94
N ASN F 4 8.34 -3.47 -38.07
CA ASN F 4 7.37 -4.09 -38.97
C ASN F 4 6.14 -4.48 -38.16
N THR F 5 5.01 -3.82 -38.41
CA THR F 5 3.84 -4.11 -37.58
C THR F 5 3.18 -5.45 -37.91
N GLN F 6 3.48 -6.02 -39.08
CA GLN F 6 2.92 -7.33 -39.42
C GLN F 6 3.56 -8.46 -38.60
N GLU F 7 4.88 -8.38 -38.36
CA GLU F 7 5.53 -9.31 -37.44
C GLU F 7 5.31 -8.93 -35.97
N ASP F 8 5.56 -7.67 -35.62
CA ASP F 8 5.60 -7.25 -34.21
C ASP F 8 4.17 -7.01 -33.75
N LYS F 9 3.53 -8.12 -33.34
CA LYS F 9 2.07 -8.20 -33.26
C LYS F 9 1.47 -7.25 -32.23
N LEU F 10 2.24 -6.84 -31.22
CA LEU F 10 1.67 -6.05 -30.14
C LEU F 10 1.81 -4.54 -30.32
N VAL F 11 2.45 -4.06 -31.39
CA VAL F 11 2.75 -2.64 -31.55
C VAL F 11 1.56 -1.91 -32.17
N SER F 12 1.20 -0.76 -31.57
CA SER F 12 0.21 0.16 -32.12
C SER F 12 0.72 0.86 -33.37
N ALA F 13 -0.21 1.15 -34.28
CA ALA F 13 0.11 2.01 -35.41
C ALA F 13 0.65 3.34 -34.94
N HIS F 14 0.01 3.94 -33.94
CA HIS F 14 0.52 5.18 -33.39
C HIS F 14 1.89 4.97 -32.76
N ASP F 15 2.00 4.00 -31.84
CA ASP F 15 3.27 3.84 -31.12
C ASP F 15 4.45 3.70 -32.09
N ALA F 16 4.19 3.05 -33.25
CA ALA F 16 5.21 2.79 -34.26
C ALA F 16 5.56 4.03 -35.08
N GLU F 17 4.55 4.78 -35.48
CA GLU F 17 4.78 5.98 -36.26
C GLU F 17 5.63 6.98 -35.47
N GLU F 18 5.40 7.05 -34.14
CA GLU F 18 6.20 7.91 -33.27
C GLU F 18 7.62 7.39 -33.11
N PHE F 19 7.79 6.08 -32.86
CA PHE F 19 9.14 5.55 -32.71
C PHE F 19 10.00 5.87 -33.93
N HIS F 20 9.40 5.98 -35.10
CA HIS F 20 10.26 6.17 -36.25
C HIS F 20 10.73 7.61 -36.39
N ARG F 21 10.25 8.53 -35.53
CA ARG F 21 10.74 9.90 -35.60
C ARG F 21 12.13 10.05 -35.05
N PHE F 22 12.51 9.23 -34.08
CA PHE F 22 13.64 9.47 -33.18
C PHE F 22 14.82 8.55 -33.45
N TYR F 23 15.94 8.90 -32.83
CA TYR F 23 17.15 8.09 -32.81
C TYR F 23 17.74 7.93 -34.21
N ILE F 24 17.60 8.92 -35.09
CA ILE F 24 18.14 8.84 -36.44
C ILE F 24 19.27 9.83 -36.71
N VAL F 25 19.19 11.07 -36.21
CA VAL F 25 19.97 12.16 -36.80
C VAL F 25 21.20 12.53 -35.95
N GLN F 26 21.06 12.34 -34.65
CA GLN F 26 22.12 12.44 -33.64
C GLN F 26 22.63 13.89 -33.55
N ASP F 27 21.77 14.68 -32.94
CA ASP F 27 21.90 16.12 -32.78
C ASP F 27 22.07 16.40 -31.31
N ASP F 28 23.31 16.69 -30.89
CA ASP F 28 23.59 16.90 -29.47
C ASP F 28 23.10 18.26 -29.02
N ALA F 29 23.28 19.26 -29.88
CA ALA F 29 22.73 20.59 -29.64
C ALA F 29 21.26 20.52 -29.27
N LEU F 30 20.46 19.92 -30.15
CA LEU F 30 19.01 19.84 -29.95
C LEU F 30 18.65 19.16 -28.63
N LEU F 31 19.45 18.17 -28.23
CA LEU F 31 19.19 17.46 -26.98
C LEU F 31 19.43 18.36 -25.79
N GLN F 32 20.54 19.13 -25.80
CA GLN F 32 20.76 20.07 -24.71
C GLN F 32 19.69 21.13 -24.65
N GLU F 33 19.14 21.55 -25.80
CA GLU F 33 18.02 22.48 -25.78
C GLU F 33 16.82 21.89 -25.05
N VAL F 34 16.38 20.71 -25.47
CA VAL F 34 15.11 20.17 -24.98
C VAL F 34 15.22 19.80 -23.51
N ASN F 35 16.41 19.40 -23.06
CA ASN F 35 16.64 19.14 -21.64
C ASN F 35 16.46 20.41 -20.81
N THR F 36 17.09 21.50 -21.22
CA THR F 36 16.83 22.76 -20.54
C THR F 36 15.33 23.05 -20.52
N LEU F 37 14.66 22.87 -21.65
CA LEU F 37 13.22 23.18 -21.74
C LEU F 37 12.41 22.37 -20.73
N LEU F 38 12.50 21.04 -20.82
CA LEU F 38 11.68 20.19 -19.99
C LEU F 38 12.02 20.38 -18.52
N THR F 39 13.30 20.61 -18.22
CA THR F 39 13.68 20.81 -16.82
C THR F 39 13.12 22.12 -16.30
N ARG F 40 13.38 23.23 -17.01
CA ARG F 40 12.81 24.50 -16.59
C ARG F 40 11.30 24.39 -16.39
N GLU F 41 10.60 23.72 -17.31
CA GLU F 41 9.17 23.57 -17.17
C GLU F 41 8.83 22.80 -15.90
N ALA F 42 9.56 21.71 -15.63
CA ALA F 42 9.25 20.87 -14.48
C ALA F 42 9.64 21.55 -13.19
N HIS F 43 10.69 22.36 -13.24
CA HIS F 43 11.07 23.19 -12.12
C HIS F 43 9.96 24.19 -11.79
N LEU F 44 9.40 24.85 -12.82
CA LEU F 44 8.39 25.88 -12.58
C LEU F 44 7.13 25.28 -11.97
N LEU F 45 6.73 24.08 -12.41
CA LEU F 45 5.55 23.45 -11.86
C LEU F 45 5.78 22.93 -10.44
N ASP F 46 7.02 22.68 -10.08
CA ASP F 46 7.30 22.12 -8.77
C ASP F 46 7.17 23.19 -7.70
N ILE F 47 7.70 24.38 -7.95
CA ILE F 47 7.61 25.49 -7.01
C ILE F 47 6.27 26.22 -7.13
N GLN F 48 5.36 25.67 -7.95
CA GLN F 48 3.99 26.16 -8.13
C GLN F 48 3.94 27.52 -8.80
N ALA F 49 4.94 27.83 -9.64
CA ALA F 49 4.98 29.06 -10.43
C ALA F 49 4.09 28.94 -11.68
N TYR F 50 2.82 28.68 -11.42
CA TYR F 50 1.91 28.34 -12.51
C TYR F 50 1.79 29.46 -13.54
N LYS F 51 1.71 30.72 -13.10
CA LYS F 51 1.62 31.85 -14.03
C LYS F 51 2.78 31.84 -15.02
N ALA F 52 4.01 31.71 -14.53
CA ALA F 52 5.14 31.77 -15.43
C ALA F 52 5.12 30.61 -16.40
N TRP F 53 4.77 29.42 -15.90
CA TRP F 53 4.64 28.27 -16.78
C TRP F 53 3.71 28.59 -17.94
N LEU F 54 2.54 29.17 -17.64
CA LEU F 54 1.56 29.39 -18.69
C LEU F 54 2.02 30.47 -19.65
N GLU F 55 2.68 31.51 -19.14
CA GLU F 55 3.06 32.63 -19.98
C GLU F 55 4.28 32.30 -20.82
N HIS F 56 5.31 31.71 -20.22
CA HIS F 56 6.57 31.49 -20.93
C HIS F 56 6.62 30.14 -21.61
N CYS F 57 6.05 29.11 -20.99
CA CYS F 57 6.19 27.77 -21.57
C CYS F 57 5.06 27.40 -22.50
N VAL F 58 3.85 27.82 -22.19
CA VAL F 58 2.69 27.35 -22.96
C VAL F 58 2.45 28.33 -24.09
N ALA F 59 2.54 27.82 -25.33
CA ALA F 59 2.20 28.60 -26.51
C ALA F 59 0.69 28.84 -26.52
N PRO F 60 0.24 29.91 -27.16
CA PRO F 60 -1.19 30.23 -27.06
C PRO F 60 -2.08 29.22 -27.78
N GLU F 61 -1.63 28.64 -28.91
CA GLU F 61 -2.41 27.64 -29.64
C GLU F 61 -2.42 26.26 -28.98
N ILE F 62 -2.19 26.16 -27.68
CA ILE F 62 -1.86 24.90 -27.02
C ILE F 62 -3.06 23.96 -27.04
N LYS F 63 -2.77 22.68 -27.28
CA LYS F 63 -3.66 21.55 -26.97
C LYS F 63 -3.00 20.73 -25.88
N TYR F 64 -3.72 20.53 -24.76
CA TYR F 64 -3.17 19.89 -23.57
C TYR F 64 -4.10 18.73 -23.25
N GLN F 65 -3.70 17.51 -23.60
CA GLN F 65 -4.63 16.39 -23.62
C GLN F 65 -4.10 15.23 -22.78
N VAL F 66 -4.94 14.74 -21.88
CA VAL F 66 -4.65 13.56 -21.06
C VAL F 66 -5.85 12.65 -21.15
N ILE F 67 -5.69 11.48 -21.76
CA ILE F 67 -6.79 10.57 -22.03
C ILE F 67 -6.72 9.33 -21.16
N SER F 68 -7.88 8.73 -20.97
CA SER F 68 -8.05 7.48 -20.24
C SER F 68 -8.70 6.52 -21.23
N ARG F 69 -7.95 5.51 -21.70
CA ARG F 69 -8.45 4.64 -22.74
C ARG F 69 -9.27 3.50 -22.14
N GLU F 70 -10.35 3.14 -22.82
CA GLU F 70 -11.21 2.05 -22.35
C GLU F 70 -10.60 0.72 -22.72
N LEU F 71 -10.79 -0.26 -21.84
CA LEU F 71 -10.12 -1.54 -22.00
C LEU F 71 -10.95 -2.43 -22.91
N ARG F 72 -10.48 -2.62 -24.14
CA ARG F 72 -11.15 -3.49 -25.11
C ARG F 72 -10.42 -4.84 -25.20
N SER F 73 -11.08 -5.81 -25.81
CA SER F 73 -10.35 -7.04 -26.08
C SER F 73 -9.30 -6.78 -27.16
N THR F 74 -8.20 -7.53 -27.09
CA THR F 74 -7.15 -7.30 -28.08
C THR F 74 -7.57 -7.78 -29.44
N SER F 75 -8.63 -8.59 -29.51
CA SER F 75 -9.19 -9.15 -30.71
C SER F 75 -10.44 -8.41 -31.22
N GLU F 76 -10.73 -7.22 -30.68
CA GLU F 76 -11.98 -6.54 -31.00
C GLU F 76 -11.97 -5.98 -32.42
N ARG F 77 -13.03 -6.27 -33.17
CA ARG F 77 -13.10 -5.88 -34.57
C ARG F 77 -14.46 -5.29 -34.97
N ARG F 78 -15.42 -5.20 -34.05
CA ARG F 78 -16.76 -4.74 -34.39
C ARG F 78 -17.22 -3.55 -33.57
N TYR F 79 -16.76 -3.44 -32.32
CA TYR F 79 -17.20 -2.40 -31.40
C TYR F 79 -16.46 -1.11 -31.72
N GLN F 80 -17.22 -0.08 -32.09
CA GLN F 80 -16.65 1.13 -32.65
C GLN F 80 -16.97 2.41 -31.88
N LEU F 81 -17.73 2.34 -30.79
CA LEU F 81 -17.94 3.50 -29.97
C LEU F 81 -16.61 4.08 -29.47
N ASN F 82 -16.68 5.27 -28.86
CA ASN F 82 -15.48 6.06 -28.61
C ASN F 82 -14.51 5.34 -27.69
N ASP F 83 -13.22 5.56 -27.99
CA ASP F 83 -12.08 4.85 -27.44
C ASP F 83 -11.67 5.33 -26.05
N ALA F 84 -11.89 6.61 -25.77
CA ALA F 84 -11.09 7.31 -24.78
C ALA F 84 -11.83 8.55 -24.29
N VAL F 85 -11.74 8.79 -22.97
CA VAL F 85 -12.21 10.00 -22.31
C VAL F 85 -11.10 11.04 -22.31
N ASN F 86 -11.49 12.30 -22.29
CA ASN F 86 -10.54 13.40 -22.17
C ASN F 86 -10.55 13.85 -20.71
N ILE F 87 -9.62 13.30 -19.91
CA ILE F 87 -9.41 13.80 -18.56
C ILE F 87 -9.04 15.27 -18.62
N TYR F 88 -8.15 15.61 -19.57
CA TYR F 88 -7.68 16.95 -19.88
C TYR F 88 -7.72 17.12 -21.39
N ASN F 89 -8.31 18.22 -21.87
CA ASN F 89 -8.28 18.56 -23.29
C ASN F 89 -8.46 20.06 -23.44
N GLU F 90 -7.42 20.80 -23.05
CA GLU F 90 -7.51 22.22 -22.80
C GLU F 90 -6.84 23.04 -23.89
N ASN F 91 -7.51 24.13 -24.27
CA ASN F 91 -6.88 25.27 -24.93
C ASN F 91 -6.41 26.28 -23.86
N TYR F 92 -5.66 27.28 -24.32
CA TYR F 92 -5.05 28.26 -23.41
C TYR F 92 -6.08 28.84 -22.42
N GLN F 93 -7.27 29.20 -22.89
CA GLN F 93 -8.24 29.81 -21.97
C GLN F 93 -8.63 28.85 -20.86
N GLN F 94 -8.86 27.58 -21.20
CA GLN F 94 -9.19 26.59 -20.19
C GLN F 94 -8.03 26.36 -19.21
N LEU F 95 -6.79 26.31 -19.72
CA LEU F 95 -5.64 26.25 -18.83
C LEU F 95 -5.59 27.46 -17.93
N LYS F 96 -5.82 28.65 -18.50
CA LYS F 96 -5.78 29.88 -17.72
C LYS F 96 -6.73 29.81 -16.53
N VAL F 97 -7.98 29.38 -16.77
CA VAL F 97 -8.91 29.18 -15.66
C VAL F 97 -8.30 28.25 -14.61
N ARG F 98 -7.63 27.19 -15.04
CA ARG F 98 -7.07 26.23 -14.09
C ARG F 98 -6.00 26.88 -13.24
N VAL F 99 -5.06 27.56 -13.89
CA VAL F 99 -4.01 28.28 -13.19
C VAL F 99 -4.61 29.26 -12.20
N GLU F 100 -5.59 30.05 -12.67
CA GLU F 100 -6.22 31.05 -11.82
C GLU F 100 -6.94 30.39 -10.65
N HIS F 101 -7.45 29.18 -10.86
CA HIS F 101 -8.08 28.44 -9.77
C HIS F 101 -7.08 28.12 -8.67
N GLN F 102 -5.85 27.76 -9.04
CA GLN F 102 -4.87 27.31 -8.05
C GLN F 102 -4.45 28.45 -7.14
N MET F 103 -4.18 29.60 -7.74
CA MET F 103 -3.72 30.78 -7.05
C MET F 103 -4.80 31.50 -6.26
N ASP F 104 -6.04 31.07 -6.35
CA ASP F 104 -7.08 31.85 -5.71
C ASP F 104 -7.05 31.61 -4.19
N PRO F 105 -7.06 32.68 -3.39
CA PRO F 105 -6.86 32.54 -1.93
C PRO F 105 -7.88 31.69 -1.20
N GLN F 106 -9.01 31.30 -1.79
CA GLN F 106 -9.97 30.48 -1.08
C GLN F 106 -9.98 29.05 -1.58
N ASN F 107 -8.91 28.64 -2.26
CA ASN F 107 -8.73 27.27 -2.75
C ASN F 107 -8.36 26.38 -1.59
N TRP F 108 -9.38 25.97 -0.85
CA TRP F 108 -9.17 25.23 0.40
C TRP F 108 -8.16 24.11 0.31
N PRO F 109 -8.17 23.22 -0.68
CA PRO F 109 -7.19 22.12 -0.67
C PRO F 109 -5.73 22.54 -0.66
N ASN F 110 -5.39 23.78 -1.02
CA ASN F 110 -3.99 24.22 -1.05
C ASN F 110 -3.51 24.90 0.26
N SER F 111 -4.28 24.81 1.34
CA SER F 111 -3.80 25.24 2.65
C SER F 111 -3.74 24.00 3.52
N PRO F 112 -2.57 23.58 4.05
CA PRO F 112 -1.19 24.07 3.92
C PRO F 112 -0.63 23.84 2.53
N LYS F 113 0.42 24.57 2.14
CA LYS F 113 0.96 24.47 0.77
C LYS F 113 1.28 23.02 0.40
N ILE F 114 0.93 22.64 -0.81
CA ILE F 114 1.13 21.29 -1.31
C ILE F 114 2.58 21.20 -1.81
N ARG F 115 3.18 20.01 -1.67
CA ARG F 115 4.55 19.75 -2.13
C ARG F 115 4.52 18.89 -3.38
N PHE F 116 5.06 19.41 -4.48
CA PHE F 116 5.19 18.71 -5.75
C PHE F 116 6.66 18.51 -6.07
N THR F 117 7.04 17.29 -6.39
CA THR F 117 8.39 17.05 -6.89
C THR F 117 8.29 16.07 -8.04
N ARG F 118 8.94 16.40 -9.15
CA ARG F 118 8.73 15.62 -10.35
C ARG F 118 10.05 15.25 -11.03
N PHE F 119 10.08 14.03 -11.58
CA PHE F 119 11.28 13.41 -12.13
C PHE F 119 11.09 13.18 -13.61
N VAL F 120 11.99 13.72 -14.43
CA VAL F 120 11.86 13.69 -15.88
C VAL F 120 13.05 12.94 -16.46
N THR F 121 12.76 11.89 -17.24
CA THR F 121 13.76 10.97 -17.80
C THR F 121 13.39 10.59 -19.22
N ASN F 122 14.31 9.87 -19.88
CA ASN F 122 14.06 9.28 -21.20
C ASN F 122 13.77 10.33 -22.27
N VAL F 123 14.44 11.48 -22.25
CA VAL F 123 14.11 12.54 -23.20
C VAL F 123 14.83 12.29 -24.52
N THR F 124 14.08 12.42 -25.61
CA THR F 124 14.62 12.42 -26.96
C THR F 124 13.82 13.42 -27.77
N ALA F 125 14.41 13.91 -28.87
CA ALA F 125 13.73 14.89 -29.68
C ALA F 125 14.15 14.74 -31.15
N ALA F 126 13.26 15.22 -32.04
CA ALA F 126 13.50 15.26 -33.48
C ALA F 126 12.78 16.47 -34.10
N LYS F 127 13.45 17.07 -35.09
CA LYS F 127 12.89 18.15 -35.89
C LYS F 127 11.81 17.61 -36.83
N ASP F 128 10.67 18.30 -36.91
CA ASP F 128 9.69 17.92 -37.91
C ASP F 128 10.25 18.20 -39.30
N LYS F 129 10.01 17.26 -40.21
CA LYS F 129 10.65 17.34 -41.52
C LYS F 129 10.00 18.41 -42.39
N SER F 130 8.68 18.61 -42.30
CA SER F 130 8.04 19.64 -43.11
C SER F 130 8.30 21.04 -42.56
N ALA F 131 7.83 21.33 -41.34
CA ALA F 131 7.99 22.65 -40.74
C ALA F 131 9.10 22.61 -39.70
N PRO F 132 10.33 23.04 -40.03
CA PRO F 132 11.47 22.72 -39.16
C PRO F 132 11.47 23.48 -37.85
N GLU F 133 10.74 24.60 -37.74
CA GLU F 133 10.57 25.29 -36.46
C GLU F 133 9.94 24.40 -35.40
N MET F 134 9.28 23.34 -35.80
CA MET F 134 8.56 22.48 -34.88
C MET F 134 9.49 21.41 -34.32
N LEU F 135 9.22 21.01 -33.08
CA LEU F 135 10.08 20.06 -32.39
C LEU F 135 9.21 18.98 -31.74
N HIS F 136 9.41 17.72 -32.13
CA HIS F 136 8.80 16.59 -31.44
C HIS F 136 9.69 16.19 -30.27
N VAL F 137 9.10 16.05 -29.08
CA VAL F 137 9.90 15.70 -27.90
C VAL F 137 9.12 14.73 -27.04
N ARG F 138 9.78 13.67 -26.62
CA ARG F 138 9.20 12.60 -25.85
C ARG F 138 9.93 12.55 -24.51
N SER F 139 9.17 12.38 -23.43
CA SER F 139 9.78 12.37 -22.11
C SER F 139 8.90 11.59 -21.17
N ASN F 140 9.51 10.95 -20.18
CA ASN F 140 8.80 10.22 -19.16
C ASN F 140 8.85 11.01 -17.84
N LEU F 141 7.83 10.79 -17.00
CA LEU F 141 7.64 11.64 -15.83
C LEU F 141 7.06 10.85 -14.67
N ILE F 142 7.72 10.90 -13.55
CA ILE F 142 7.16 10.51 -12.26
C ILE F 142 6.84 11.80 -11.52
N LEU F 143 5.66 11.84 -10.89
CA LEU F 143 5.23 13.02 -10.16
C LEU F 143 4.86 12.62 -8.74
N HIS F 144 5.49 13.24 -7.77
CA HIS F 144 5.25 12.94 -6.39
C HIS F 144 4.51 14.11 -5.77
N ARG F 145 3.38 13.82 -5.12
CA ARG F 145 2.44 14.83 -4.62
C ARG F 145 2.07 14.47 -3.18
N ALA F 146 2.59 15.24 -2.22
CA ALA F 146 2.35 15.00 -0.81
C ALA F 146 1.77 16.24 -0.17
N ARG F 147 0.86 16.02 0.78
CA ARG F 147 0.10 17.07 1.41
C ARG F 147 -0.54 16.55 2.69
N ARG F 148 -0.69 17.43 3.67
CA ARG F 148 -1.38 17.12 4.93
C ARG F 148 -0.73 15.93 5.65
N GLY F 149 0.60 15.88 5.59
CA GLY F 149 1.32 14.93 6.40
C GLY F 149 1.48 13.55 5.79
N ASN F 150 0.43 12.72 5.90
CA ASN F 150 0.50 11.33 5.46
C ASN F 150 -0.32 11.04 4.21
N GLU F 151 -0.63 12.02 3.36
CA GLU F 151 -1.25 11.73 2.07
C GLU F 151 -0.16 11.82 1.00
N VAL F 152 -0.03 10.78 0.16
CA VAL F 152 0.94 10.76 -0.93
C VAL F 152 0.32 10.07 -2.12
N ASP F 153 0.66 10.55 -3.31
CA ASP F 153 0.19 10.00 -4.57
C ASP F 153 1.32 10.12 -5.57
N VAL F 154 1.58 9.06 -6.33
CA VAL F 154 2.63 9.03 -7.33
C VAL F 154 2.00 8.69 -8.67
N PHE F 155 2.40 9.43 -9.69
CA PHE F 155 1.88 9.32 -11.04
C PHE F 155 3.03 8.99 -11.98
N TYR F 156 2.69 8.20 -13.00
CA TYR F 156 3.65 7.76 -13.98
C TYR F 156 3.03 8.03 -15.35
N ALA F 157 3.81 8.61 -16.27
CA ALA F 157 3.24 9.01 -17.53
C ALA F 157 4.33 9.25 -18.56
N THR F 158 3.98 8.94 -19.82
CA THR F 158 4.80 9.31 -20.96
C THR F 158 4.08 10.45 -21.67
N ARG F 159 4.84 11.48 -22.07
CA ARG F 159 4.24 12.66 -22.69
C ARG F 159 4.88 12.87 -24.06
N GLU F 160 4.02 12.84 -25.10
CA GLU F 160 4.37 13.14 -26.48
C GLU F 160 4.04 14.59 -26.72
N ASP F 161 5.07 15.37 -27.03
CA ASP F 161 5.05 16.81 -26.98
C ASP F 161 5.40 17.36 -28.35
N LYS F 162 4.74 18.49 -28.66
CA LYS F 162 5.09 19.35 -29.77
C LYS F 162 5.50 20.69 -29.19
N TRP F 163 6.67 21.17 -29.58
CA TRP F 163 7.18 22.45 -29.13
C TRP F 163 7.59 23.22 -30.38
N LYS F 164 7.34 24.54 -30.37
CA LYS F 164 7.66 25.39 -31.51
C LYS F 164 8.53 26.56 -31.05
N ARG F 165 9.45 26.95 -31.94
CA ARG F 165 10.37 28.05 -31.71
C ARG F 165 9.64 29.38 -31.86
N ILE F 166 9.85 30.26 -30.89
CA ILE F 166 9.12 31.51 -30.81
C ILE F 166 10.07 32.62 -31.28
N GLU F 167 9.50 33.76 -31.73
CA GLU F 167 10.35 34.76 -32.39
C GLU F 167 11.37 35.33 -31.41
N GLY F 168 11.03 35.40 -30.12
CA GLY F 168 11.93 36.02 -29.16
C GLY F 168 13.15 35.19 -28.78
N GLY F 169 13.33 34.05 -29.44
CA GLY F 169 14.35 33.09 -29.05
C GLY F 169 13.86 32.01 -28.12
N GLY F 170 12.63 32.12 -27.63
CA GLY F 170 12.04 31.10 -26.79
C GLY F 170 11.54 29.92 -27.57
N ILE F 171 11.02 28.95 -26.81
CA ILE F 171 10.38 27.76 -27.35
C ILE F 171 9.20 27.47 -26.46
N GLN F 172 8.03 27.22 -27.04
CA GLN F 172 6.85 26.99 -26.22
C GLN F 172 6.12 25.72 -26.65
N LEU F 173 5.29 25.23 -25.74
CA LEU F 173 4.61 23.96 -25.90
C LEU F 173 3.35 24.16 -26.72
N VAL F 174 3.20 23.36 -27.78
CA VAL F 174 2.04 23.45 -28.66
C VAL F 174 1.05 22.33 -28.40
N GLU F 175 1.55 21.13 -28.14
CA GLU F 175 0.71 19.95 -28.00
C GLU F 175 1.35 19.02 -26.99
N ARG F 176 0.53 18.52 -26.06
CA ARG F 176 0.89 17.49 -25.11
C ARG F 176 -0.18 16.46 -25.20
N PHE F 177 0.23 15.25 -25.51
CA PHE F 177 -0.66 14.11 -25.49
C PHE F 177 -0.08 13.13 -24.46
N VAL F 178 -0.90 12.74 -23.49
CA VAL F 178 -0.53 11.76 -22.47
C VAL F 178 -1.61 10.69 -22.44
N ASP F 179 -1.22 9.43 -22.66
CA ASP F 179 -2.14 8.30 -22.58
C ASP F 179 -1.98 7.67 -21.20
N TYR F 180 -2.80 8.13 -20.23
CA TYR F 180 -2.44 7.85 -18.84
C TYR F 180 -2.63 6.37 -18.60
N PRO F 181 -1.58 5.67 -18.13
CA PRO F 181 -1.54 4.20 -18.26
C PRO F 181 -2.37 3.41 -17.27
N GLU F 182 -2.85 4.00 -16.19
CA GLU F 182 -3.76 3.29 -15.31
C GLU F 182 -5.19 3.62 -15.71
N ARG F 183 -6.04 2.60 -15.79
CA ARG F 183 -7.39 2.91 -16.29
C ARG F 183 -8.23 3.50 -15.17
N ILE F 184 -8.19 2.91 -13.99
CA ILE F 184 -8.79 3.58 -12.83
C ILE F 184 -7.69 4.40 -12.19
N LEU F 185 -7.84 5.72 -12.21
CA LEU F 185 -6.76 6.53 -11.70
C LEU F 185 -6.71 6.40 -10.18
N PRO F 186 -5.52 6.36 -9.60
CA PRO F 186 -5.41 5.99 -8.19
C PRO F 186 -5.84 7.10 -7.27
N HIS F 187 -5.78 8.35 -7.72
CA HIS F 187 -6.35 9.48 -6.99
C HIS F 187 -6.63 10.55 -8.04
N ASN F 188 -7.32 11.61 -7.63
CA ASN F 188 -7.79 12.66 -8.54
C ASN F 188 -6.64 13.49 -9.09
N LEU F 189 -6.48 13.47 -10.41
CA LEU F 189 -5.29 13.99 -11.10
C LEU F 189 -5.38 15.50 -11.38
N LEU F 190 -5.50 16.29 -10.31
CA LEU F 190 -5.51 17.74 -10.48
C LEU F 190 -4.09 18.30 -10.50
N VAL F 191 -3.28 17.81 -11.43
CA VAL F 191 -1.90 18.25 -11.55
C VAL F 191 -1.53 18.24 -13.03
N PHE F 192 -0.56 19.07 -13.42
CA PHE F 192 -0.14 19.21 -14.82
C PHE F 192 1.00 18.25 -15.16
N LEU F 193 0.79 17.42 -16.19
CA LEU F 193 1.77 16.36 -16.56
C LEU F 193 2.72 16.71 -17.71
FE FE G . 17.55 2.09 22.73
FE1 FES H . -21.22 21.69 7.21
FE2 FES H . -18.73 21.84 8.71
S1 FES H . -19.76 23.25 7.41
S2 FES H . -19.90 20.17 7.97
FE FE I . -0.60 -24.32 -15.24
FE1 FES J . 15.41 -9.77 25.23
FE2 FES J . 15.69 -11.64 23.00
S1 FES J . 17.15 -10.51 24.15
S2 FES J . 14.14 -10.21 23.53
FE FE K . -19.63 20.73 -5.01
FE1 FES L . -13.14 -23.86 -15.38
FE2 FES L . -14.13 -21.28 -16.18
S1 FES L . -12.76 -22.68 -17.17
S2 FES L . -13.28 -22.00 -14.29
#